data_2OP8
# 
_entry.id   2OP8 
# 
_audit_conform.dict_name       mmcif_pdbx.dic 
_audit_conform.dict_version    5.377 
_audit_conform.dict_location   http://mmcif.pdb.org/dictionaries/ascii/mmcif_pdbx.dic 
# 
loop_
_database_2.database_id 
_database_2.database_code 
_database_2.pdbx_database_accession 
_database_2.pdbx_DOI 
PDB   2OP8         pdb_00002op8 10.2210/pdb2op8/pdb 
RCSB  RCSB041416   ?            ?                   
WWPDB D_1000041416 ?            ?                   
# 
_pdbx_database_related.db_name        PDB 
_pdbx_database_related.db_id          2OPA 
_pdbx_database_related.details        . 
_pdbx_database_related.content_type   unspecified 
# 
_pdbx_database_status.status_code                     REL 
_pdbx_database_status.entry_id                        2OP8 
_pdbx_database_status.recvd_initial_deposition_date   2007-01-27 
_pdbx_database_status.deposit_site                    RCSB 
_pdbx_database_status.process_site                    RCSB 
_pdbx_database_status.status_code_sf                  REL 
_pdbx_database_status.status_code_mr                  ? 
_pdbx_database_status.SG_entry                        ? 
_pdbx_database_status.pdb_format_compatible           Y 
_pdbx_database_status.status_code_cs                  ? 
_pdbx_database_status.methods_development_category    ? 
_pdbx_database_status.status_code_nmr_data            ? 
# 
loop_
_audit_author.name 
_audit_author.pdbx_ordinal 
'Hackert, M.L.' 1 
'Whitman, C.P.' 2 
'Almrud, J.J.'  3 
# 
_citation.id                        primary 
_citation.title                     
;The Crystal Structure of YwhB, a 4-Oxalocrotonate Tautomerase Homologue from Bacillus subtilis: The Structural Basis for Catalysis, Inhibition, and Reaction Stereoselectivity
;
_citation.journal_abbrev            'TO BE PUBLISHED' 
_citation.journal_volume            ? 
_citation.page_first                ? 
_citation.page_last                 ? 
_citation.year                      ? 
_citation.journal_id_ASTM           ? 
_citation.country                   ? 
_citation.journal_id_ISSN           ? 
_citation.journal_id_CSD            0353 
_citation.book_publisher            ? 
_citation.pdbx_database_id_PubMed   ? 
_citation.pdbx_database_id_DOI      ? 
# 
loop_
_citation_author.citation_id 
_citation_author.name 
_citation_author.ordinal 
_citation_author.identifier_ORCID 
primary 'Hackert, M.L.' 1 ? 
primary 'Whitman, C.P.' 2 ? 
primary 'Almrud, J.J.'  3 ? 
primary 'Dasgupta, R.'  4 ? 
primary 'Wang, S.C.'    5 ? 
primary 'Johnson, W.H.' 6 ? 
# 
_cell.entry_id           2OP8 
_cell.length_a           141.800 
_cell.length_b           141.800 
_cell.length_c           141.800 
_cell.angle_alpha        90.00 
_cell.angle_beta         90.00 
_cell.angle_gamma        90.00 
_cell.Z_PDB              96 
_cell.pdbx_unique_axis   ? 
_cell.length_a_esd       ? 
_cell.length_b_esd       ? 
_cell.length_c_esd       ? 
_cell.angle_alpha_esd    ? 
_cell.angle_beta_esd     ? 
_cell.angle_gamma_esd    ? 
# 
_symmetry.entry_id                         2OP8 
_symmetry.space_group_name_H-M             'I 4 3 2' 
_symmetry.pdbx_full_space_group_name_H-M   ? 
_symmetry.cell_setting                     ? 
_symmetry.Int_Tables_number                211 
_symmetry.space_group_name_Hall            ? 
# 
loop_
_entity.id 
_entity.type 
_entity.src_method 
_entity.pdbx_description 
_entity.formula_weight 
_entity.pdbx_number_of_molecules 
_entity.pdbx_ec 
_entity.pdbx_mutation 
_entity.pdbx_fragment 
_entity.details 
1 polymer man 'Probable tautomerase ywhB' 7026.026 2  5.3.2.- ? ? ? 
2 water   nat water                       18.015   48 ?       ? ? ? 
# 
_entity_poly.entity_id                      1 
_entity_poly.type                           'polypeptide(L)' 
_entity_poly.nstd_linkage                   no 
_entity_poly.nstd_monomer                   no 
_entity_poly.pdbx_seq_one_letter_code       PYVTVKMLEGRTDEQKRNLVEKVTEAVKETTGASEEKIVVFIEEMRKDHYAVAGKRLSDME 
_entity_poly.pdbx_seq_one_letter_code_can   PYVTVKMLEGRTDEQKRNLVEKVTEAVKETTGASEEKIVVFIEEMRKDHYAVAGKRLSDME 
_entity_poly.pdbx_strand_id                 A,B 
_entity_poly.pdbx_target_identifier         ? 
# 
loop_
_entity_poly_seq.entity_id 
_entity_poly_seq.num 
_entity_poly_seq.mon_id 
_entity_poly_seq.hetero 
1 1  PRO n 
1 2  TYR n 
1 3  VAL n 
1 4  THR n 
1 5  VAL n 
1 6  LYS n 
1 7  MET n 
1 8  LEU n 
1 9  GLU n 
1 10 GLY n 
1 11 ARG n 
1 12 THR n 
1 13 ASP n 
1 14 GLU n 
1 15 GLN n 
1 16 LYS n 
1 17 ARG n 
1 18 ASN n 
1 19 LEU n 
1 20 VAL n 
1 21 GLU n 
1 22 LYS n 
1 23 VAL n 
1 24 THR n 
1 25 GLU n 
1 26 ALA n 
1 27 VAL n 
1 28 LYS n 
1 29 GLU n 
1 30 THR n 
1 31 THR n 
1 32 GLY n 
1 33 ALA n 
1 34 SER n 
1 35 GLU n 
1 36 GLU n 
1 37 LYS n 
1 38 ILE n 
1 39 VAL n 
1 40 VAL n 
1 41 PHE n 
1 42 ILE n 
1 43 GLU n 
1 44 GLU n 
1 45 MET n 
1 46 ARG n 
1 47 LYS n 
1 48 ASP n 
1 49 HIS n 
1 50 TYR n 
1 51 ALA n 
1 52 VAL n 
1 53 ALA n 
1 54 GLY n 
1 55 LYS n 
1 56 ARG n 
1 57 LEU n 
1 58 SER n 
1 59 ASP n 
1 60 MET n 
1 61 GLU n 
# 
_entity_src_gen.entity_id                          1 
_entity_src_gen.pdbx_src_id                        1 
_entity_src_gen.pdbx_alt_source_flag               sample 
_entity_src_gen.pdbx_seq_type                      ? 
_entity_src_gen.pdbx_beg_seq_num                   ? 
_entity_src_gen.pdbx_end_seq_num                   ? 
_entity_src_gen.gene_src_common_name               ? 
_entity_src_gen.gene_src_genus                     Bacillus 
_entity_src_gen.pdbx_gene_src_gene                 ywhB 
_entity_src_gen.gene_src_species                   ? 
_entity_src_gen.gene_src_strain                    168 
_entity_src_gen.gene_src_tissue                    ? 
_entity_src_gen.gene_src_tissue_fraction           ? 
_entity_src_gen.gene_src_details                   ? 
_entity_src_gen.pdbx_gene_src_fragment             ? 
_entity_src_gen.pdbx_gene_src_scientific_name      'Bacillus subtilis' 
_entity_src_gen.pdbx_gene_src_ncbi_taxonomy_id     1423 
_entity_src_gen.pdbx_gene_src_variant              ? 
_entity_src_gen.pdbx_gene_src_cell_line            ? 
_entity_src_gen.pdbx_gene_src_atcc                 ? 
_entity_src_gen.pdbx_gene_src_organ                ? 
_entity_src_gen.pdbx_gene_src_organelle            ? 
_entity_src_gen.pdbx_gene_src_cell                 ? 
_entity_src_gen.pdbx_gene_src_cellular_location    ? 
_entity_src_gen.host_org_common_name               ? 
_entity_src_gen.pdbx_host_org_scientific_name      'Escherichia coli' 
_entity_src_gen.pdbx_host_org_ncbi_taxonomy_id     562 
_entity_src_gen.host_org_genus                     Escherichia 
_entity_src_gen.pdbx_host_org_gene                 ? 
_entity_src_gen.pdbx_host_org_organ                ? 
_entity_src_gen.host_org_species                   ? 
_entity_src_gen.pdbx_host_org_tissue               ? 
_entity_src_gen.pdbx_host_org_tissue_fraction      ? 
_entity_src_gen.pdbx_host_org_strain               'BL21-Gold(DE3)pLysS' 
_entity_src_gen.pdbx_host_org_variant              ? 
_entity_src_gen.pdbx_host_org_cell_line            ? 
_entity_src_gen.pdbx_host_org_atcc                 ? 
_entity_src_gen.pdbx_host_org_culture_collection   ? 
_entity_src_gen.pdbx_host_org_cell                 ? 
_entity_src_gen.pdbx_host_org_organelle            ? 
_entity_src_gen.pdbx_host_org_cellular_location    ? 
_entity_src_gen.pdbx_host_org_vector_type          plasmid 
_entity_src_gen.pdbx_host_org_vector               ? 
_entity_src_gen.host_org_details                   ? 
_entity_src_gen.expression_system_id               ? 
_entity_src_gen.plasmid_name                       'pET-24a(+)' 
_entity_src_gen.plasmid_details                    ? 
_entity_src_gen.pdbx_description                   ? 
# 
_struct_ref.id                         1 
_struct_ref.db_name                    UNP 
_struct_ref.db_code                    YWHB_BACSU 
_struct_ref.pdbx_db_accession          P70994 
_struct_ref.entity_id                  1 
_struct_ref.pdbx_seq_one_letter_code   PYVTVKMLEGRTDEQKRNLVEKVTEAVKETTGASEEKIVVFIEEMRKDHYAVAGKRLSDME 
_struct_ref.pdbx_align_begin           2 
_struct_ref.pdbx_db_isoform            ? 
# 
loop_
_struct_ref_seq.align_id 
_struct_ref_seq.ref_id 
_struct_ref_seq.pdbx_PDB_id_code 
_struct_ref_seq.pdbx_strand_id 
_struct_ref_seq.seq_align_beg 
_struct_ref_seq.pdbx_seq_align_beg_ins_code 
_struct_ref_seq.seq_align_end 
_struct_ref_seq.pdbx_seq_align_end_ins_code 
_struct_ref_seq.pdbx_db_accession 
_struct_ref_seq.db_align_beg 
_struct_ref_seq.pdbx_db_align_beg_ins_code 
_struct_ref_seq.db_align_end 
_struct_ref_seq.pdbx_db_align_end_ins_code 
_struct_ref_seq.pdbx_auth_seq_align_beg 
_struct_ref_seq.pdbx_auth_seq_align_end 
1 1 2OP8 A 1 ? 61 ? P70994 2 ? 62 ? 1 61 
2 1 2OP8 B 1 ? 61 ? P70994 2 ? 62 ? 1 61 
# 
loop_
_chem_comp.id 
_chem_comp.type 
_chem_comp.mon_nstd_flag 
_chem_comp.name 
_chem_comp.pdbx_synonyms 
_chem_comp.formula 
_chem_comp.formula_weight 
ALA 'L-peptide linking' y ALANINE         ? 'C3 H7 N O2'     89.093  
ARG 'L-peptide linking' y ARGININE        ? 'C6 H15 N4 O2 1' 175.209 
ASN 'L-peptide linking' y ASPARAGINE      ? 'C4 H8 N2 O3'    132.118 
ASP 'L-peptide linking' y 'ASPARTIC ACID' ? 'C4 H7 N O4'     133.103 
GLN 'L-peptide linking' y GLUTAMINE       ? 'C5 H10 N2 O3'   146.144 
GLU 'L-peptide linking' y 'GLUTAMIC ACID' ? 'C5 H9 N O4'     147.129 
GLY 'peptide linking'   y GLYCINE         ? 'C2 H5 N O2'     75.067  
HIS 'L-peptide linking' y HISTIDINE       ? 'C6 H10 N3 O2 1' 156.162 
HOH non-polymer         . WATER           ? 'H2 O'           18.015  
ILE 'L-peptide linking' y ISOLEUCINE      ? 'C6 H13 N O2'    131.173 
LEU 'L-peptide linking' y LEUCINE         ? 'C6 H13 N O2'    131.173 
LYS 'L-peptide linking' y LYSINE          ? 'C6 H15 N2 O2 1' 147.195 
MET 'L-peptide linking' y METHIONINE      ? 'C5 H11 N O2 S'  149.211 
PHE 'L-peptide linking' y PHENYLALANINE   ? 'C9 H11 N O2'    165.189 
PRO 'L-peptide linking' y PROLINE         ? 'C5 H9 N O2'     115.130 
SER 'L-peptide linking' y SERINE          ? 'C3 H7 N O3'     105.093 
THR 'L-peptide linking' y THREONINE       ? 'C4 H9 N O3'     119.119 
TYR 'L-peptide linking' y TYROSINE        ? 'C9 H11 N O3'    181.189 
VAL 'L-peptide linking' y VALINE          ? 'C5 H11 N O2'    117.146 
# 
_exptl.entry_id          2OP8 
_exptl.method            'X-RAY DIFFRACTION' 
_exptl.crystals_number   1 
# 
_exptl_crystal.id                    1 
_exptl_crystal.density_meas          ? 
_exptl_crystal.density_Matthews      4.23 
_exptl_crystal.density_percent_sol   70.90 
_exptl_crystal.description           ? 
_exptl_crystal.F_000                 ? 
_exptl_crystal.preparation           ? 
# 
_exptl_crystal_grow.crystal_id      1 
_exptl_crystal_grow.method          'VAPOR DIFFUSION, SITTING DROP' 
_exptl_crystal_grow.temp            277 
_exptl_crystal_grow.temp_details    ? 
_exptl_crystal_grow.pH              7.30 
_exptl_crystal_grow.pdbx_details    
;protein (25 mg/ml) buffered in 50 mM HEPES, pH 7.3, 5uL of protein solution mixed with 5uL of 50% methyl-pentanediol (MPD), 0.2M (NH4)H2PO4, pH 6.5, VAPOR DIFFUSION, SITTING DROP, temperature 277K, pH 7.30
;
_exptl_crystal_grow.pdbx_pH_range   . 
# 
_diffrn.id                     1 
_diffrn.ambient_temp           98.0 
_diffrn.ambient_temp_details   ? 
_diffrn.crystal_id             1 
# 
_diffrn_detector.diffrn_id              1 
_diffrn_detector.detector               'IMAGE PLATE' 
_diffrn_detector.type                   'RIGAKU RAXIS IV' 
_diffrn_detector.pdbx_collection_date   ? 
_diffrn_detector.details                ? 
# 
_diffrn_radiation.diffrn_id                        1 
_diffrn_radiation.wavelength_id                    1 
_diffrn_radiation.pdbx_monochromatic_or_laue_m_l   M 
_diffrn_radiation.monochromator                    ? 
_diffrn_radiation.pdbx_diffrn_protocol             'SINGLE WAVELENGTH' 
_diffrn_radiation.pdbx_scattering_type             x-ray 
# 
_diffrn_radiation_wavelength.id           1 
_diffrn_radiation_wavelength.wavelength   . 
_diffrn_radiation_wavelength.wt           1.0 
# 
_diffrn_source.diffrn_id                   1 
_diffrn_source.source                      'ROTATING ANODE' 
_diffrn_source.type                        'RIGAKU RU200' 
_diffrn_source.pdbx_synchrotron_site       ? 
_diffrn_source.pdbx_synchrotron_beamline   ? 
_diffrn_source.pdbx_wavelength             ? 
_diffrn_source.pdbx_wavelength_list        ? 
# 
_reflns.entry_id                     2OP8 
_reflns.observed_criterion_sigma_I   ? 
_reflns.observed_criterion_sigma_F   ? 
_reflns.d_resolution_low             30.000 
_reflns.d_resolution_high            2.500 
_reflns.number_obs                   8746 
_reflns.number_all                   ? 
_reflns.percent_possible_obs         99.9 
_reflns.pdbx_Rmerge_I_obs            ? 
_reflns.pdbx_Rsym_value              0.086 
_reflns.pdbx_netI_over_sigmaI        21.5000 
_reflns.B_iso_Wilson_estimate        35.00 
_reflns.pdbx_redundancy              68.270 
_reflns.R_free_details               ? 
_reflns.limit_h_max                  ? 
_reflns.limit_h_min                  ? 
_reflns.limit_k_max                  ? 
_reflns.limit_k_min                  ? 
_reflns.limit_l_max                  ? 
_reflns.limit_l_min                  ? 
_reflns.observed_criterion_F_max     ? 
_reflns.observed_criterion_F_min     ? 
_reflns.pdbx_chi_squared             ? 
_reflns.pdbx_scaling_rejects         ? 
_reflns.pdbx_ordinal                 1 
_reflns.pdbx_diffrn_id               1 
# 
_reflns_shell.d_res_high             2.50 
_reflns_shell.d_res_low              2.59 
_reflns_shell.percent_possible_all   0.9 
_reflns_shell.Rmerge_I_obs           ? 
_reflns_shell.pdbx_Rsym_value        0.483 
_reflns_shell.meanI_over_sigI_obs    6.000 
_reflns_shell.pdbx_redundancy        ? 
_reflns_shell.percent_possible_obs   ? 
_reflns_shell.number_unique_all      ? 
_reflns_shell.number_measured_all    ? 
_reflns_shell.number_measured_obs    ? 
_reflns_shell.number_unique_obs      ? 
_reflns_shell.pdbx_chi_squared       ? 
_reflns_shell.pdbx_ordinal           1 
_reflns_shell.pdbx_diffrn_id         1 
# 
_refine.entry_id                                 2OP8 
_refine.ls_number_reflns_obs                     8624 
_refine.ls_number_reflns_all                     8737 
_refine.pdbx_ls_sigma_I                          ? 
_refine.pdbx_ls_sigma_F                          2.000 
_refine.pdbx_data_cutoff_high_absF               ? 
_refine.pdbx_data_cutoff_low_absF                ? 
_refine.pdbx_data_cutoff_high_rms_absF           ? 
_refine.ls_d_res_low                             30.00 
_refine.ls_d_res_high                            2.50 
_refine.ls_percent_reflns_obs                    100 
_refine.ls_R_factor_obs                          0.218 
_refine.ls_R_factor_all                          ? 
_refine.ls_R_factor_R_work                       0.218 
_refine.ls_R_factor_R_free                       0.237 
_refine.ls_R_factor_R_free_error                 ? 
_refine.ls_R_factor_R_free_error_details         ? 
_refine.ls_percent_reflns_R_free                 ? 
_refine.ls_number_reflns_R_free                  413 
_refine.ls_number_parameters                     ? 
_refine.ls_number_restraints                     ? 
_refine.occupancy_min                            ? 
_refine.occupancy_max                            ? 
_refine.correlation_coeff_Fo_to_Fc               ? 
_refine.correlation_coeff_Fo_to_Fc_free          ? 
_refine.B_iso_mean                               41.00 
_refine.aniso_B[1][1]                            ? 
_refine.aniso_B[2][2]                            ? 
_refine.aniso_B[3][3]                            ? 
_refine.aniso_B[1][2]                            ? 
_refine.aniso_B[1][3]                            ? 
_refine.aniso_B[2][3]                            ? 
_refine.solvent_model_details                    ? 
_refine.solvent_model_param_ksol                 ? 
_refine.solvent_model_param_bsol                 ? 
_refine.pdbx_solvent_vdw_probe_radii             ? 
_refine.pdbx_solvent_ion_probe_radii             ? 
_refine.pdbx_solvent_shrinkage_radii             ? 
_refine.pdbx_ls_cross_valid_method               THROUGHOUT 
_refine.details                                  ? 
_refine.pdbx_starting_model                      'PDB ENTRY 1BJP' 
_refine.pdbx_method_to_determine_struct          'MOLECULAR REPLACEMENT' 
_refine.pdbx_isotropic_thermal_model             ISOTROPIC 
_refine.pdbx_stereochemistry_target_values       'ENGH & HUBER' 
_refine.pdbx_stereochem_target_val_spec_case     ? 
_refine.pdbx_R_Free_selection_details            RANDOM 
_refine.pdbx_overall_ESU_R                       ? 
_refine.pdbx_overall_ESU_R_Free                  ? 
_refine.overall_SU_ML                            ? 
_refine.overall_SU_B                             ? 
_refine.ls_redundancy_reflns_obs                 ? 
_refine.B_iso_min                                ? 
_refine.B_iso_max                                ? 
_refine.overall_SU_R_Cruickshank_DPI             ? 
_refine.overall_SU_R_free                        ? 
_refine.ls_wR_factor_R_free                      ? 
_refine.ls_wR_factor_R_work                      ? 
_refine.overall_FOM_free_R_set                   ? 
_refine.overall_FOM_work_R_set                   ? 
_refine.pdbx_overall_phase_error                 ? 
_refine.pdbx_refine_id                           'X-RAY DIFFRACTION' 
_refine.pdbx_diffrn_id                           1 
_refine.pdbx_TLS_residual_ADP_flag               ? 
_refine.pdbx_overall_SU_R_free_Cruickshank_DPI   ? 
_refine.pdbx_overall_SU_R_Blow_DPI               ? 
_refine.pdbx_overall_SU_R_free_Blow_DPI          ? 
# 
_refine_analyze.entry_id                        2OP8 
_refine_analyze.Luzzati_coordinate_error_obs    0.31 
_refine_analyze.Luzzati_sigma_a_obs             0.29 
_refine_analyze.Luzzati_d_res_low_obs           5.00 
_refine_analyze.Luzzati_coordinate_error_free   0.39 
_refine_analyze.Luzzati_sigma_a_free            0.40 
_refine_analyze.Luzzati_d_res_low_free          ? 
_refine_analyze.number_disordered_residues      ? 
_refine_analyze.occupancy_sum_hydrogen          ? 
_refine_analyze.occupancy_sum_non_hydrogen      ? 
_refine_analyze.pdbx_Luzzati_d_res_high_obs     ? 
_refine_analyze.pdbx_refine_id                  'X-RAY DIFFRACTION' 
# 
_refine_hist.pdbx_refine_id                   'X-RAY DIFFRACTION' 
_refine_hist.cycle_id                         LAST 
_refine_hist.pdbx_number_atoms_protein        957 
_refine_hist.pdbx_number_atoms_nucleic_acid   0 
_refine_hist.pdbx_number_atoms_ligand         0 
_refine_hist.number_atoms_solvent             48 
_refine_hist.number_atoms_total               1005 
_refine_hist.d_res_high                       2.50 
_refine_hist.d_res_low                        30.00 
# 
loop_
_refine_ls_restr.type 
_refine_ls_restr.dev_ideal 
_refine_ls_restr.dev_ideal_target 
_refine_ls_restr.weight 
_refine_ls_restr.number 
_refine_ls_restr.pdbx_refine_id 
_refine_ls_restr.pdbx_restraint_function 
c_bond_d                0.007 ? ? ? 'X-RAY DIFFRACTION' ? 
c_bond_d_na             ?     ? ? ? 'X-RAY DIFFRACTION' ? 
c_bond_d_prot           ?     ? ? ? 'X-RAY DIFFRACTION' ? 
c_angle_d               ?     ? ? ? 'X-RAY DIFFRACTION' ? 
c_angle_d_na            ?     ? ? ? 'X-RAY DIFFRACTION' ? 
c_angle_d_prot          ?     ? ? ? 'X-RAY DIFFRACTION' ? 
c_angle_deg             ?     ? ? ? 'X-RAY DIFFRACTION' ? 
c_angle_deg_na          ?     ? ? ? 'X-RAY DIFFRACTION' ? 
c_angle_deg_prot        ?     ? ? ? 'X-RAY DIFFRACTION' ? 
c_dihedral_angle_d      29.90 ? ? ? 'X-RAY DIFFRACTION' ? 
c_dihedral_angle_d_na   ?     ? ? ? 'X-RAY DIFFRACTION' ? 
c_dihedral_angle_d_prot ?     ? ? ? 'X-RAY DIFFRACTION' ? 
c_improper_angle_d      0.54  ? ? ? 'X-RAY DIFFRACTION' ? 
c_improper_angle_d_na   ?     ? ? ? 'X-RAY DIFFRACTION' ? 
c_improper_angle_d_prot ?     ? ? ? 'X-RAY DIFFRACTION' ? 
c_mcbond_it             ?     ? ? ? 'X-RAY DIFFRACTION' ? 
c_mcangle_it            ?     ? ? ? 'X-RAY DIFFRACTION' ? 
c_scbond_it             ?     ? ? ? 'X-RAY DIFFRACTION' ? 
c_scangle_it            ?     ? ? ? 'X-RAY DIFFRACTION' ? 
# 
_refine_ls_shell.pdbx_total_number_of_bins_used   ? 
_refine_ls_shell.d_res_high                       2.50 
_refine_ls_shell.d_res_low                        2.61 
_refine_ls_shell.number_reflns_R_work             ? 
_refine_ls_shell.R_factor_R_work                  0.276 
_refine_ls_shell.percent_reflns_obs               100.00 
_refine_ls_shell.R_factor_R_free                  0.246 
_refine_ls_shell.R_factor_R_free_error            0.038 
_refine_ls_shell.percent_reflns_R_free            ? 
_refine_ls_shell.number_reflns_R_free             43 
_refine_ls_shell.number_reflns_all                ? 
_refine_ls_shell.R_factor_all                     ? 
_refine_ls_shell.redundancy_reflns_obs            ? 
_refine_ls_shell.number_reflns_obs                ? 
_refine_ls_shell.pdbx_refine_id                   'X-RAY DIFFRACTION' 
# 
_struct.entry_id                  2OP8 
_struct.title                     'Crystal Structure of YwhB- Homologue of 4-Oxalocrotonate Tautomerase' 
_struct.pdbx_model_details        ? 
_struct.pdbx_CASP_flag            ? 
_struct.pdbx_model_type_details   ? 
# 
_struct_keywords.entry_id        2OP8 
_struct_keywords.pdbx_keywords   ISOMERASE 
_struct_keywords.text            '4-OT, tautomerase, ISOMERASE' 
# 
loop_
_struct_asym.id 
_struct_asym.pdbx_blank_PDB_chainid_flag 
_struct_asym.pdbx_modified 
_struct_asym.entity_id 
_struct_asym.details 
A N N 1 ? 
B N N 1 ? 
C N N 2 ? 
D N N 2 ? 
# 
_struct_biol.id        1 
_struct_biol.details   ? 
# 
loop_
_struct_conf.conf_type_id 
_struct_conf.id 
_struct_conf.pdbx_PDB_helix_id 
_struct_conf.beg_label_comp_id 
_struct_conf.beg_label_asym_id 
_struct_conf.beg_label_seq_id 
_struct_conf.pdbx_beg_PDB_ins_code 
_struct_conf.end_label_comp_id 
_struct_conf.end_label_asym_id 
_struct_conf.end_label_seq_id 
_struct_conf.pdbx_end_PDB_ins_code 
_struct_conf.beg_auth_comp_id 
_struct_conf.beg_auth_asym_id 
_struct_conf.beg_auth_seq_id 
_struct_conf.end_auth_comp_id 
_struct_conf.end_auth_asym_id 
_struct_conf.end_auth_seq_id 
_struct_conf.pdbx_PDB_helix_class 
_struct_conf.details 
_struct_conf.pdbx_PDB_helix_length 
HELX_P HELX_P1 1 THR A 12 ? GLY A 32 ? THR A 12 GLY A 32 1 ? 21 
HELX_P HELX_P2 2 SER A 34 ? ILE A 38 ? SER A 34 ILE A 38 5 ? 5  
HELX_P HELX_P3 3 ARG A 46 ? HIS A 49 ? ARG A 46 HIS A 49 5 ? 4  
HELX_P HELX_P4 4 SER A 58 ? MET A 60 ? SER A 58 MET A 60 5 ? 3  
HELX_P HELX_P5 5 THR B 12 ? GLY B 32 ? THR B 12 GLY B 32 1 ? 21 
HELX_P HELX_P6 6 SER B 34 ? ILE B 38 ? SER B 34 ILE B 38 5 ? 5  
HELX_P HELX_P7 7 SER B 58 ? MET B 60 ? SER B 58 MET B 60 5 ? 3  
# 
_struct_conf_type.id          HELX_P 
_struct_conf_type.criteria    ? 
_struct_conf_type.reference   ? 
# 
loop_
_struct_sheet.id 
_struct_sheet.type 
_struct_sheet.number_strands 
_struct_sheet.details 
A ? 4 ? 
B ? 2 ? 
C ? 2 ? 
# 
loop_
_struct_sheet_order.sheet_id 
_struct_sheet_order.range_id_1 
_struct_sheet_order.range_id_2 
_struct_sheet_order.offset 
_struct_sheet_order.sense 
A 1 2 ? parallel      
A 2 3 ? anti-parallel 
A 3 4 ? parallel      
B 1 2 ? anti-parallel 
C 1 2 ? anti-parallel 
# 
loop_
_struct_sheet_range.sheet_id 
_struct_sheet_range.id 
_struct_sheet_range.beg_label_comp_id 
_struct_sheet_range.beg_label_asym_id 
_struct_sheet_range.beg_label_seq_id 
_struct_sheet_range.pdbx_beg_PDB_ins_code 
_struct_sheet_range.end_label_comp_id 
_struct_sheet_range.end_label_asym_id 
_struct_sheet_range.end_label_seq_id 
_struct_sheet_range.pdbx_end_PDB_ins_code 
_struct_sheet_range.beg_auth_comp_id 
_struct_sheet_range.beg_auth_asym_id 
_struct_sheet_range.beg_auth_seq_id 
_struct_sheet_range.end_auth_comp_id 
_struct_sheet_range.end_auth_asym_id 
_struct_sheet_range.end_auth_seq_id 
A 1 VAL A 39 ? MET A 45 ? VAL A 39 MET A 45 
A 2 TYR A 2  ? LEU A 8  ? TYR A 2  LEU A 8  
A 3 TYR B 2  ? LEU B 8  ? TYR B 2  LEU B 8  
A 4 VAL B 39 ? MET B 45 ? VAL B 39 MET B 45 
B 1 ALA A 51 ? VAL A 52 ? ALA A 51 VAL A 52 
B 2 LYS A 55 ? ARG A 56 ? LYS A 55 ARG A 56 
C 1 ALA B 51 ? VAL B 52 ? ALA B 51 VAL B 52 
C 2 LYS B 55 ? ARG B 56 ? LYS B 55 ARG B 56 
# 
loop_
_pdbx_struct_sheet_hbond.sheet_id 
_pdbx_struct_sheet_hbond.range_id_1 
_pdbx_struct_sheet_hbond.range_id_2 
_pdbx_struct_sheet_hbond.range_1_label_atom_id 
_pdbx_struct_sheet_hbond.range_1_label_comp_id 
_pdbx_struct_sheet_hbond.range_1_label_asym_id 
_pdbx_struct_sheet_hbond.range_1_label_seq_id 
_pdbx_struct_sheet_hbond.range_1_PDB_ins_code 
_pdbx_struct_sheet_hbond.range_1_auth_atom_id 
_pdbx_struct_sheet_hbond.range_1_auth_comp_id 
_pdbx_struct_sheet_hbond.range_1_auth_asym_id 
_pdbx_struct_sheet_hbond.range_1_auth_seq_id 
_pdbx_struct_sheet_hbond.range_2_label_atom_id 
_pdbx_struct_sheet_hbond.range_2_label_comp_id 
_pdbx_struct_sheet_hbond.range_2_label_asym_id 
_pdbx_struct_sheet_hbond.range_2_label_seq_id 
_pdbx_struct_sheet_hbond.range_2_PDB_ins_code 
_pdbx_struct_sheet_hbond.range_2_auth_atom_id 
_pdbx_struct_sheet_hbond.range_2_auth_comp_id 
_pdbx_struct_sheet_hbond.range_2_auth_asym_id 
_pdbx_struct_sheet_hbond.range_2_auth_seq_id 
A 1 2 O GLU A 43 ? O GLU A 43 N VAL A 5  ? N VAL A 5  
A 2 3 N LYS A 6  ? N LYS A 6  O TYR B 2  ? O TYR B 2  
A 3 4 N VAL B 3  ? N VAL B 3  O PHE B 41 ? O PHE B 41 
B 1 2 N VAL A 52 ? N VAL A 52 O LYS A 55 ? O LYS A 55 
C 1 2 N VAL B 52 ? N VAL B 52 O LYS B 55 ? O LYS B 55 
# 
_atom_sites.entry_id                    2OP8 
_atom_sites.fract_transf_matrix[1][1]   0.00089918 
_atom_sites.fract_transf_matrix[1][2]   0.00683746 
_atom_sites.fract_transf_matrix[1][3]   -0.00147356 
_atom_sites.fract_transf_matrix[2][1]   0.00487641 
_atom_sites.fract_transf_matrix[2][2]   -0.00167790 
_atom_sites.fract_transf_matrix[2][3]   -0.00480999 
_atom_sites.fract_transf_matrix[3][1]   -0.00501426 
_atom_sites.fract_transf_matrix[3][2]   -0.00040565 
_atom_sites.fract_transf_matrix[3][3]   -0.00494199 
_atom_sites.fract_transf_vector[1]      0.134366 
_atom_sites.fract_transf_vector[2]      0.147764 
_atom_sites.fract_transf_vector[3]      0.243077 
# 
loop_
_atom_type.symbol 
C 
N 
O 
S 
# 
loop_
_atom_site.group_PDB 
_atom_site.id 
_atom_site.type_symbol 
_atom_site.label_atom_id 
_atom_site.label_alt_id 
_atom_site.label_comp_id 
_atom_site.label_asym_id 
_atom_site.label_entity_id 
_atom_site.label_seq_id 
_atom_site.pdbx_PDB_ins_code 
_atom_site.Cartn_x 
_atom_site.Cartn_y 
_atom_site.Cartn_z 
_atom_site.occupancy 
_atom_site.B_iso_or_equiv 
_atom_site.pdbx_formal_charge 
_atom_site.auth_seq_id 
_atom_site.auth_comp_id 
_atom_site.auth_asym_id 
_atom_site.auth_atom_id 
_atom_site.pdbx_PDB_model_num 
ATOM   1    N N   . PRO A 1 1  ? -4.972  5.978   7.321   1.00 32.21 ? 1  PRO A N   1 
ATOM   2    C CA  . PRO A 1 1  ? -3.987  4.986   6.830   1.00 33.23 ? 1  PRO A CA  1 
ATOM   3    C C   . PRO A 1 1  ? -3.304  5.483   5.560   1.00 32.72 ? 1  PRO A C   1 
ATOM   4    O O   . PRO A 1 1  ? -3.953  6.058   4.682   1.00 31.40 ? 1  PRO A O   1 
ATOM   5    C CB  . PRO A 1 1  ? -4.755  3.699   6.560   1.00 32.75 ? 1  PRO A CB  1 
ATOM   6    C CG  . PRO A 1 1  ? -5.941  3.852   7.531   1.00 32.18 ? 1  PRO A CG  1 
ATOM   7    C CD  . PRO A 1 1  ? -6.296  5.343   7.458   1.00 31.59 ? 1  PRO A CD  1 
ATOM   8    N N   . TYR A 1 2  ? -1.993  5.259   5.471   1.00 35.01 ? 2  TYR A N   1 
ATOM   9    C CA  . TYR A 1 2  ? -1.214  5.679   4.316   1.00 33.52 ? 2  TYR A CA  1 
ATOM   10   C C   . TYR A 1 2  ? -0.687  4.483   3.563   1.00 32.19 ? 2  TYR A C   1 
ATOM   11   O O   . TYR A 1 2  ? 0.077   3.678   4.100   1.00 30.83 ? 2  TYR A O   1 
ATOM   12   C CB  . TYR A 1 2  ? -0.060  6.574   4.754   1.00 36.65 ? 2  TYR A CB  1 
ATOM   13   C CG  . TYR A 1 2  ? -0.555  7.819   5.434   1.00 40.76 ? 2  TYR A CG  1 
ATOM   14   C CD1 . TYR A 1 2  ? -0.896  7.810   6.790   1.00 42.46 ? 2  TYR A CD1 1 
ATOM   15   C CD2 . TYR A 1 2  ? -0.768  8.988   4.706   1.00 41.40 ? 2  TYR A CD2 1 
ATOM   16   C CE1 . TYR A 1 2  ? -1.446  8.937   7.403   1.00 43.63 ? 2  TYR A CE1 1 
ATOM   17   C CE2 . TYR A 1 2  ? -1.317  10.115  5.305   1.00 42.93 ? 2  TYR A CE2 1 
ATOM   18   C CZ  . TYR A 1 2  ? -1.656  10.087  6.650   1.00 43.38 ? 2  TYR A CZ  1 
ATOM   19   O OH  . TYR A 1 2  ? -2.215  11.204  7.228   1.00 46.08 ? 2  TYR A OH  1 
ATOM   20   N N   . VAL A 1 3  ? -1.107  4.371   2.309   1.00 32.85 ? 3  VAL A N   1 
ATOM   21   C CA  . VAL A 1 3  ? -0.694  3.263   1.464   1.00 30.95 ? 3  VAL A CA  1 
ATOM   22   C C   . VAL A 1 3  ? 0.211   3.701   0.320   1.00 31.37 ? 3  VAL A C   1 
ATOM   23   O O   . VAL A 1 3  ? -0.142  4.566   -0.486  1.00 31.53 ? 3  VAL A O   1 
ATOM   24   C CB  . VAL A 1 3  ? -1.916  2.548   0.866   1.00 25.29 ? 3  VAL A CB  1 
ATOM   25   C CG1 . VAL A 1 3  ? -1.471  1.407   -0.031  1.00 23.30 ? 3  VAL A CG1 1 
ATOM   26   C CG2 . VAL A 1 3  ? -2.807  2.046   1.987   1.00 26.17 ? 3  VAL A CG2 1 
ATOM   27   N N   . THR A 1 4  ? 1.389   3.098   0.267   1.00 25.07 ? 4  THR A N   1 
ATOM   28   C CA  . THR A 1 4  ? 2.334   3.391   -0.782  1.00 24.41 ? 4  THR A CA  1 
ATOM   29   C C   . THR A 1 4  ? 2.411   2.146   -1.656  1.00 24.82 ? 4  THR A C   1 
ATOM   30   O O   . THR A 1 4  ? 2.612   1.037   -1.160  1.00 23.06 ? 4  THR A O   1 
ATOM   31   C CB  . THR A 1 4  ? 3.718   3.706   -0.212  1.00 28.49 ? 4  THR A CB  1 
ATOM   32   O OG1 . THR A 1 4  ? 3.633   4.875   0.607   1.00 29.23 ? 4  THR A OG1 1 
ATOM   33   C CG2 . THR A 1 4  ? 4.713   3.959   -1.336  1.00 29.31 ? 4  THR A CG2 1 
ATOM   34   N N   . VAL A 1 5  ? 2.218   2.339   -2.955  1.00 28.40 ? 5  VAL A N   1 
ATOM   35   C CA  . VAL A 1 5  ? 2.287   1.242   -3.901  1.00 28.77 ? 5  VAL A CA  1 
ATOM   36   C C   . VAL A 1 5  ? 3.477   1.499   -4.813  1.00 29.34 ? 5  VAL A C   1 
ATOM   37   O O   . VAL A 1 5  ? 3.488   2.462   -5.582  1.00 27.44 ? 5  VAL A O   1 
ATOM   38   C CB  . VAL A 1 5  ? 1.000   1.145   -4.750  1.00 30.71 ? 5  VAL A CB  1 
ATOM   39   C CG1 . VAL A 1 5  ? 1.117   -0.012  -5.741  1.00 28.69 ? 5  VAL A CG1 1 
ATOM   40   C CG2 . VAL A 1 5  ? -0.203  0.934   -3.846  1.00 31.87 ? 5  VAL A CG2 1 
ATOM   41   N N   . LYS A 1 6  ? 4.479   0.634   -4.705  1.00 29.16 ? 6  LYS A N   1 
ATOM   42   C CA  . LYS A 1 6  ? 5.701   0.744   -5.495  1.00 29.45 ? 6  LYS A CA  1 
ATOM   43   C C   . LYS A 1 6  ? 5.660   -0.322  -6.599  1.00 29.77 ? 6  LYS A C   1 
ATOM   44   O O   . LYS A 1 6  ? 5.660   -1.520  -6.317  1.00 29.41 ? 6  LYS A O   1 
ATOM   45   C CB  . LYS A 1 6  ? 6.906   0.520   -4.581  1.00 33.53 ? 6  LYS A CB  1 
ATOM   46   C CG  . LYS A 1 6  ? 8.166   1.263   -4.969  1.00 38.17 ? 6  LYS A CG  1 
ATOM   47   C CD  . LYS A 1 6  ? 9.244   1.057   -3.903  1.00 40.72 ? 6  LYS A CD  1 
ATOM   48   C CE  . LYS A 1 6  ? 10.414  2.002   -4.095  1.00 44.81 ? 6  LYS A CE  1 
ATOM   49   N NZ  . LYS A 1 6  ? 9.987   3.433   -4.022  1.00 47.83 ? 6  LYS A NZ  1 
ATOM   50   N N   . MET A 1 7  ? 5.602   0.110   -7.855  1.00 29.14 ? 7  MET A N   1 
ATOM   51   C CA  . MET A 1 7  ? 5.560   -0.827  -8.975  1.00 28.05 ? 7  MET A CA  1 
ATOM   52   C C   . MET A 1 7  ? 6.292   -0.276  -10.187 1.00 27.43 ? 7  MET A C   1 
ATOM   53   O O   . MET A 1 7  ? 6.517   0.923   -10.293 1.00 28.34 ? 7  MET A O   1 
ATOM   54   C CB  . MET A 1 7  ? 4.113   -1.117  -9.365  1.00 27.36 ? 7  MET A CB  1 
ATOM   55   C CG  . MET A 1 7  ? 3.350   0.117   -9.805  1.00 26.56 ? 7  MET A CG  1 
ATOM   56   S SD  . MET A 1 7  ? 1.662   -0.280  -10.261 1.00 31.40 ? 7  MET A SD  1 
ATOM   57   C CE  . MET A 1 7  ? 1.058   1.279   -10.817 1.00 23.11 ? 7  MET A CE  1 
ATOM   58   N N   . LEU A 1 8  ? 6.635   -1.165  -11.108 1.00 27.64 ? 8  LEU A N   1 
ATOM   59   C CA  . LEU A 1 8  ? 7.347   -0.801  -12.330 1.00 29.56 ? 8  LEU A CA  1 
ATOM   60   C C   . LEU A 1 8  ? 6.543   0.073   -13.290 1.00 30.12 ? 8  LEU A C   1 
ATOM   61   O O   . LEU A 1 8  ? 5.313   0.004   -13.328 1.00 30.18 ? 8  LEU A O   1 
ATOM   62   C CB  . LEU A 1 8  ? 7.776   -2.070  -13.076 1.00 27.08 ? 8  LEU A CB  1 
ATOM   63   C CG  . LEU A 1 8  ? 8.848   -2.961  -12.443 1.00 29.07 ? 8  LEU A CG  1 
ATOM   64   C CD1 . LEU A 1 8  ? 8.850   -4.306  -13.145 1.00 30.05 ? 8  LEU A CD1 1 
ATOM   65   C CD2 . LEU A 1 8  ? 10.222  -2.303  -12.553 1.00 26.38 ? 8  LEU A CD2 1 
ATOM   66   N N   . GLU A 1 9  ? 7.249   0.894   -14.066 1.00 28.38 ? 9  GLU A N   1 
ATOM   67   C CA  . GLU A 1 9  ? 6.607   1.741   -15.071 1.00 28.45 ? 9  GLU A CA  1 
ATOM   68   C C   . GLU A 1 9  ? 5.968   0.784   -16.071 1.00 28.81 ? 9  GLU A C   1 
ATOM   69   O O   . GLU A 1 9  ? 6.417   -0.355  -16.209 1.00 26.18 ? 9  GLU A O   1 
ATOM   70   C CB  . GLU A 1 9  ? 7.644   2.587   -15.814 1.00 28.69 ? 9  GLU A CB  1 
ATOM   71   C CG  . GLU A 1 9  ? 8.478   3.479   -14.925 1.00 30.06 ? 9  GLU A CG  1 
ATOM   72   C CD  . GLU A 1 9  ? 9.606   4.155   -15.681 1.00 30.42 ? 9  GLU A CD  1 
ATOM   73   O OE1 . GLU A 1 9  ? 10.361  3.439   -16.378 1.00 29.56 ? 9  GLU A OE1 1 
ATOM   74   O OE2 . GLU A 1 9  ? 9.738   5.395   -15.567 1.00 31.10 ? 9  GLU A OE2 1 
ATOM   75   N N   . GLY A 1 10 ? 4.926   1.230   -16.762 1.00 46.78 ? 10 GLY A N   1 
ATOM   76   C CA  . GLY A 1 10 ? 4.304   0.360   -17.743 1.00 51.07 ? 10 GLY A CA  1 
ATOM   77   C C   . GLY A 1 10 ? 2.841   0.067   -17.511 1.00 53.28 ? 10 GLY A C   1 
ATOM   78   O O   . GLY A 1 10 ? 2.287   -0.871  -18.085 1.00 54.34 ? 10 GLY A O   1 
ATOM   79   N N   . ARG A 1 11 ? 2.209   0.860   -16.660 1.00 42.20 ? 11 ARG A N   1 
ATOM   80   C CA  . ARG A 1 11 ? 0.804   0.667   -16.392 1.00 42.17 ? 11 ARG A CA  1 
ATOM   81   C C   . ARG A 1 11 ? 0.057   1.858   -16.959 1.00 41.86 ? 11 ARG A C   1 
ATOM   82   O O   . ARG A 1 11 ? 0.576   2.975   -16.976 1.00 44.14 ? 11 ARG A O   1 
ATOM   83   C CB  . ARG A 1 11 ? 0.548   0.539   -14.888 1.00 40.35 ? 11 ARG A CB  1 
ATOM   84   C CG  . ARG A 1 11 ? 0.490   -0.898  -14.369 1.00 40.98 ? 11 ARG A CG  1 
ATOM   85   C CD  . ARG A 1 11 ? 1.864   -1.512  -14.123 1.00 43.25 ? 11 ARG A CD  1 
ATOM   86   N NE  . ARG A 1 11 ? 1.752   -2.891  -13.641 1.00 46.88 ? 11 ARG A NE  1 
ATOM   87   C CZ  . ARG A 1 11 ? 2.715   -3.552  -12.993 1.00 49.69 ? 11 ARG A CZ  1 
ATOM   88   N NH1 . ARG A 1 11 ? 3.878   -2.963  -12.736 1.00 49.91 ? 11 ARG A NH1 1 
ATOM   89   N NH2 . ARG A 1 11 ? 2.517   -4.808  -12.601 1.00 48.44 ? 11 ARG A NH2 1 
ATOM   90   N N   . THR A 1 12 ? -1.158  1.609   -17.431 1.00 34.61 ? 12 THR A N   1 
ATOM   91   C CA  . THR A 1 12 ? -2.004  2.648   -18.009 1.00 34.27 ? 12 THR A CA  1 
ATOM   92   C C   . THR A 1 12 ? -2.528  3.579   -16.922 1.00 33.71 ? 12 THR A C   1 
ATOM   93   O O   . THR A 1 12 ? -2.541  3.222   -15.747 1.00 33.19 ? 12 THR A O   1 
ATOM   94   C CB  . THR A 1 12 ? -3.213  2.019   -18.751 1.00 40.78 ? 12 THR A CB  1 
ATOM   95   O OG1 . THR A 1 12 ? -4.063  1.341   -17.812 1.00 40.15 ? 12 THR A OG1 1 
ATOM   96   C CG2 . THR A 1 12 ? -2.727  1.014   -19.792 1.00 37.91 ? 12 THR A CG2 1 
ATOM   97   N N   . ASP A 1 13 ? -2.960  4.773   -17.314 1.00 35.73 ? 13 ASP A N   1 
ATOM   98   C CA  . ASP A 1 13 ? -3.499  5.730   -16.357 1.00 36.92 ? 13 ASP A CA  1 
ATOM   99   C C   . ASP A 1 13 ? -4.777  5.151   -15.738 1.00 38.73 ? 13 ASP A C   1 
ATOM   100  O O   . ASP A 1 13 ? -5.115  5.445   -14.586 1.00 38.14 ? 13 ASP A O   1 
ATOM   101  C CB  . ASP A 1 13 ? -3.817  7.050   -17.058 1.00 38.97 ? 13 ASP A CB  1 
ATOM   102  C CG  . ASP A 1 13 ? -4.200  8.146   -16.086 1.00 40.49 ? 13 ASP A CG  1 
ATOM   103  O OD1 . ASP A 1 13 ? -3.365  8.487   -15.221 1.00 42.57 ? 13 ASP A OD1 1 
ATOM   104  O OD2 . ASP A 1 13 ? -5.332  8.668   -16.182 1.00 38.37 ? 13 ASP A OD2 1 
ATOM   105  N N   . GLU A 1 14 ? -5.479  4.324   -16.513 1.00 43.53 ? 14 GLU A N   1 
ATOM   106  C CA  . GLU A 1 14 ? -6.713  3.697   -16.053 1.00 44.05 ? 14 GLU A CA  1 
ATOM   107  C C   . GLU A 1 14 ? -6.402  2.649   -15.000 1.00 43.19 ? 14 GLU A C   1 
ATOM   108  O O   . GLU A 1 14 ? -7.080  2.568   -13.979 1.00 42.45 ? 14 GLU A O   1 
ATOM   109  C CB  . GLU A 1 14 ? -7.475  3.061   -17.222 1.00 48.43 ? 14 GLU A CB  1 
ATOM   110  C CG  . GLU A 1 14 ? -8.177  4.073   -18.121 1.00 51.04 ? 14 GLU A CG  1 
ATOM   111  C CD  . GLU A 1 14 ? -7.208  4.923   -18.938 1.00 53.45 ? 14 GLU A CD  1 
ATOM   112  O OE1 . GLU A 1 14 ? -7.489  6.132   -19.119 1.00 55.22 ? 14 GLU A OE1 1 
ATOM   113  O OE2 . GLU A 1 14 ? -6.179  4.383   -19.407 1.00 51.24 ? 14 GLU A OE2 1 
ATOM   114  N N   . GLN A 1 15 ? -5.378  1.841   -15.248 1.00 40.14 ? 15 GLN A N   1 
ATOM   115  C CA  . GLN A 1 15 ? -4.988  0.828   -14.284 1.00 40.02 ? 15 GLN A CA  1 
ATOM   116  C C   . GLN A 1 15 ? -4.638  1.498   -12.957 1.00 40.75 ? 15 GLN A C   1 
ATOM   117  O O   . GLN A 1 15 ? -4.911  0.955   -11.886 1.00 41.81 ? 15 GLN A O   1 
ATOM   118  C CB  . GLN A 1 15 ? -3.778  0.059   -14.783 1.00 38.47 ? 15 GLN A CB  1 
ATOM   119  C CG  . GLN A 1 15 ? -4.065  -0.945  -15.868 1.00 37.61 ? 15 GLN A CG  1 
ATOM   120  C CD  . GLN A 1 15 ? -2.796  -1.589  -16.378 1.00 38.53 ? 15 GLN A CD  1 
ATOM   121  O OE1 . GLN A 1 15 ? -1.952  -0.928  -16.994 1.00 39.13 ? 15 GLN A OE1 1 
ATOM   122  N NE2 . GLN A 1 15 ? -2.644  -2.881  -16.118 1.00 37.76 ? 15 GLN A NE2 1 
ATOM   123  N N   . LYS A 1 16 ? -4.032  2.679   -13.034 1.00 38.48 ? 16 LYS A N   1 
ATOM   124  C CA  . LYS A 1 16 ? -3.647  3.420   -11.842 1.00 39.55 ? 16 LYS A CA  1 
ATOM   125  C C   . LYS A 1 16 ? -4.865  3.951   -11.096 1.00 40.66 ? 16 LYS A C   1 
ATOM   126  O O   . LYS A 1 16 ? -4.895  3.957   -9.866  1.00 41.01 ? 16 LYS A O   1 
ATOM   127  C CB  . LYS A 1 16 ? -2.710  4.578   -12.217 1.00 38.09 ? 16 LYS A CB  1 
ATOM   128  C CG  . LYS A 1 16 ? -1.381  4.115   -12.800 1.00 37.94 ? 16 LYS A CG  1 
ATOM   129  C CD  . LYS A 1 16 ? -0.517  5.284   -13.251 1.00 39.07 ? 16 LYS A CD  1 
ATOM   130  C CE  . LYS A 1 16 ? 0.772   4.792   -13.896 1.00 40.99 ? 16 LYS A CE  1 
ATOM   131  N NZ  . LYS A 1 16 ? 1.650   5.923   -14.316 1.00 43.93 ? 16 LYS A NZ  1 
ATOM   132  N N   . ARG A 1 17 ? -5.867  4.403   -11.842 1.00 47.15 ? 17 ARG A N   1 
ATOM   133  C CA  . ARG A 1 17 ? -7.081  4.921   -11.233 1.00 47.59 ? 17 ARG A CA  1 
ATOM   134  C C   . ARG A 1 17 ? -7.825  3.778   -10.532 1.00 47.45 ? 17 ARG A C   1 
ATOM   135  O O   . ARG A 1 17 ? -8.367  3.962   -9.437  1.00 47.04 ? 17 ARG A O   1 
ATOM   136  C CB  . ARG A 1 17 ? -7.975  5.558   -12.302 1.00 45.55 ? 17 ARG A CB  1 
ATOM   137  C CG  . ARG A 1 17 ? -9.268  6.158   -11.762 1.00 47.79 ? 17 ARG A CG  1 
ATOM   138  C CD  . ARG A 1 17 ? -10.194 6.654   -12.878 1.00 51.14 ? 17 ARG A CD  1 
ATOM   139  N NE  . ARG A 1 17 ? -9.780  7.932   -13.459 1.00 53.66 ? 17 ARG A NE  1 
ATOM   140  C CZ  . ARG A 1 17 ? -9.326  8.095   -14.702 1.00 55.01 ? 17 ARG A CZ  1 
ATOM   141  N NH1 . ARG A 1 17 ? -9.216  7.057   -15.522 1.00 54.89 ? 17 ARG A NH1 1 
ATOM   142  N NH2 . ARG A 1 17 ? -8.990  9.305   -15.131 1.00 55.13 ? 17 ARG A NH2 1 
ATOM   143  N N   . ASN A 1 18 ? -7.832  2.603   -11.162 1.00 36.46 ? 18 ASN A N   1 
ATOM   144  C CA  . ASN A 1 18 ? -8.505  1.428   -10.618 1.00 37.87 ? 18 ASN A CA  1 
ATOM   145  C C   . ASN A 1 18 ? -7.756  0.920   -9.391  1.00 36.31 ? 18 ASN A C   1 
ATOM   146  O O   . ASN A 1 18 ? -8.362  0.462   -8.421  1.00 35.45 ? 18 ASN A O   1 
ATOM   147  C CB  . ASN A 1 18 ? -8.593  0.321   -11.683 1.00 39.68 ? 18 ASN A CB  1 
ATOM   148  N N   . LEU A 1 19 ? -6.430  0.999   -9.450  1.00 37.52 ? 19 LEU A N   1 
ATOM   149  C CA  . LEU A 1 19 ? -5.575  0.571   -8.350  1.00 35.24 ? 19 LEU A CA  1 
ATOM   150  C C   . LEU A 1 19 ? -5.949  1.348   -7.095  1.00 35.25 ? 19 LEU A C   1 
ATOM   151  O O   . LEU A 1 19 ? -6.187  0.774   -6.032  1.00 35.35 ? 19 LEU A O   1 
ATOM   152  C CB  . LEU A 1 19 ? -4.114  0.843   -8.696  1.00 32.04 ? 19 LEU A CB  1 
ATOM   153  C CG  . LEU A 1 19 ? -3.085  0.651   -7.578  1.00 32.15 ? 19 LEU A CG  1 
ATOM   154  C CD1 . LEU A 1 19 ? -2.928  -0.836  -7.250  1.00 29.01 ? 19 LEU A CD1 1 
ATOM   155  C CD2 . LEU A 1 19 ? -1.760  1.243   -8.022  1.00 28.59 ? 19 LEU A CD2 1 
ATOM   156  N N   . VAL A 1 20 ? -5.999  2.667   -7.230  1.00 32.30 ? 20 VAL A N   1 
ATOM   157  C CA  . VAL A 1 20 ? -6.346  3.538   -6.119  1.00 33.55 ? 20 VAL A CA  1 
ATOM   158  C C   . VAL A 1 20 ? -7.741  3.223   -5.585  1.00 34.88 ? 20 VAL A C   1 
ATOM   159  O O   . VAL A 1 20 ? -7.942  3.168   -4.369  1.00 33.57 ? 20 VAL A O   1 
ATOM   160  C CB  . VAL A 1 20 ? -6.269  5.015   -6.550  1.00 34.91 ? 20 VAL A CB  1 
ATOM   161  C CG1 . VAL A 1 20 ? -6.896  5.910   -5.501  1.00 34.96 ? 20 VAL A CG1 1 
ATOM   162  C CG2 . VAL A 1 20 ? -4.818  5.395   -6.769  1.00 34.00 ? 20 VAL A CG2 1 
ATOM   163  N N   . GLU A 1 21 ? -8.698  3.014   -6.489  1.00 38.24 ? 21 GLU A N   1 
ATOM   164  C CA  . GLU A 1 21 ? -10.065 2.701   -6.093  1.00 39.91 ? 21 GLU A CA  1 
ATOM   165  C C   . GLU A 1 21 ? -10.085 1.404   -5.288  1.00 39.30 ? 21 GLU A C   1 
ATOM   166  O O   . GLU A 1 21 ? -10.466 1.403   -4.118  1.00 38.67 ? 21 GLU A O   1 
ATOM   167  C CB  . GLU A 1 21 ? -10.961 2.570   -7.324  1.00 34.51 ? 21 GLU A CB  1 
ATOM   168  N N   . LYS A 1 22 ? -9.664  0.309   -5.919  1.00 41.09 ? 22 LYS A N   1 
ATOM   169  C CA  . LYS A 1 22 ? -9.625  -1.006  -5.285  1.00 42.36 ? 22 LYS A CA  1 
ATOM   170  C C   . LYS A 1 22 ? -8.865  -1.063  -3.961  1.00 42.75 ? 22 LYS A C   1 
ATOM   171  O O   . LYS A 1 22 ? -9.386  -1.562  -2.962  1.00 43.96 ? 22 LYS A O   1 
ATOM   172  C CB  . LYS A 1 22 ? -9.030  -2.035  -6.253  1.00 57.74 ? 22 LYS A CB  1 
ATOM   173  C CG  . LYS A 1 22 ? -10.060 -2.852  -7.017  1.00 62.23 ? 22 LYS A CG  1 
ATOM   174  C CD  . LYS A 1 22 ? -11.044 -1.962  -7.750  1.00 66.95 ? 22 LYS A CD  1 
ATOM   175  C CE  . LYS A 1 22 ? -12.122 -2.784  -8.437  1.00 68.67 ? 22 LYS A CE  1 
ATOM   176  N NZ  . LYS A 1 22 ? -13.172 -1.903  -9.024  1.00 70.77 ? 22 LYS A NZ  1 
ATOM   177  N N   . VAL A 1 23 ? -7.630  -0.569  -3.957  1.00 42.42 ? 23 VAL A N   1 
ATOM   178  C CA  . VAL A 1 23 ? -6.805  -0.568  -2.750  1.00 40.88 ? 23 VAL A CA  1 
ATOM   179  C C   . VAL A 1 23 ? -7.441  0.216   -1.604  1.00 39.65 ? 23 VAL A C   1 
ATOM   180  O O   . VAL A 1 23 ? -7.389  -0.208  -0.451  1.00 38.37 ? 23 VAL A O   1 
ATOM   181  C CB  . VAL A 1 23 ? -5.394  0.006   -3.046  1.00 34.17 ? 23 VAL A CB  1 
ATOM   182  C CG1 . VAL A 1 23 ? -4.716  0.469   -1.756  1.00 34.41 ? 23 VAL A CG1 1 
ATOM   183  C CG2 . VAL A 1 23 ? -4.548  -1.064  -3.713  1.00 33.21 ? 23 VAL A CG2 1 
ATOM   184  N N   . THR A 1 24 ? -8.034  1.360   -1.920  1.00 32.89 ? 24 THR A N   1 
ATOM   185  C CA  . THR A 1 24 ? -8.680  2.178   -0.901  1.00 33.28 ? 24 THR A CA  1 
ATOM   186  C C   . THR A 1 24 ? -9.843  1.401   -0.281  1.00 35.37 ? 24 THR A C   1 
ATOM   187  O O   . THR A 1 24 ? -10.070 1.459   0.934   1.00 33.62 ? 24 THR A O   1 
ATOM   188  C CB  . THR A 1 24 ? -9.212  3.484   -1.505  1.00 33.70 ? 24 THR A CB  1 
ATOM   189  O OG1 . THR A 1 24 ? -8.118  4.233   -2.044  1.00 34.90 ? 24 THR A OG1 1 
ATOM   190  C CG2 . THR A 1 24 ? -9.932  4.325   -0.448  1.00 31.51 ? 24 THR A CG2 1 
ATOM   191  N N   . GLU A 1 25 ? -10.570 0.668   -1.120  1.00 48.54 ? 25 GLU A N   1 
ATOM   192  C CA  . GLU A 1 25 ? -11.704 -0.119  -0.656  1.00 50.16 ? 25 GLU A CA  1 
ATOM   193  C C   . GLU A 1 25 ? -11.231 -1.290  0.198   1.00 48.38 ? 25 GLU A C   1 
ATOM   194  O O   . GLU A 1 25 ? -11.820 -1.592  1.234   1.00 49.28 ? 25 GLU A O   1 
ATOM   195  C CB  . GLU A 1 25 ? -12.513 -0.640  -1.846  1.00 60.80 ? 25 GLU A CB  1 
ATOM   196  C CG  . GLU A 1 25 ? -13.761 -1.398  -1.433  1.00 66.22 ? 25 GLU A CG  1 
ATOM   197  C CD  . GLU A 1 25 ? -14.712 -0.542  -0.614  1.00 69.73 ? 25 GLU A CD  1 
ATOM   198  O OE1 . GLU A 1 25 ? -15.523 -1.110  0.148   1.00 70.76 ? 25 GLU A OE1 1 
ATOM   199  O OE2 . GLU A 1 25 ? -14.651 0.702   -0.738  1.00 72.22 ? 25 GLU A OE2 1 
ATOM   200  N N   . ALA A 1 26 ? -10.162 -1.941  -0.241  1.00 37.86 ? 26 ALA A N   1 
ATOM   201  C CA  . ALA A 1 26 ? -9.618  -3.073  0.486   1.00 39.04 ? 26 ALA A CA  1 
ATOM   202  C C   . ALA A 1 26 ? -9.260  -2.665  1.916   1.00 40.89 ? 26 ALA A C   1 
ATOM   203  O O   . ALA A 1 26 ? -9.485  -3.424  2.866   1.00 41.77 ? 26 ALA A O   1 
ATOM   204  C CB  . ALA A 1 26 ? -8.390  -3.615  -0.236  1.00 35.29 ? 26 ALA A CB  1 
ATOM   205  N N   . VAL A 1 27 ? -8.718  -1.459  2.061   1.00 44.24 ? 27 VAL A N   1 
ATOM   206  C CA  . VAL A 1 27 ? -8.309  -0.937  3.360   1.00 44.49 ? 27 VAL A CA  1 
ATOM   207  C C   . VAL A 1 27 ? -9.497  -0.487  4.198   1.00 45.83 ? 27 VAL A C   1 
ATOM   208  O O   . VAL A 1 27 ? -9.528  -0.692  5.415   1.00 45.63 ? 27 VAL A O   1 
ATOM   209  C CB  . VAL A 1 27 ? -7.341  0.264   3.195   1.00 36.03 ? 27 VAL A CB  1 
ATOM   210  C CG1 . VAL A 1 27 ? -7.046  0.901   4.550   1.00 34.64 ? 27 VAL A CG1 1 
ATOM   211  C CG2 . VAL A 1 27 ? -6.056  -0.196  2.545   1.00 35.99 ? 27 VAL A CG2 1 
ATOM   212  N N   . LYS A 1 28 ? -10.468 0.134   3.542   1.00 47.18 ? 28 LYS A N   1 
ATOM   213  C CA  . LYS A 1 28 ? -11.652 0.628   4.225   1.00 48.84 ? 28 LYS A CA  1 
ATOM   214  C C   . LYS A 1 28 ? -12.408 -0.482  4.935   1.00 49.96 ? 28 LYS A C   1 
ATOM   215  O O   . LYS A 1 28 ? -12.815 -0.332  6.087   1.00 50.10 ? 28 LYS A O   1 
ATOM   216  C CB  . LYS A 1 28 ? -12.588 1.309   3.227   1.00 55.13 ? 28 LYS A CB  1 
ATOM   217  C CG  . LYS A 1 28 ? -13.891 1.812   3.829   1.00 57.29 ? 28 LYS A CG  1 
ATOM   218  C CD  . LYS A 1 28 ? -14.819 2.348   2.751   1.00 60.10 ? 28 LYS A CD  1 
ATOM   219  C CE  . LYS A 1 28 ? -16.131 2.849   3.340   1.00 62.47 ? 28 LYS A CE  1 
ATOM   220  N NZ  . LYS A 1 28 ? -17.053 3.391   2.291   1.00 63.34 ? 28 LYS A NZ  1 
ATOM   221  N N   . GLU A 1 29 ? -12.577 -1.606  4.251   1.00 43.49 ? 29 GLU A N   1 
ATOM   222  C CA  . GLU A 1 29 ? -13.331 -2.703  4.814   1.00 45.15 ? 29 GLU A CA  1 
ATOM   223  C C   . GLU A 1 29 ? -12.592 -3.662  5.726   1.00 44.59 ? 29 GLU A C   1 
ATOM   224  O O   . GLU A 1 29 ? -13.232 -4.393  6.473   1.00 47.06 ? 29 GLU A O   1 
ATOM   225  C CB  . GLU A 1 29 ? -14.016 -3.487  3.695   1.00 65.22 ? 29 GLU A CB  1 
ATOM   226  C CG  . GLU A 1 29 ? -13.089 -4.310  2.838   1.00 68.47 ? 29 GLU A CG  1 
ATOM   227  C CD  . GLU A 1 29 ? -13.779 -4.820  1.585   1.00 72.41 ? 29 GLU A CD  1 
ATOM   228  O OE1 . GLU A 1 29 ? -13.257 -5.769  0.959   1.00 72.96 ? 29 GLU A OE1 1 
ATOM   229  O OE2 . GLU A 1 29 ? -14.839 -4.261  1.220   1.00 72.96 ? 29 GLU A OE2 1 
ATOM   230  N N   . THR A 1 30 ? -11.266 -3.676  5.688   1.00 45.49 ? 30 THR A N   1 
ATOM   231  C CA  . THR A 1 30 ? -10.539 -4.595  6.556   1.00 42.19 ? 30 THR A CA  1 
ATOM   232  C C   . THR A 1 30 ? -9.981  -3.930  7.810   1.00 41.78 ? 30 THR A C   1 
ATOM   233  O O   . THR A 1 30 ? -9.590  -4.617  8.749   1.00 42.08 ? 30 THR A O   1 
ATOM   234  C CB  . THR A 1 30 ? -9.370  -5.277  5.818   1.00 41.82 ? 30 THR A CB  1 
ATOM   235  O OG1 . THR A 1 30 ? -8.463  -4.280  5.340   1.00 40.86 ? 30 THR A OG1 1 
ATOM   236  C CG2 . THR A 1 30 ? -9.873  -6.106  4.650   1.00 39.63 ? 30 THR A CG2 1 
ATOM   237  N N   . THR A 1 31 ? -9.958  -2.602  7.842   1.00 39.68 ? 31 THR A N   1 
ATOM   238  C CA  . THR A 1 31 ? -9.400  -1.900  8.993   1.00 37.78 ? 31 THR A CA  1 
ATOM   239  C C   . THR A 1 31 ? -10.352 -0.933  9.678   1.00 37.93 ? 31 THR A C   1 
ATOM   240  O O   . THR A 1 31 ? -9.984  -0.286  10.659  1.00 38.11 ? 31 THR A O   1 
ATOM   241  C CB  . THR A 1 31 ? -8.146  -1.099  8.598   1.00 32.76 ? 31 THR A CB  1 
ATOM   242  O OG1 . THR A 1 31 ? -8.525  0.013   7.780   1.00 30.48 ? 31 THR A OG1 1 
ATOM   243  C CG2 . THR A 1 31 ? -7.190  -1.968  7.823   1.00 31.08 ? 31 THR A CG2 1 
ATOM   244  N N   . GLY A 1 32 ? -11.566 -0.818  9.160   1.00 40.13 ? 32 GLY A N   1 
ATOM   245  C CA  . GLY A 1 32 ? -12.525 0.092   9.761   1.00 41.97 ? 32 GLY A CA  1 
ATOM   246  C C   . GLY A 1 32 ? -12.076 1.541   9.697   1.00 43.04 ? 32 GLY A C   1 
ATOM   247  O O   . GLY A 1 32 ? -12.554 2.386   10.454  1.00 43.87 ? 32 GLY A O   1 
ATOM   248  N N   . ALA A 1 33 ? -11.154 1.831   8.787   1.00 42.79 ? 33 ALA A N   1 
ATOM   249  C CA  . ALA A 1 33 ? -10.651 3.185   8.625   1.00 41.81 ? 33 ALA A CA  1 
ATOM   250  C C   . ALA A 1 33 ? -11.667 4.008   7.844   1.00 41.52 ? 33 ALA A C   1 
ATOM   251  O O   . ALA A 1 33 ? -12.310 3.503   6.917   1.00 39.39 ? 33 ALA A O   1 
ATOM   252  C CB  . ALA A 1 33 ? -9.315  3.163   7.895   1.00 45.68 ? 33 ALA A CB  1 
ATOM   253  N N   . SER A 1 34 ? -11.824 5.269   8.229   1.00 45.03 ? 34 SER A N   1 
ATOM   254  C CA  . SER A 1 34 ? -12.761 6.142   7.543   1.00 47.70 ? 34 SER A CA  1 
ATOM   255  C C   . SER A 1 34 ? -12.190 6.468   6.159   1.00 48.59 ? 34 SER A C   1 
ATOM   256  O O   . SER A 1 34 ? -11.002 6.770   6.015   1.00 48.41 ? 34 SER A O   1 
ATOM   257  C CB  . SER A 1 34 ? -12.980 7.421   8.350   1.00 63.52 ? 34 SER A CB  1 
ATOM   258  O OG  . SER A 1 34 ? -14.064 8.157   7.817   1.00 67.60 ? 34 SER A OG  1 
ATOM   259  N N   . GLU A 1 35 ? -13.046 6.407   5.146   1.00 46.61 ? 35 GLU A N   1 
ATOM   260  C CA  . GLU A 1 35 ? -12.646 6.657   3.763   1.00 46.60 ? 35 GLU A CA  1 
ATOM   261  C C   . GLU A 1 35 ? -11.806 7.916   3.506   1.00 44.57 ? 35 GLU A C   1 
ATOM   262  O O   . GLU A 1 35 ? -10.772 7.847   2.842   1.00 42.84 ? 35 GLU A O   1 
ATOM   263  C CB  . GLU A 1 35 ? -13.890 6.676   2.879   1.00 69.63 ? 35 GLU A CB  1 
ATOM   264  C CG  . GLU A 1 35 ? -13.595 6.549   1.406   1.00 73.38 ? 35 GLU A CG  1 
ATOM   265  C CD  . GLU A 1 35 ? -14.853 6.361   0.585   1.00 76.98 ? 35 GLU A CD  1 
ATOM   266  O OE1 . GLU A 1 35 ? -15.546 5.341   0.786   1.00 77.87 ? 35 GLU A OE1 1 
ATOM   267  O OE2 . GLU A 1 35 ? -15.149 7.232   -0.256  1.00 77.87 ? 35 GLU A OE2 1 
ATOM   268  N N   . GLU A 1 36 ? -12.236 9.060   4.027   1.00 41.19 ? 36 GLU A N   1 
ATOM   269  C CA  . GLU A 1 36 ? -11.487 10.292  3.810   1.00 42.10 ? 36 GLU A CA  1 
ATOM   270  C C   . GLU A 1 36 ? -10.144 10.294  4.542   1.00 40.70 ? 36 GLU A C   1 
ATOM   271  O O   . GLU A 1 36 ? -9.380  11.252  4.448   1.00 39.23 ? 36 GLU A O   1 
ATOM   272  C CB  . GLU A 1 36 ? -12.312 11.513  4.237   1.00 72.66 ? 36 GLU A CB  1 
ATOM   273  C CG  . GLU A 1 36 ? -12.420 11.745  5.741   1.00 77.51 ? 36 GLU A CG  1 
ATOM   274  C CD  . GLU A 1 36 ? -13.366 10.783  6.434   1.00 82.27 ? 36 GLU A CD  1 
ATOM   275  O OE1 . GLU A 1 36 ? -14.026 9.979   5.737   1.00 83.18 ? 36 GLU A OE1 1 
ATOM   276  O OE2 . GLU A 1 36 ? -13.455 10.840  7.681   1.00 83.18 ? 36 GLU A OE2 1 
ATOM   277  N N   . LYS A 1 37 ? -9.856  9.218   5.266   1.00 42.46 ? 37 LYS A N   1 
ATOM   278  C CA  . LYS A 1 37 ? -8.604  9.107   6.012   1.00 41.66 ? 37 LYS A CA  1 
ATOM   279  C C   . LYS A 1 37 ? -7.608  8.194   5.294   1.00 40.15 ? 37 LYS A C   1 
ATOM   280  O O   . LYS A 1 37 ? -6.459  8.064   5.717   1.00 40.52 ? 37 LYS A O   1 
ATOM   281  C CB  . LYS A 1 37 ? -8.868  8.541   7.411   1.00 50.86 ? 37 LYS A CB  1 
ATOM   282  C CG  . LYS A 1 37 ? -9.775  9.384   8.287   1.00 52.06 ? 37 LYS A CG  1 
ATOM   283  C CD  . LYS A 1 37 ? -9.036  10.558  8.890   1.00 52.96 ? 37 LYS A CD  1 
ATOM   284  C CE  . LYS A 1 37 ? -9.932  11.315  9.855   1.00 53.02 ? 37 LYS A CE  1 
ATOM   285  N NZ  . LYS A 1 37 ? -9.179  12.338  10.630  1.00 54.00 ? 37 LYS A NZ  1 
ATOM   286  N N   . ILE A 1 38 ? -8.055  7.562   4.214   1.00 40.21 ? 38 ILE A N   1 
ATOM   287  C CA  . ILE A 1 38 ? -7.210  6.651   3.448   1.00 37.91 ? 38 ILE A CA  1 
ATOM   288  C C   . ILE A 1 38 ? -6.501  7.359   2.280   1.00 37.36 ? 38 ILE A C   1 
ATOM   289  O O   . ILE A 1 38 ? -7.138  7.815   1.326   1.00 35.77 ? 38 ILE A O   1 
ATOM   290  C CB  . ILE A 1 38 ? -8.045  5.460   2.915   1.00 30.05 ? 38 ILE A CB  1 
ATOM   291  C CG1 . ILE A 1 38 ? -8.781  4.791   4.080   1.00 29.33 ? 38 ILE A CG1 1 
ATOM   292  C CG2 . ILE A 1 38 ? -7.139  4.437   2.236   1.00 28.72 ? 38 ILE A CG2 1 
ATOM   293  C CD1 . ILE A 1 38 ? -9.700  3.655   3.672   1.00 26.57 ? 38 ILE A CD1 1 
ATOM   294  N N   . VAL A 1 39 ? -5.173  7.442   2.379   1.00 36.20 ? 39 VAL A N   1 
ATOM   295  C CA  . VAL A 1 39 ? -4.331  8.087   1.372   1.00 34.19 ? 39 VAL A CA  1 
ATOM   296  C C   . VAL A 1 39 ? -3.498  7.062   0.604   1.00 34.86 ? 39 VAL A C   1 
ATOM   297  O O   . VAL A 1 39 ? -2.947  6.128   1.199   1.00 35.41 ? 39 VAL A O   1 
ATOM   298  C CB  . VAL A 1 39 ? -3.363  9.107   2.033   1.00 30.48 ? 39 VAL A CB  1 
ATOM   299  C CG1 . VAL A 1 39 ? -2.384  9.671   0.992   1.00 29.58 ? 39 VAL A CG1 1 
ATOM   300  C CG2 . VAL A 1 39 ? -4.158  10.230  2.677   1.00 27.12 ? 39 VAL A CG2 1 
ATOM   301  N N   . VAL A 1 40 ? -3.409  7.240   -0.714  1.00 30.72 ? 40 VAL A N   1 
ATOM   302  C CA  . VAL A 1 40 ? -2.631  6.336   -1.556  1.00 29.80 ? 40 VAL A CA  1 
ATOM   303  C C   . VAL A 1 40 ? -1.570  7.058   -2.392  1.00 30.08 ? 40 VAL A C   1 
ATOM   304  O O   . VAL A 1 40 ? -1.853  8.073   -3.035  1.00 29.82 ? 40 VAL A O   1 
ATOM   305  C CB  . VAL A 1 40 ? -3.535  5.541   -2.515  1.00 27.19 ? 40 VAL A CB  1 
ATOM   306  C CG1 . VAL A 1 40 ? -2.702  4.568   -3.311  1.00 27.00 ? 40 VAL A CG1 1 
ATOM   307  C CG2 . VAL A 1 40 ? -4.593  4.791   -1.738  1.00 27.39 ? 40 VAL A CG2 1 
ATOM   308  N N   . PHE A 1 41 ? -0.345  6.528   -2.363  1.00 27.21 ? 41 PHE A N   1 
ATOM   309  C CA  . PHE A 1 41 ? 0.769   7.079   -3.130  1.00 25.78 ? 41 PHE A CA  1 
ATOM   310  C C   . PHE A 1 41 ? 1.214   6.016   -4.109  1.00 24.91 ? 41 PHE A C   1 
ATOM   311  O O   . PHE A 1 41 ? 1.328   4.839   -3.752  1.00 22.97 ? 41 PHE A O   1 
ATOM   312  C CB  . PHE A 1 41 ? 1.991   7.407   -2.260  1.00 29.62 ? 41 PHE A CB  1 
ATOM   313  C CG  . PHE A 1 41 ? 1.721   8.378   -1.148  1.00 33.28 ? 41 PHE A CG  1 
ATOM   314  C CD1 . PHE A 1 41 ? 1.487   7.923   0.149   1.00 34.61 ? 41 PHE A CD1 1 
ATOM   315  C CD2 . PHE A 1 41 ? 1.709   9.749   -1.388  1.00 33.41 ? 41 PHE A CD2 1 
ATOM   316  C CE1 . PHE A 1 41 ? 1.245   8.823   1.192   1.00 36.56 ? 41 PHE A CE1 1 
ATOM   317  C CE2 . PHE A 1 41 ? 1.467   10.655  -0.352  1.00 34.00 ? 41 PHE A CE2 1 
ATOM   318  C CZ  . PHE A 1 41 ? 1.235   10.193  0.936   1.00 35.50 ? 41 PHE A CZ  1 
ATOM   319  N N   . ILE A 1 42 ? 1.468   6.428   -5.343  1.00 23.04 ? 42 ILE A N   1 
ATOM   320  C CA  . ILE A 1 42 ? 1.954   5.500   -6.344  1.00 23.21 ? 42 ILE A CA  1 
ATOM   321  C C   . ILE A 1 42 ? 3.388   5.881   -6.647  1.00 22.90 ? 42 ILE A C   1 
ATOM   322  O O   . ILE A 1 42 ? 3.683   7.044   -6.918  1.00 23.53 ? 42 ILE A O   1 
ATOM   323  C CB  . ILE A 1 42 ? 1.153   5.571   -7.657  1.00 23.34 ? 42 ILE A CB  1 
ATOM   324  C CG1 . ILE A 1 42 ? -0.265  5.044   -7.437  1.00 22.57 ? 42 ILE A CG1 1 
ATOM   325  C CG2 . ILE A 1 42 ? 1.853   4.749   -8.725  1.00 17.78 ? 42 ILE A CG2 1 
ATOM   326  C CD1 . ILE A 1 42 ? -1.145  5.116   -8.679  1.00 21.85 ? 42 ILE A CD1 1 
ATOM   327  N N   . GLU A 1 43 ? 4.276   4.900   -6.581  1.00 25.16 ? 43 GLU A N   1 
ATOM   328  C CA  . GLU A 1 43 ? 5.686   5.123   -6.867  1.00 26.49 ? 43 GLU A CA  1 
ATOM   329  C C   . GLU A 1 43 ? 6.120   4.152   -7.947  1.00 26.57 ? 43 GLU A C   1 
ATOM   330  O O   . GLU A 1 43 ? 6.066   2.933   -7.761  1.00 27.69 ? 43 GLU A O   1 
ATOM   331  C CB  . GLU A 1 43 ? 6.518   4.924   -5.608  1.00 31.53 ? 43 GLU A CB  1 
ATOM   332  C CG  . GLU A 1 43 ? 6.598   6.166   -4.756  1.00 35.44 ? 43 GLU A CG  1 
ATOM   333  C CD  . GLU A 1 43 ? 7.177   5.891   -3.392  1.00 38.77 ? 43 GLU A CD  1 
ATOM   334  O OE1 . GLU A 1 43 ? 7.880   4.868   -3.237  1.00 37.93 ? 43 GLU A OE1 1 
ATOM   335  O OE2 . GLU A 1 43 ? 6.933   6.703   -2.474  1.00 43.46 ? 43 GLU A OE2 1 
ATOM   336  N N   . GLU A 1 44 ? 6.538   4.692   -9.084  1.00 24.60 ? 44 GLU A N   1 
ATOM   337  C CA  . GLU A 1 44 ? 6.962   3.855   -10.193 1.00 24.40 ? 44 GLU A CA  1 
ATOM   338  C C   . GLU A 1 44 ? 8.451   3.650   -10.211 1.00 24.16 ? 44 GLU A C   1 
ATOM   339  O O   . GLU A 1 44 ? 9.210   4.583   -9.979  1.00 25.56 ? 44 GLU A O   1 
ATOM   340  C CB  . GLU A 1 44 ? 6.517   4.472   -11.504 1.00 27.57 ? 44 GLU A CB  1 
ATOM   341  C CG  . GLU A 1 44 ? 5.029   4.385   -11.712 1.00 28.79 ? 44 GLU A CG  1 
ATOM   342  C CD  . GLU A 1 44 ? 4.617   4.986   -13.026 1.00 28.36 ? 44 GLU A CD  1 
ATOM   343  O OE1 . GLU A 1 44 ? 3.877   4.329   -13.782 1.00 29.05 ? 44 GLU A OE1 1 
ATOM   344  O OE2 . GLU A 1 44 ? 5.039   6.126   -13.295 1.00 33.52 ? 44 GLU A OE2 1 
ATOM   345  N N   . MET A 1 45 ? 8.865   2.419   -10.492 1.00 23.41 ? 45 MET A N   1 
ATOM   346  C CA  . MET A 1 45 ? 10.275  2.077   -10.541 1.00 23.73 ? 45 MET A CA  1 
ATOM   347  C C   . MET A 1 45 ? 10.731  1.883   -11.974 1.00 24.03 ? 45 MET A C   1 
ATOM   348  O O   . MET A 1 45 ? 9.956   1.449   -12.826 1.00 24.99 ? 45 MET A O   1 
ATOM   349  C CB  . MET A 1 45 ? 10.532  0.779   -9.786  1.00 31.23 ? 45 MET A CB  1 
ATOM   350  C CG  . MET A 1 45 ? 10.094  0.775   -8.337  1.00 34.84 ? 45 MET A CG  1 
ATOM   351  S SD  . MET A 1 45 ? 10.403  -0.857  -7.592  1.00 41.23 ? 45 MET A SD  1 
ATOM   352  C CE  . MET A 1 45 ? 9.045   -1.824  -8.272  1.00 30.25 ? 45 MET A CE  1 
ATOM   353  N N   . ARG A 1 46 ? 11.998  2.199   -12.225 1.00 28.40 ? 46 ARG A N   1 
ATOM   354  C CA  . ARG A 1 46 ? 12.610  2.019   -13.537 1.00 28.22 ? 46 ARG A CA  1 
ATOM   355  C C   . ARG A 1 46 ? 13.337  0.671   -13.485 1.00 28.03 ? 46 ARG A C   1 
ATOM   356  O O   . ARG A 1 46 ? 14.004  0.367   -12.493 1.00 26.86 ? 46 ARG A O   1 
ATOM   357  C CB  . ARG A 1 46 ? 13.609  3.144   -13.805 1.00 25.83 ? 46 ARG A CB  1 
ATOM   358  C CG  . ARG A 1 46 ? 12.955  4.494   -14.035 1.00 27.05 ? 46 ARG A CG  1 
ATOM   359  C CD  . ARG A 1 46 ? 13.971  5.622   -14.100 1.00 25.95 ? 46 ARG A CD  1 
ATOM   360  N NE  . ARG A 1 46 ? 15.119  5.277   -14.931 1.00 26.82 ? 46 ARG A NE  1 
ATOM   361  C CZ  . ARG A 1 46 ? 16.033  6.148   -15.342 1.00 27.59 ? 46 ARG A CZ  1 
ATOM   362  N NH1 . ARG A 1 46 ? 17.050  5.743   -16.091 1.00 25.18 ? 46 ARG A NH1 1 
ATOM   363  N NH2 . ARG A 1 46 ? 15.922  7.430   -15.022 1.00 28.25 ? 46 ARG A NH2 1 
ATOM   364  N N   . LYS A 1 47 ? 13.209  -0.132  -14.540 1.00 28.66 ? 47 LYS A N   1 
ATOM   365  C CA  . LYS A 1 47 ? 13.854  -1.448  -14.573 1.00 28.05 ? 47 LYS A CA  1 
ATOM   366  C C   . LYS A 1 47 ? 15.349  -1.396  -14.290 1.00 28.50 ? 47 LYS A C   1 
ATOM   367  O O   . LYS A 1 47 ? 15.925  -2.369  -13.806 1.00 28.56 ? 47 LYS A O   1 
ATOM   368  C CB  . LYS A 1 47 ? 13.613  -2.137  -15.918 1.00 20.52 ? 47 LYS A CB  1 
ATOM   369  C CG  . LYS A 1 47 ? 12.170  -2.555  -16.125 1.00 24.01 ? 47 LYS A CG  1 
ATOM   370  C CD  . LYS A 1 47 ? 11.920  -3.098  -17.528 1.00 26.10 ? 47 LYS A CD  1 
ATOM   371  C CE  . LYS A 1 47 ? 12.690  -4.379  -17.784 1.00 29.84 ? 47 LYS A CE  1 
ATOM   372  N NZ  . LYS A 1 47 ? 12.415  -4.928  -19.144 1.00 31.66 ? 47 LYS A NZ  1 
ATOM   373  N N   . ASP A 1 48 ? 15.976  -0.261  -14.582 1.00 23.53 ? 48 ASP A N   1 
ATOM   374  C CA  . ASP A 1 48 ? 17.408  -0.112  -14.339 1.00 24.52 ? 48 ASP A CA  1 
ATOM   375  C C   . ASP A 1 48 ? 17.693  0.392   -12.928 1.00 24.62 ? 48 ASP A C   1 
ATOM   376  O O   . ASP A 1 48 ? 18.836  0.696   -12.589 1.00 24.73 ? 48 ASP A O   1 
ATOM   377  C CB  . ASP A 1 48 ? 18.034  0.833   -15.368 1.00 23.94 ? 48 ASP A CB  1 
ATOM   378  C CG  . ASP A 1 48 ? 17.364  2.193   -15.396 1.00 25.78 ? 48 ASP A CG  1 
ATOM   379  O OD1 . ASP A 1 48 ? 16.349  2.379   -14.690 1.00 26.51 ? 48 ASP A OD1 1 
ATOM   380  O OD2 . ASP A 1 48 ? 17.850  3.076   -16.133 1.00 27.64 ? 48 ASP A OD2 1 
ATOM   381  N N   . HIS A 1 49 ? 16.648  0.483   -12.112 1.00 27.00 ? 49 HIS A N   1 
ATOM   382  C CA  . HIS A 1 49 ? 16.781  0.923   -10.726 1.00 27.17 ? 49 HIS A CA  1 
ATOM   383  C C   . HIS A 1 49 ? 16.170  -0.108  -9.788  1.00 28.62 ? 49 HIS A C   1 
ATOM   384  O O   . HIS A 1 49 ? 15.979  0.144   -8.600  1.00 28.87 ? 49 HIS A O   1 
ATOM   385  C CB  . HIS A 1 49 ? 16.087  2.269   -10.523 1.00 25.31 ? 49 HIS A CB  1 
ATOM   386  C CG  . HIS A 1 49 ? 16.851  3.425   -11.077 1.00 23.88 ? 49 HIS A CG  1 
ATOM   387  N ND1 . HIS A 1 49 ? 16.581  4.730   -10.731 1.00 27.67 ? 49 HIS A ND1 1 
ATOM   388  C CD2 . HIS A 1 49 ? 17.905  3.473   -11.925 1.00 24.59 ? 49 HIS A CD2 1 
ATOM   389  C CE1 . HIS A 1 49 ? 17.440  5.531   -11.333 1.00 25.56 ? 49 HIS A CE1 1 
ATOM   390  N NE2 . HIS A 1 49 ? 18.254  4.794   -12.064 1.00 24.15 ? 49 HIS A NE2 1 
ATOM   391  N N   . TYR A 1 50 ? 15.870  -1.277  -10.334 1.00 35.17 ? 50 TYR A N   1 
ATOM   392  C CA  . TYR A 1 50 ? 15.260  -2.346  -9.561  1.00 36.12 ? 50 TYR A CA  1 
ATOM   393  C C   . TYR A 1 50 ? 15.943  -3.671  -9.866  1.00 36.22 ? 50 TYR A C   1 
ATOM   394  O O   . TYR A 1 50 ? 15.983  -4.117  -11.014 1.00 35.96 ? 50 TYR A O   1 
ATOM   395  C CB  . TYR A 1 50 ? 13.769  -2.406  -9.889  1.00 32.75 ? 50 TYR A CB  1 
ATOM   396  C CG  . TYR A 1 50 ? 13.027  -3.546  -9.253  1.00 38.19 ? 50 TYR A CG  1 
ATOM   397  C CD1 . TYR A 1 50 ? 13.040  -3.737  -7.872  1.00 38.51 ? 50 TYR A CD1 1 
ATOM   398  C CD2 . TYR A 1 50 ? 12.279  -4.424  -10.034 1.00 40.60 ? 50 TYR A CD2 1 
ATOM   399  C CE1 . TYR A 1 50 ? 12.322  -4.776  -7.288  1.00 40.22 ? 50 TYR A CE1 1 
ATOM   400  C CE2 . TYR A 1 50 ? 11.562  -5.460  -9.467  1.00 40.83 ? 50 TYR A CE2 1 
ATOM   401  C CZ  . TYR A 1 50 ? 11.582  -5.636  -8.095  1.00 42.83 ? 50 TYR A CZ  1 
ATOM   402  O OH  . TYR A 1 50 ? 10.862  -6.675  -7.543  1.00 43.98 ? 50 TYR A OH  1 
ATOM   403  N N   . ALA A 1 51 ? 16.489  -4.292  -8.826  1.00 30.57 ? 51 ALA A N   1 
ATOM   404  C CA  . ALA A 1 51 ? 17.191  -5.554  -8.987  1.00 30.18 ? 51 ALA A CA  1 
ATOM   405  C C   . ALA A 1 51 ? 16.668  -6.637  -8.062  1.00 32.27 ? 51 ALA A C   1 
ATOM   406  O O   . ALA A 1 51 ? 16.064  -6.362  -7.027  1.00 32.07 ? 51 ALA A O   1 
ATOM   407  C CB  . ALA A 1 51 ? 18.677  -5.351  -8.740  1.00 22.66 ? 51 ALA A CB  1 
ATOM   408  N N   . VAL A 1 52 ? 16.907  -7.878  -8.462  1.00 38.08 ? 52 VAL A N   1 
ATOM   409  C CA  . VAL A 1 52 ? 16.515  -9.044  -7.692  1.00 38.04 ? 52 VAL A CA  1 
ATOM   410  C C   . VAL A 1 52 ? 17.624  -10.045 -7.921  1.00 38.84 ? 52 VAL A C   1 
ATOM   411  O O   . VAL A 1 52 ? 18.077  -10.221 -9.047  1.00 39.02 ? 52 VAL A O   1 
ATOM   412  C CB  . VAL A 1 52 ? 15.199  -9.646  -8.184  1.00 35.34 ? 52 VAL A CB  1 
ATOM   413  C CG1 . VAL A 1 52 ? 14.826  -10.834 -7.322  1.00 36.10 ? 52 VAL A CG1 1 
ATOM   414  C CG2 . VAL A 1 52 ? 14.104  -8.603  -8.137  1.00 35.53 ? 52 VAL A CG2 1 
ATOM   415  N N   . ALA A 1 53 ? 18.081  -10.673 -6.845  1.00 44.96 ? 53 ALA A N   1 
ATOM   416  C CA  . ALA A 1 53 ? 19.150  -11.658 -6.926  1.00 45.30 ? 53 ALA A CA  1 
ATOM   417  C C   . ALA A 1 53 ? 20.426  -11.095 -7.557  1.00 46.24 ? 53 ALA A C   1 
ATOM   418  O O   . ALA A 1 53 ? 21.161  -11.813 -8.233  1.00 48.22 ? 53 ALA A O   1 
ATOM   419  C CB  . ALA A 1 53 ? 18.673  -12.886 -7.705  1.00 28.88 ? 53 ALA A CB  1 
ATOM   420  N N   . GLY A 1 54 ? 20.680  -9.808  -7.340  1.00 37.24 ? 54 GLY A N   1 
ATOM   421  C CA  . GLY A 1 54 ? 21.883  -9.181  -7.865  1.00 36.11 ? 54 GLY A CA  1 
ATOM   422  C C   . GLY A 1 54 ? 21.851  -8.700  -9.303  1.00 37.42 ? 54 GLY A C   1 
ATOM   423  O O   . GLY A 1 54 ? 22.839  -8.141  -9.786  1.00 38.08 ? 54 GLY A O   1 
ATOM   424  N N   . LYS A 1 55 ? 20.738  -8.911  -9.998  1.00 36.83 ? 55 LYS A N   1 
ATOM   425  C CA  . LYS A 1 55 ? 20.637  -8.474  -11.386 1.00 37.31 ? 55 LYS A CA  1 
ATOM   426  C C   . LYS A 1 55 ? 19.474  -7.519  -11.607 1.00 35.18 ? 55 LYS A C   1 
ATOM   427  O O   . LYS A 1 55 ? 18.326  -7.831  -11.277 1.00 33.32 ? 55 LYS A O   1 
ATOM   428  C CB  . LYS A 1 55 ? 20.502  -9.679  -12.317 1.00 39.77 ? 55 LYS A CB  1 
ATOM   429  N N   . ARG A 1 56 ? 19.782  -6.354  -12.168 1.00 35.62 ? 56 ARG A N   1 
ATOM   430  C CA  . ARG A 1 56 ? 18.770  -5.350  -12.463 1.00 33.83 ? 56 ARG A CA  1 
ATOM   431  C C   . ARG A 1 56 ? 17.877  -5.877  -13.565 1.00 32.86 ? 56 ARG A C   1 
ATOM   432  O O   . ARG A 1 56 ? 18.347  -6.554  -14.480 1.00 32.25 ? 56 ARG A O   1 
ATOM   433  C CB  . ARG A 1 56 ? 19.419  -4.056  -12.936 1.00 33.22 ? 56 ARG A CB  1 
ATOM   434  C CG  . ARG A 1 56 ? 20.340  -3.430  -11.929 1.00 33.42 ? 56 ARG A CG  1 
ATOM   435  C CD  . ARG A 1 56 ? 20.846  -2.127  -12.463 1.00 35.11 ? 56 ARG A CD  1 
ATOM   436  N NE  . ARG A 1 56 ? 21.442  -2.308  -13.779 1.00 35.89 ? 56 ARG A NE  1 
ATOM   437  C CZ  . ARG A 1 56 ? 21.976  -1.327  -14.494 1.00 35.44 ? 56 ARG A CZ  1 
ATOM   438  N NH1 . ARG A 1 56 ? 21.983  -0.089  -14.014 1.00 32.11 ? 56 ARG A NH1 1 
ATOM   439  N NH2 . ARG A 1 56 ? 22.512  -1.589  -15.678 1.00 36.20 ? 56 ARG A NH2 1 
ATOM   440  N N   . LEU A 1 57 ? 16.590  -5.564  -13.480 1.00 30.91 ? 57 LEU A N   1 
ATOM   441  C CA  . LEU A 1 57 ? 15.655  -6.016  -14.495 1.00 31.42 ? 57 LEU A CA  1 
ATOM   442  C C   . LEU A 1 57 ? 16.007  -5.487  -15.879 1.00 32.14 ? 57 LEU A C   1 
ATOM   443  O O   . LEU A 1 57 ? 15.572  -6.047  -16.884 1.00 32.08 ? 57 LEU A O   1 
ATOM   444  C CB  . LEU A 1 57 ? 14.235  -5.592  -14.139 1.00 35.59 ? 57 LEU A CB  1 
ATOM   445  C CG  . LEU A 1 57 ? 13.459  -6.596  -13.291 1.00 36.92 ? 57 LEU A CG  1 
ATOM   446  C CD1 . LEU A 1 57 ? 14.192  -6.870  -11.986 1.00 36.71 ? 57 LEU A CD1 1 
ATOM   447  C CD2 . LEU A 1 57 ? 12.077  -6.043  -13.032 1.00 37.17 ? 57 LEU A CD2 1 
ATOM   448  N N   . SER A 1 58 ? 16.790  -4.409  -15.928 1.00 31.46 ? 58 SER A N   1 
ATOM   449  C CA  . SER A 1 58 ? 17.188  -3.816  -17.200 1.00 32.28 ? 58 SER A CA  1 
ATOM   450  C C   . SER A 1 58 ? 18.251  -4.675  -17.875 1.00 35.76 ? 58 SER A C   1 
ATOM   451  O O   . SER A 1 58 ? 18.541  -4.516  -19.059 1.00 34.80 ? 58 SER A O   1 
ATOM   452  C CB  . SER A 1 58 ? 17.734  -2.399  -16.990 1.00 28.52 ? 58 SER A CB  1 
ATOM   453  O OG  . SER A 1 58 ? 18.984  -2.412  -16.327 1.00 24.66 ? 58 SER A OG  1 
ATOM   454  N N   . ASP A 1 59 ? 18.824  -5.592  -17.106 1.00 42.68 ? 59 ASP A N   1 
ATOM   455  C CA  . ASP A 1 59 ? 19.853  -6.483  -17.612 1.00 44.68 ? 59 ASP A CA  1 
ATOM   456  C C   . ASP A 1 59 ? 19.304  -7.901  -17.802 1.00 47.88 ? 59 ASP A C   1 
ATOM   457  O O   . ASP A 1 59 ? 20.055  -8.869  -17.882 1.00 49.96 ? 59 ASP A O   1 
ATOM   458  C CB  . ASP A 1 59 ? 21.029  -6.487  -16.637 1.00 38.64 ? 59 ASP A CB  1 
ATOM   459  C CG  . ASP A 1 59 ? 21.613  -5.105  -16.430 1.00 38.20 ? 59 ASP A CG  1 
ATOM   460  O OD1 . ASP A 1 59 ? 22.312  -4.896  -15.421 1.00 34.72 ? 59 ASP A OD1 1 
ATOM   461  O OD2 . ASP A 1 59 ? 21.380  -4.224  -17.282 1.00 43.12 ? 59 ASP A OD2 1 
ATOM   462  N N   . MET A 1 60 ? 17.984  -8.013  -17.883 1.00 49.10 ? 60 MET A N   1 
ATOM   463  C CA  . MET A 1 60 ? 17.337  -9.306  -18.065 1.00 53.56 ? 60 MET A CA  1 
ATOM   464  C C   . MET A 1 60 ? 16.400  -9.295  -19.263 1.00 55.81 ? 60 MET A C   1 
ATOM   465  O O   . MET A 1 60 ? 16.011  -8.225  -19.755 1.00 55.47 ? 60 MET A O   1 
ATOM   466  C CB  . MET A 1 60 ? 16.533  -9.673  -16.823 1.00 78.48 ? 60 MET A CB  1 
ATOM   467  C CG  . MET A 1 60 ? 17.356  -9.922  -15.585 1.00 80.74 ? 60 MET A CG  1 
ATOM   468  S SD  . MET A 1 60 ? 16.287  -9.882  -14.142 1.00 83.95 ? 60 MET A SD  1 
ATOM   469  C CE  . MET A 1 60 ? 15.134  -11.172 -14.558 1.00 83.95 ? 60 MET A CE  1 
ATOM   470  N N   . GLU A 1 61 ? 16.043  -10.495 -19.719 1.00 57.60 ? 61 GLU A N   1 
ATOM   471  C CA  . GLU A 1 61 ? 15.139  -10.669 -20.847 1.00 58.50 ? 61 GLU A CA  1 
ATOM   472  C C   . GLU A 1 61 ? 13.772  -10.078 -20.486 1.00 59.03 ? 61 GLU A C   1 
ATOM   473  O O   . GLU A 1 61 ? 12.870  -10.866 -20.126 1.00 39.99 ? 61 GLU A O   1 
ATOM   474  C CB  . GLU A 1 61 ? 15.008  -12.172 -21.203 1.00 58.42 ? 61 GLU A CB  1 
ATOM   475  O OXT . GLU A 1 61 ? 13.616  -8.831  -20.542 1.00 39.99 ? 61 GLU A OXT 1 
ATOM   476  N N   . PRO B 1 1  ? 4.995   -6.049  -7.363  1.00 33.82 ? 1  PRO B N   1 
ATOM   477  C CA  . PRO B 1 1  ? 4.839   -4.739  -6.702  1.00 34.04 ? 1  PRO B CA  1 
ATOM   478  C C   . PRO B 1 1  ? 4.915   -4.792  -5.181  1.00 33.43 ? 1  PRO B C   1 
ATOM   479  O O   . PRO B 1 1  ? 4.692   -5.837  -4.572  1.00 33.09 ? 1  PRO B O   1 
ATOM   480  C CB  . PRO B 1 1  ? 3.511   -4.154  -7.177  1.00 25.39 ? 1  PRO B CB  1 
ATOM   481  C CG  . PRO B 1 1  ? 2.836   -5.351  -7.827  1.00 25.51 ? 1  PRO B CG  1 
ATOM   482  C CD  . PRO B 1 1  ? 3.946   -6.212  -8.380  1.00 24.88 ? 1  PRO B CD  1 
ATOM   483  N N   . TYR B 1 2  ? 5.244   -3.652  -4.579  1.00 37.12 ? 2  TYR B N   1 
ATOM   484  C CA  . TYR B 1 2  ? 5.375   -3.555  -3.135  1.00 37.60 ? 2  TYR B CA  1 
ATOM   485  C C   . TYR B 1 2  ? 4.413   -2.564  -2.538  1.00 37.81 ? 2  TYR B C   1 
ATOM   486  O O   . TYR B 1 2  ? 4.412   -1.386  -2.891  1.00 39.51 ? 2  TYR B O   1 
ATOM   487  C CB  . TYR B 1 2  ? 6.791   -3.161  -2.765  1.00 32.21 ? 2  TYR B CB  1 
ATOM   488  C CG  . TYR B 1 2  ? 7.789   -4.087  -3.372  1.00 34.22 ? 2  TYR B CG  1 
ATOM   489  C CD1 . TYR B 1 2  ? 8.210   -3.920  -4.696  1.00 34.71 ? 2  TYR B CD1 1 
ATOM   490  C CD2 . TYR B 1 2  ? 8.276   -5.172  -2.654  1.00 35.08 ? 2  TYR B CD2 1 
ATOM   491  C CE1 . TYR B 1 2  ? 9.097   -4.820  -5.286  1.00 35.85 ? 2  TYR B CE1 1 
ATOM   492  C CE2 . TYR B 1 2  ? 9.154   -6.072  -3.230  1.00 35.49 ? 2  TYR B CE2 1 
ATOM   493  C CZ  . TYR B 1 2  ? 9.561   -5.898  -4.543  1.00 36.26 ? 2  TYR B CZ  1 
ATOM   494  O OH  . TYR B 1 2  ? 10.427  -6.809  -5.106  1.00 39.50 ? 2  TYR B OH  1 
ATOM   495  N N   . VAL B 1 3  ? 3.599   -3.059  -1.618  1.00 35.69 ? 3  VAL B N   1 
ATOM   496  C CA  . VAL B 1 3  ? 2.609   -2.236  -0.954  1.00 33.83 ? 3  VAL B CA  1 
ATOM   497  C C   . VAL B 1 3  ? 2.931   -2.115  0.520   1.00 33.55 ? 3  VAL B C   1 
ATOM   498  O O   . VAL B 1 3  ? 3.082   -3.115  1.226   1.00 32.60 ? 3  VAL B O   1 
ATOM   499  C CB  . VAL B 1 3  ? 1.200   -2.839  -1.087  1.00 31.31 ? 3  VAL B CB  1 
ATOM   500  C CG1 . VAL B 1 3  ? 0.174   -1.902  -0.478  1.00 29.72 ? 3  VAL B CG1 1 
ATOM   501  C CG2 . VAL B 1 3  ? 0.893   -3.107  -2.543  1.00 30.56 ? 3  VAL B CG2 1 
ATOM   502  N N   . THR B 1 4  ? 3.058   -0.877  0.972   1.00 28.97 ? 4  THR B N   1 
ATOM   503  C CA  . THR B 1 4  ? 3.319   -0.611  2.368   1.00 28.96 ? 4  THR B CA  1 
ATOM   504  C C   . THR B 1 4  ? 2.070   0.072   2.908   1.00 30.03 ? 4  THR B C   1 
ATOM   505  O O   . THR B 1 4  ? 1.597   1.069   2.348   1.00 28.31 ? 4  THR B O   1 
ATOM   506  C CB  . THR B 1 4  ? 4.517   0.336   2.572   1.00 30.52 ? 4  THR B CB  1 
ATOM   507  O OG1 . THR B 1 4  ? 5.705   -0.270  2.054   1.00 30.50 ? 4  THR B OG1 1 
ATOM   508  C CG2 . THR B 1 4  ? 4.710   0.629   4.058   1.00 29.53 ? 4  THR B CG2 1 
ATOM   509  N N   . VAL B 1 5  ? 1.520   -0.487  3.980   1.00 32.97 ? 5  VAL B N   1 
ATOM   510  C CA  . VAL B 1 5  ? 0.350   0.095   4.612   1.00 31.05 ? 5  VAL B CA  1 
ATOM   511  C C   . VAL B 1 5  ? 0.789   0.617   5.977   1.00 31.61 ? 5  VAL B C   1 
ATOM   512  O O   . VAL B 1 5  ? 1.255   -0.144  6.824   1.00 30.62 ? 5  VAL B O   1 
ATOM   513  C CB  . VAL B 1 5  ? -0.770  -0.941  4.807   1.00 28.78 ? 5  VAL B CB  1 
ATOM   514  C CG1 . VAL B 1 5  ? -1.986  -0.266  5.450   1.00 28.36 ? 5  VAL B CG1 1 
ATOM   515  C CG2 . VAL B 1 5  ? -1.150  -1.563  3.464   1.00 27.27 ? 5  VAL B CG2 1 
ATOM   516  N N   . LYS B 1 6  ? 0.649   1.921   6.175   1.00 29.86 ? 6  LYS B N   1 
ATOM   517  C CA  . LYS B 1 6  ? 1.028   2.567   7.425   1.00 30.41 ? 6  LYS B CA  1 
ATOM   518  C C   . LYS B 1 6  ? -0.265  3.015   8.135   1.00 31.03 ? 6  LYS B C   1 
ATOM   519  O O   . LYS B 1 6  ? -1.043  3.799   7.586   1.00 31.59 ? 6  LYS B O   1 
ATOM   520  C CB  . LYS B 1 6  ? 1.935   3.768   7.111   1.00 33.14 ? 6  LYS B CB  1 
ATOM   521  C CG  . LYS B 1 6  ? 2.756   4.295   8.270   1.00 36.22 ? 6  LYS B CG  1 
ATOM   522  C CD  . LYS B 1 6  ? 3.678   5.440   7.843   1.00 38.15 ? 6  LYS B CD  1 
ATOM   523  C CE  . LYS B 1 6  ? 4.548   5.874   9.019   1.00 45.10 ? 6  LYS B CE  1 
ATOM   524  N NZ  . LYS B 1 6  ? 5.467   7.015   8.723   1.00 49.35 ? 6  LYS B NZ  1 
ATOM   525  N N   . MET B 1 7  ? -0.503  2.495   9.340   1.00 26.39 ? 7  MET B N   1 
ATOM   526  C CA  . MET B 1 7  ? -1.697  2.847   10.109  1.00 26.54 ? 7  MET B CA  1 
ATOM   527  C C   . MET B 1 7  ? -1.426  2.797   11.609  1.00 27.99 ? 7  MET B C   1 
ATOM   528  O O   . MET B 1 7  ? -0.426  2.225   12.052  1.00 26.53 ? 7  MET B O   1 
ATOM   529  C CB  . MET B 1 7  ? -2.839  1.887   9.772   1.00 28.62 ? 7  MET B CB  1 
ATOM   530  C CG  . MET B 1 7  ? -2.513  0.431   10.090  1.00 27.69 ? 7  MET B CG  1 
ATOM   531  S SD  . MET B 1 7  ? -3.842  -0.731  9.691   1.00 30.01 ? 7  MET B SD  1 
ATOM   532  C CE  . MET B 1 7  ? -3.069  -2.277  10.229  1.00 26.96 ? 7  MET B CE  1 
ATOM   533  N N   . LEU B 1 8  ? -2.323  3.390   12.389  1.00 30.85 ? 8  LEU B N   1 
ATOM   534  C CA  . LEU B 1 8  ? -2.179  3.412   13.847  1.00 34.90 ? 8  LEU B CA  1 
ATOM   535  C C   . LEU B 1 8  ? -2.292  2.025   14.469  1.00 35.82 ? 8  LEU B C   1 
ATOM   536  O O   . LEU B 1 8  ? -2.965  1.150   13.913  1.00 33.95 ? 8  LEU B O   1 
ATOM   537  C CB  . LEU B 1 8  ? -3.249  4.316   14.468  1.00 42.93 ? 8  LEU B CB  1 
ATOM   538  C CG  . LEU B 1 8  ? -3.131  5.821   14.245  1.00 45.04 ? 8  LEU B CG  1 
ATOM   539  C CD1 . LEU B 1 8  ? -4.302  6.507   14.921  1.00 47.46 ? 8  LEU B CD1 1 
ATOM   540  C CD2 . LEU B 1 8  ? -1.816  6.329   14.810  1.00 45.53 ? 8  LEU B CD2 1 
ATOM   541  N N   . GLU B 1 9  ? -1.636  1.831   15.616  1.00 33.42 ? 9  GLU B N   1 
ATOM   542  C CA  . GLU B 1 9  ? -1.694  0.545   16.330  1.00 36.72 ? 9  GLU B CA  1 
ATOM   543  C C   . GLU B 1 9  ? -3.146  0.294   16.693  1.00 36.18 ? 9  GLU B C   1 
ATOM   544  O O   . GLU B 1 9  ? -3.934  1.233   16.781  1.00 35.44 ? 9  GLU B O   1 
ATOM   545  C CB  . GLU B 1 9  ? -0.944  0.590   17.657  1.00 54.02 ? 9  GLU B CB  1 
ATOM   546  C CG  . GLU B 1 9  ? 0.376   1.285   17.663  1.00 59.94 ? 9  GLU B CG  1 
ATOM   547  C CD  . GLU B 1 9  ? 0.808   1.606   19.077  1.00 62.62 ? 9  GLU B CD  1 
ATOM   548  O OE1 . GLU B 1 9  ? 0.125   2.417   19.737  1.00 61.60 ? 9  GLU B OE1 1 
ATOM   549  O OE2 . GLU B 1 9  ? 1.821   1.040   19.532  1.00 64.88 ? 9  GLU B OE2 1 
ATOM   550  N N   . GLY B 1 10 ? -3.501  -0.962  16.930  1.00 50.85 ? 10 GLY B N   1 
ATOM   551  C CA  . GLY B 1 10 ? -4.867  -1.236  17.323  1.00 52.89 ? 10 GLY B CA  1 
ATOM   552  C C   . GLY B 1 10 ? -5.603  -2.320  16.578  1.00 54.56 ? 10 GLY B C   1 
ATOM   553  O O   . GLY B 1 10 ? -6.448  -2.995  17.161  1.00 56.78 ? 10 GLY B O   1 
ATOM   554  N N   . ARG B 1 11 ? -5.310  -2.494  15.296  1.00 49.74 ? 11 ARG B N   1 
ATOM   555  C CA  . ARG B 1 11 ? -6.006  -3.519  14.538  1.00 49.30 ? 11 ARG B CA  1 
ATOM   556  C C   . ARG B 1 11 ? -5.727  -4.899  15.109  1.00 49.87 ? 11 ARG B C   1 
ATOM   557  O O   . ARG B 1 11 ? -4.661  -5.149  15.670  1.00 50.50 ? 11 ARG B O   1 
ATOM   558  C CB  . ARG B 1 11 ? -5.609  -3.463  13.059  1.00 42.45 ? 11 ARG B CB  1 
ATOM   559  C CG  . ARG B 1 11 ? -6.441  -2.485  12.242  1.00 40.12 ? 11 ARG B CG  1 
ATOM   560  C CD  . ARG B 1 11 ? -6.143  -1.038  12.605  1.00 39.38 ? 11 ARG B CD  1 
ATOM   561  N NE  . ARG B 1 11 ? -7.073  -0.117  11.954  1.00 40.28 ? 11 ARG B NE  1 
ATOM   562  C CZ  . ARG B 1 11 ? -6.834  1.177   11.749  1.00 39.16 ? 11 ARG B CZ  1 
ATOM   563  N NH1 . ARG B 1 11 ? -5.680  1.710   12.145  1.00 37.92 ? 11 ARG B NH1 1 
ATOM   564  N NH2 . ARG B 1 11 ? -7.748  1.942   11.153  1.00 37.03 ? 11 ARG B NH2 1 
ATOM   565  N N   . THR B 1 12 ? -6.702  -5.790  14.979  1.00 46.40 ? 12 THR B N   1 
ATOM   566  C CA  . THR B 1 12 ? -6.558  -7.148  15.478  1.00 46.51 ? 12 THR B CA  1 
ATOM   567  C C   . THR B 1 12 ? -5.731  -7.951  14.491  1.00 46.99 ? 12 THR B C   1 
ATOM   568  O O   . THR B 1 12 ? -5.516  -7.528  13.354  1.00 46.32 ? 12 THR B O   1 
ATOM   569  C CB  . THR B 1 12 ? -7.918  -7.848  15.622  1.00 46.67 ? 12 THR B CB  1 
ATOM   570  O OG1 . THR B 1 12 ? -8.449  -8.125  14.318  1.00 45.78 ? 12 THR B OG1 1 
ATOM   571  C CG2 . THR B 1 12 ? -8.899  -6.967  16.392  1.00 45.86 ? 12 THR B CG2 1 
ATOM   572  N N   . ASP B 1 13 ? -5.273  -9.114  14.929  1.00 53.39 ? 13 ASP B N   1 
ATOM   573  C CA  . ASP B 1 13 ? -4.493  -9.967  14.062  1.00 54.62 ? 13 ASP B CA  1 
ATOM   574  C C   . ASP B 1 13 ? -5.357  -10.337 12.857  1.00 55.27 ? 13 ASP B C   1 
ATOM   575  O O   . ASP B 1 13 ? -4.864  -10.384 11.730  1.00 55.85 ? 13 ASP B O   1 
ATOM   576  C CB  . ASP B 1 13 ? -4.062  -11.226 14.813  1.00 54.18 ? 13 ASP B CB  1 
ATOM   577  C CG  . ASP B 1 13 ? -3.173  -12.131 13.977  1.00 55.89 ? 13 ASP B CG  1 
ATOM   578  O OD1 . ASP B 1 13 ? -1.999  -11.773 13.740  1.00 56.81 ? 13 ASP B OD1 1 
ATOM   579  O OD2 . ASP B 1 13 ? -3.658  -13.203 13.552  1.00 57.29 ? 13 ASP B OD2 1 
ATOM   580  N N   . GLU B 1 14 ? -6.645  -10.587 13.091  1.00 55.66 ? 14 GLU B N   1 
ATOM   581  C CA  . GLU B 1 14 ? -7.545  -10.955 12.002  1.00 55.83 ? 14 GLU B CA  1 
ATOM   582  C C   . GLU B 1 14 ? -7.628  -9.843  10.960  1.00 54.26 ? 14 GLU B C   1 
ATOM   583  O O   . GLU B 1 14 ? -7.510  -10.099 9.762   1.00 53.17 ? 14 GLU B O   1 
ATOM   584  C CB  . GLU B 1 14 ? -8.951  -11.271 12.530  1.00 46.24 ? 14 GLU B CB  1 
ATOM   585  C CG  . GLU B 1 14 ? -9.434  -12.677 12.156  1.00 20.02 ? 14 GLU B CG  1 
ATOM   586  C CD  . GLU B 1 14 ? -9.343  -12.990 10.656  1.00 20.02 ? 14 GLU B CD  1 
ATOM   587  O OE1 . GLU B 1 14 ? -8.566  -12.325 9.938   0.00 20.02 ? 14 GLU B OE1 1 
ATOM   588  O OE2 . GLU B 1 14 ? -10.040 -13.923 10.210  0.00 20.02 ? 14 GLU B OE2 1 
ATOM   589  N N   . GLN B 1 15 ? -7.833  -8.615  11.428  1.00 45.65 ? 15 GLN B N   1 
ATOM   590  C CA  . GLN B 1 15 ? -7.930  -7.453  10.556  1.00 43.91 ? 15 GLN B CA  1 
ATOM   591  C C   . GLN B 1 15 ? -6.698  -7.354  9.664   1.00 44.16 ? 15 GLN B C   1 
ATOM   592  O O   . GLN B 1 15 ? -6.813  -7.068  8.468   1.00 44.83 ? 15 GLN B O   1 
ATOM   593  C CB  . GLN B 1 15 ? -8.073  -6.179  11.394  1.00 45.76 ? 15 GLN B CB  1 
ATOM   594  C CG  . GLN B 1 15 ? -9.383  -6.092  12.130  1.00 46.01 ? 15 GLN B CG  1 
ATOM   595  C CD  . GLN B 1 15 ? -9.554  -4.774  12.846  1.00 46.51 ? 15 GLN B CD  1 
ATOM   596  O OE1 . GLN B 1 15 ? -8.820  -4.458  13.783  1.00 47.78 ? 15 GLN B OE1 1 
ATOM   597  N NE2 . GLN B 1 15 ? -10.521 -3.986  12.402  1.00 46.64 ? 15 GLN B NE2 1 
ATOM   598  N N   . LYS B 1 16 ? -5.523  -7.587  10.244  1.00 46.96 ? 16 LYS B N   1 
ATOM   599  C CA  . LYS B 1 16 ? -4.272  -7.517  9.489   1.00 47.53 ? 16 LYS B CA  1 
ATOM   600  C C   . LYS B 1 16 ? -4.205  -8.590  8.409   1.00 47.82 ? 16 LYS B C   1 
ATOM   601  O O   . LYS B 1 16 ? -3.726  -8.344  7.299   1.00 49.10 ? 16 LYS B O   1 
ATOM   602  C CB  . LYS B 1 16 ? -3.075  -7.647  10.436  1.00 42.37 ? 16 LYS B CB  1 
ATOM   603  C CG  . LYS B 1 16 ? -3.013  -6.518  11.447  1.00 42.83 ? 16 LYS B CG  1 
ATOM   604  C CD  . LYS B 1 16 ? -1.886  -6.699  12.438  1.00 44.19 ? 16 LYS B CD  1 
ATOM   605  C CE  . LYS B 1 16 ? -1.929  -5.602  13.492  1.00 43.71 ? 16 LYS B CE  1 
ATOM   606  N NZ  . LYS B 1 16 ? -0.850  -5.759  14.508  1.00 45.62 ? 16 LYS B NZ  1 
ATOM   607  N N   . ARG B 1 17 ? -4.687  -9.781  8.742   1.00 42.23 ? 17 ARG B N   1 
ATOM   608  C CA  . ARG B 1 17 ? -4.699  -10.899 7.805   1.00 42.08 ? 17 ARG B CA  1 
ATOM   609  C C   . ARG B 1 17 ? -5.597  -10.575 6.614   1.00 40.78 ? 17 ARG B C   1 
ATOM   610  O O   . ARG B 1 17 ? -5.278  -10.909 5.473   1.00 38.94 ? 17 ARG B O   1 
ATOM   611  C CB  . ARG B 1 17 ? -5.218  -12.149 8.506   1.00 68.29 ? 17 ARG B CB  1 
ATOM   612  C CG  . ARG B 1 17 ? -5.299  -13.383 7.636   1.00 72.44 ? 17 ARG B CG  1 
ATOM   613  C CD  . ARG B 1 17 ? -5.998  -14.474 8.413   1.00 76.54 ? 17 ARG B CD  1 
ATOM   614  N NE  . ARG B 1 17 ? -5.423  -14.593 9.750   1.00 79.45 ? 17 ARG B NE  1 
ATOM   615  C CZ  . ARG B 1 17 ? -6.104  -14.938 10.839  1.00 80.28 ? 17 ARG B CZ  1 
ATOM   616  N NH1 . ARG B 1 17 ? -7.403  -15.209 10.762  1.00 80.28 ? 17 ARG B NH1 1 
ATOM   617  N NH2 . ARG B 1 17 ? -5.485  -14.995 12.011  1.00 80.28 ? 17 ARG B NH2 1 
ATOM   618  N N   . ASN B 1 18 ? -6.723  -9.924  6.897   1.00 45.37 ? 18 ASN B N   1 
ATOM   619  C CA  . ASN B 1 18 ? -7.689  -9.544  5.874   1.00 45.50 ? 18 ASN B CA  1 
ATOM   620  C C   . ASN B 1 18 ? -7.157  -8.401  5.029   1.00 43.96 ? 18 ASN B C   1 
ATOM   621  O O   . ASN B 1 18 ? -7.423  -8.320  3.827   1.00 42.42 ? 18 ASN B O   1 
ATOM   622  C CB  . ASN B 1 18 ? -9.011  -9.132  6.525   1.00 50.98 ? 18 ASN B CB  1 
ATOM   623  C CG  . ASN B 1 18 ? -9.730  -10.300 7.174   1.00 55.30 ? 18 ASN B CG  1 
ATOM   624  O OD1 . ASN B 1 18 ? -10.665 -10.107 7.955   1.00 58.13 ? 18 ASN B OD1 1 
ATOM   625  N ND2 . ASN B 1 18 ? -9.306  -11.521 6.848   1.00 52.34 ? 18 ASN B ND2 1 
ATOM   626  N N   . LEU B 1 19 ? -6.418  -7.507  5.677   1.00 36.34 ? 19 LEU B N   1 
ATOM   627  C CA  . LEU B 1 19 ? -5.825  -6.376  4.991   1.00 33.83 ? 19 LEU B CA  1 
ATOM   628  C C   . LEU B 1 19 ? -4.887  -6.908  3.916   1.00 33.04 ? 19 LEU B C   1 
ATOM   629  O O   . LEU B 1 19 ? -5.025  -6.584  2.742   1.00 32.64 ? 19 LEU B O   1 
ATOM   630  C CB  . LEU B 1 19 ? -5.040  -5.526  5.983   1.00 35.49 ? 19 LEU B CB  1 
ATOM   631  C CG  . LEU B 1 19 ? -4.276  -4.333  5.404   1.00 35.03 ? 19 LEU B CG  1 
ATOM   632  C CD1 . LEU B 1 19 ? -5.235  -3.314  4.785   1.00 30.85 ? 19 LEU B CD1 1 
ATOM   633  C CD2 . LEU B 1 19 ? -3.471  -3.702  6.514   1.00 32.00 ? 19 LEU B CD2 1 
ATOM   634  N N   . VAL B 1 20 ? -3.941  -7.740  4.333   1.00 32.25 ? 20 VAL B N   1 
ATOM   635  C CA  . VAL B 1 20 ? -2.970  -8.323  3.422   1.00 34.97 ? 20 VAL B CA  1 
ATOM   636  C C   . VAL B 1 20 ? -3.651  -9.026  2.260   1.00 36.96 ? 20 VAL B C   1 
ATOM   637  O O   . VAL B 1 20 ? -3.270  -8.849  1.099   1.00 36.91 ? 20 VAL B O   1 
ATOM   638  C CB  . VAL B 1 20 ? -2.073  -9.334  4.160   1.00 33.59 ? 20 VAL B CB  1 
ATOM   639  C CG1 . VAL B 1 20 ? -1.359  -10.222 3.168   1.00 33.98 ? 20 VAL B CG1 1 
ATOM   640  C CG2 . VAL B 1 20 ? -1.066  -8.596  5.004   1.00 32.42 ? 20 VAL B CG2 1 
ATOM   641  N N   . GLU B 1 21 ? -4.663  -9.820  2.583   1.00 43.67 ? 21 GLU B N   1 
ATOM   642  C CA  . GLU B 1 21 ? -5.410  -10.577 1.588   1.00 45.68 ? 21 GLU B CA  1 
ATOM   643  C C   . GLU B 1 21 ? -6.146  -9.649  0.617   1.00 44.58 ? 21 GLU B C   1 
ATOM   644  O O   . GLU B 1 21 ? -5.929  -9.705  -0.591  1.00 45.04 ? 21 GLU B O   1 
ATOM   645  C CB  . GLU B 1 21 ? -6.396  -11.517 2.304   1.00 42.44 ? 21 GLU B CB  1 
ATOM   646  C CG  . GLU B 1 21 ? -6.890  -12.689 1.466   1.00 48.47 ? 21 GLU B CG  1 
ATOM   647  C CD  . GLU B 1 21 ? -7.701  -13.683 2.277   0.00 53.35 ? 21 GLU B CD  1 
ATOM   648  O OE1 . GLU B 1 21 ? -8.117  -14.716 1.711   0.00 53.86 ? 21 GLU B OE1 1 
ATOM   649  O OE2 . GLU B 1 21 ? -7.919  -13.435 3.482   0.00 53.86 ? 21 GLU B OE2 1 
ATOM   650  N N   . LYS B 1 22 ? -7.007  -8.789  1.146   1.00 43.63 ? 22 LYS B N   1 
ATOM   651  C CA  . LYS B 1 22 ? -7.777  -7.863  0.321   1.00 44.59 ? 22 LYS B CA  1 
ATOM   652  C C   . LYS B 1 22 ? -6.903  -6.956  -0.535  1.00 44.05 ? 22 LYS B C   1 
ATOM   653  O O   . LYS B 1 22 ? -7.134  -6.797  -1.735  1.00 43.77 ? 22 LYS B O   1 
ATOM   654  C CB  . LYS B 1 22 ? -8.683  -7.002  1.204   1.00 62.78 ? 22 LYS B CB  1 
ATOM   655  C CG  . LYS B 1 22 ? -9.915  -7.719  1.715   1.00 66.85 ? 22 LYS B CG  1 
ATOM   656  C CD  . LYS B 1 22 ? -10.863 -8.032  0.571   1.00 70.96 ? 22 LYS B CD  1 
ATOM   657  C CE  . LYS B 1 22 ? -12.091 -8.783  1.054   1.00 72.10 ? 22 LYS B CE  1 
ATOM   658  N NZ  . LYS B 1 22 ? -11.734 -10.103 1.645   1.00 72.98 ? 22 LYS B NZ  1 
ATOM   659  N N   . VAL B 1 23 ? -5.903  -6.350  0.094   1.00 44.70 ? 23 VAL B N   1 
ATOM   660  C CA  . VAL B 1 23 ? -5.003  -5.457  -0.610  1.00 42.44 ? 23 VAL B CA  1 
ATOM   661  C C   . VAL B 1 23 ? -4.261  -6.170  -1.730  1.00 41.92 ? 23 VAL B C   1 
ATOM   662  O O   . VAL B 1 23 ? -4.057  -5.599  -2.797  1.00 41.51 ? 23 VAL B O   1 
ATOM   663  C CB  . VAL B 1 23 ? -4.001  -4.816  0.362   1.00 31.76 ? 23 VAL B CB  1 
ATOM   664  C CG1 . VAL B 1 23 ? -2.804  -4.281  -0.388  1.00 31.56 ? 23 VAL B CG1 1 
ATOM   665  C CG2 . VAL B 1 23 ? -4.679  -3.688  1.095   1.00 29.74 ? 23 VAL B CG2 1 
ATOM   666  N N   . THR B 1 24 ? -3.859  -7.414  -1.490  1.00 36.55 ? 24 THR B N   1 
ATOM   667  C CA  . THR B 1 24 ? -3.149  -8.181  -2.508  1.00 36.96 ? 24 THR B CA  1 
ATOM   668  C C   . THR B 1 24 ? -4.041  -8.477  -3.720  1.00 38.52 ? 24 THR B C   1 
ATOM   669  O O   . THR B 1 24 ? -3.590  -8.388  -4.864  1.00 38.66 ? 24 THR B O   1 
ATOM   670  C CB  . THR B 1 24 ? -2.621  -9.509  -1.941  1.00 38.39 ? 24 THR B CB  1 
ATOM   671  O OG1 . THR B 1 24 ? -1.651  -9.245  -0.916  1.00 38.67 ? 24 THR B OG1 1 
ATOM   672  C CG2 . THR B 1 24 ? -1.976  -10.337 -3.046  1.00 37.45 ? 24 THR B CG2 1 
ATOM   673  N N   . GLU B 1 25 ? -5.304  -8.820  -3.469  1.00 42.66 ? 25 GLU B N   1 
ATOM   674  C CA  . GLU B 1 25 ? -6.238  -9.109  -4.554  1.00 43.73 ? 25 GLU B CA  1 
ATOM   675  C C   . GLU B 1 25 ? -6.513  -7.832  -5.337  1.00 41.91 ? 25 GLU B C   1 
ATOM   676  O O   . GLU B 1 25 ? -6.647  -7.863  -6.557  1.00 41.67 ? 25 GLU B O   1 
ATOM   677  C CB  . GLU B 1 25 ? -7.545  -9.675  -3.999  1.00 38.91 ? 25 GLU B CB  1 
ATOM   678  N N   . ALA B 1 26 ? -6.594  -6.710  -4.628  1.00 45.36 ? 26 ALA B N   1 
ATOM   679  C CA  . ALA B 1 26 ? -6.850  -5.419  -5.256  1.00 45.67 ? 26 ALA B CA  1 
ATOM   680  C C   . ALA B 1 26 ? -5.721  -5.046  -6.218  1.00 46.63 ? 26 ALA B C   1 
ATOM   681  O O   . ALA B 1 26 ? -5.953  -4.413  -7.247  1.00 46.64 ? 26 ALA B O   1 
ATOM   682  C CB  . ALA B 1 26 ? -7.004  -4.340  -4.189  1.00 26.27 ? 26 ALA B CB  1 
ATOM   683  N N   . VAL B 1 27 ? -4.499  -5.440  -5.873  1.00 43.31 ? 27 VAL B N   1 
ATOM   684  C CA  . VAL B 1 27 ? -3.335  -5.152  -6.701  1.00 42.68 ? 27 VAL B CA  1 
ATOM   685  C C   . VAL B 1 27 ? -3.329  -6.095  -7.894  1.00 44.74 ? 27 VAL B C   1 
ATOM   686  O O   . VAL B 1 27 ? -3.197  -5.668  -9.042  1.00 44.54 ? 27 VAL B O   1 
ATOM   687  C CB  . VAL B 1 27 ? -2.014  -5.325  -5.891  1.00 28.42 ? 27 VAL B CB  1 
ATOM   688  C CG1 . VAL B 1 27 ? -0.803  -5.264  -6.824  1.00 26.44 ? 27 VAL B CG1 1 
ATOM   689  C CG2 . VAL B 1 27 ? -1.909  -4.234  -4.825  1.00 22.44 ? 27 VAL B CG2 1 
ATOM   690  N N   . LYS B 1 28 ? -3.476  -7.382  -7.603  1.00 45.04 ? 28 LYS B N   1 
ATOM   691  C CA  . LYS B 1 28 ? -3.503  -8.432  -8.617  1.00 48.00 ? 28 LYS B CA  1 
ATOM   692  C C   . LYS B 1 28 ? -4.497  -8.141  -9.745  1.00 48.16 ? 28 LYS B C   1 
ATOM   693  O O   . LYS B 1 28 ? -4.147  -8.166  -10.923 1.00 48.91 ? 28 LYS B O   1 
ATOM   694  C CB  . LYS B 1 28 ? -3.876  -9.758  -7.951  1.00 60.00 ? 28 LYS B CB  1 
ATOM   695  C CG  . LYS B 1 28 ? -4.059  -10.932 -8.895  1.00 62.81 ? 28 LYS B CG  1 
ATOM   696  C CD  . LYS B 1 28 ? -4.802  -12.066 -8.190  1.00 66.59 ? 28 LYS B CD  1 
ATOM   697  C CE  . LYS B 1 28 ? -4.859  -13.338 -9.032  1.00 67.29 ? 28 LYS B CE  1 
ATOM   698  N NZ  . LYS B 1 28 ? -3.517  -13.968 -9.187  1.00 69.43 ? 28 LYS B NZ  1 
ATOM   699  N N   . GLU B 1 29 ? -5.737  -7.862  -9.370  1.00 49.92 ? 29 GLU B N   1 
ATOM   700  C CA  . GLU B 1 29 ? -6.798  -7.603  -10.334 1.00 51.59 ? 29 GLU B CA  1 
ATOM   701  C C   . GLU B 1 29 ? -6.744  -6.244  -11.012 1.00 50.92 ? 29 GLU B C   1 
ATOM   702  O O   . GLU B 1 29 ? -7.395  -6.037  -12.037 1.00 50.74 ? 29 GLU B O   1 
ATOM   703  C CB  . GLU B 1 29 ? -8.166  -7.781  -9.654  1.00 53.38 ? 29 GLU B CB  1 
ATOM   704  N N   . THR B 1 30 ? -5.958  -5.324  -10.467 1.00 47.20 ? 30 THR B N   1 
ATOM   705  C CA  . THR B 1 30 ? -5.907  -3.980  -11.021 1.00 45.47 ? 30 THR B CA  1 
ATOM   706  C C   . THR B 1 30 ? -4.628  -3.587  -11.775 1.00 45.09 ? 30 THR B C   1 
ATOM   707  O O   . THR B 1 30 ? -4.596  -2.547  -12.435 1.00 44.65 ? 30 THR B O   1 
ATOM   708  C CB  . THR B 1 30 ? -6.186  -2.952  -9.895  1.00 41.77 ? 30 THR B CB  1 
ATOM   709  O OG1 . THR B 1 30 ? -6.796  -1.783  -10.449 1.00 47.91 ? 30 THR B OG1 1 
ATOM   710  C CG2 . THR B 1 30 ? -4.895  -2.566  -9.192  1.00 39.85 ? 30 THR B CG2 1 
ATOM   711  N N   . THR B 1 31 ? -3.589  -4.414  -11.692 1.00 43.23 ? 31 THR B N   1 
ATOM   712  C CA  . THR B 1 31 ? -2.321  -4.116  -12.363 1.00 43.13 ? 31 THR B CA  1 
ATOM   713  C C   . THR B 1 31 ? -1.810  -5.254  -13.236 1.00 44.82 ? 31 THR B C   1 
ATOM   714  O O   . THR B 1 31 ? -0.893  -5.064  -14.042 1.00 44.30 ? 31 THR B O   1 
ATOM   715  C CB  . THR B 1 31 ? -1.203  -3.814  -11.352 1.00 39.67 ? 31 THR B CB  1 
ATOM   716  O OG1 . THR B 1 31 ? -0.808  -5.031  -10.694 1.00 36.50 ? 31 THR B OG1 1 
ATOM   717  C CG2 . THR B 1 31 ? -1.679  -2.810  -10.326 1.00 36.03 ? 31 THR B CG2 1 
ATOM   718  N N   . GLY B 1 32 ? -2.383  -6.439  -13.053 1.00 49.83 ? 32 GLY B N   1 
ATOM   719  C CA  . GLY B 1 32 ? -1.963  -7.583  -13.834 1.00 51.28 ? 32 GLY B CA  1 
ATOM   720  C C   . GLY B 1 32 ? -0.856  -8.380  -13.180 1.00 53.05 ? 32 GLY B C   1 
ATOM   721  O O   . GLY B 1 32 ? -0.524  -9.471  -13.634 1.00 54.45 ? 32 GLY B O   1 
ATOM   722  N N   . ALA B 1 33 ? -0.278  -7.849  -12.110 1.00 51.79 ? 33 ALA B N   1 
ATOM   723  C CA  . ALA B 1 33 ? 0.799   -8.547  -11.419 1.00 51.95 ? 33 ALA B CA  1 
ATOM   724  C C   . ALA B 1 33 ? 0.328   -9.885  -10.850 1.00 53.09 ? 33 ALA B C   1 
ATOM   725  O O   . ALA B 1 33 ? -0.846  -10.059 -10.528 1.00 52.81 ? 33 ALA B O   1 
ATOM   726  C CB  . ALA B 1 33 ? 1.350   -7.671  -10.306 1.00 52.23 ? 33 ALA B CB  1 
ATOM   727  N N   . SER B 1 34 ? 1.254   -10.832 -10.730 1.00 60.88 ? 34 SER B N   1 
ATOM   728  C CA  . SER B 1 34 ? 0.942   -12.150 -10.190 1.00 62.10 ? 34 SER B CA  1 
ATOM   729  C C   . SER B 1 34 ? 1.221   -12.202 -8.686  1.00 62.82 ? 34 SER B C   1 
ATOM   730  O O   . SER B 1 34 ? 2.206   -11.645 -8.202  1.00 63.55 ? 34 SER B O   1 
ATOM   731  C CB  . SER B 1 34 ? 1.756   -13.218 -10.920 1.00 69.99 ? 34 SER B CB  1 
ATOM   732  O OG  . SER B 1 34 ? 3.119   -12.843 -11.007 1.00 72.62 ? 34 SER B OG  1 
ATOM   733  N N   . GLU B 1 35 ? 0.339   -12.888 -7.963  1.00 56.72 ? 35 GLU B N   1 
ATOM   734  C CA  . GLU B 1 35 ? 0.417   -13.032 -6.513  1.00 54.54 ? 35 GLU B CA  1 
ATOM   735  C C   . GLU B 1 35 ? 1.784   -13.225 -5.870  1.00 53.09 ? 35 GLU B C   1 
ATOM   736  O O   . GLU B 1 35 ? 2.087   -12.574 -4.873  1.00 52.37 ? 35 GLU B O   1 
ATOM   737  C CB  . GLU B 1 35 ? -0.495  -14.170 -6.059  1.00 82.54 ? 35 GLU B CB  1 
ATOM   738  C CG  . GLU B 1 35 ? -1.969  -13.861 -6.187  1.00 85.08 ? 35 GLU B CG  1 
ATOM   739  C CD  . GLU B 1 35 ? -2.836  -14.965 -5.624  1.00 85.98 ? 35 GLU B CD  1 
ATOM   740  O OE1 . GLU B 1 35 ? -4.076  -14.810 -5.633  1.00 85.98 ? 35 GLU B OE1 1 
ATOM   741  O OE2 . GLU B 1 35 ? -2.276  -15.989 -5.172  1.00 85.98 ? 35 GLU B OE2 1 
ATOM   742  N N   . GLU B 1 36 ? 2.603   -14.121 -6.407  1.00 48.20 ? 36 GLU B N   1 
ATOM   743  C CA  . GLU B 1 36 ? 3.911   -14.355 -5.806  1.00 48.21 ? 36 GLU B CA  1 
ATOM   744  C C   . GLU B 1 36 ? 4.878   -13.209 -6.063  1.00 46.75 ? 36 GLU B C   1 
ATOM   745  O O   . GLU B 1 36 ? 6.038   -13.262 -5.657  1.00 45.79 ? 36 GLU B O   1 
ATOM   746  C CB  . GLU B 1 36 ? 4.522   -15.671 -6.308  1.00 71.54 ? 36 GLU B CB  1 
ATOM   747  C CG  . GLU B 1 36 ? 4.948   -15.684 -7.764  1.00 74.40 ? 36 GLU B CG  1 
ATOM   748  C CD  . GLU B 1 36 ? 3.784   -15.544 -8.719  1.00 76.70 ? 36 GLU B CD  1 
ATOM   749  O OE1 . GLU B 1 36 ? 2.744   -16.202 -8.495  1.00 76.70 ? 36 GLU B OE1 1 
ATOM   750  O OE2 . GLU B 1 36 ? 3.917   -14.785 -9.701  1.00 76.70 ? 36 GLU B OE2 1 
ATOM   751  N N   . LYS B 1 37 ? 4.391   -12.176 -6.742  1.00 50.95 ? 37 LYS B N   1 
ATOM   752  C CA  . LYS B 1 37 ? 5.199   -11.004 -7.048  1.00 49.81 ? 37 LYS B CA  1 
ATOM   753  C C   . LYS B 1 37 ? 4.626   -9.796  -6.303  1.00 47.49 ? 37 LYS B C   1 
ATOM   754  O O   . LYS B 1 37 ? 5.100   -8.672  -6.463  1.00 46.94 ? 37 LYS B O   1 
ATOM   755  C CB  . LYS B 1 37 ? 5.195   -10.737 -8.556  1.00 56.95 ? 37 LYS B CB  1 
ATOM   756  C CG  . LYS B 1 37 ? 5.826   -11.834 -9.406  1.00 60.59 ? 37 LYS B CG  1 
ATOM   757  C CD  . LYS B 1 37 ? 7.340   -11.782 -9.378  0.00 63.25 ? 37 LYS B CD  1 
ATOM   758  C CE  . LYS B 1 37 ? 7.927   -12.770 -10.372 0.00 64.88 ? 37 LYS B CE  1 
ATOM   759  N NZ  . LYS B 1 37 ? 9.410   -12.683 -10.444 0.00 64.88 ? 37 LYS B NZ  1 
ATOM   760  N N   . ILE B 1 38 ? 3.598   -10.031 -5.491  1.00 39.84 ? 38 ILE B N   1 
ATOM   761  C CA  . ILE B 1 38 ? 2.974   -8.963  -4.722  1.00 37.32 ? 38 ILE B CA  1 
ATOM   762  C C   . ILE B 1 38 ? 3.363   -9.080  -3.246  1.00 37.24 ? 38 ILE B C   1 
ATOM   763  O O   . ILE B 1 38 ? 3.067   -10.083 -2.592  1.00 36.69 ? 38 ILE B O   1 
ATOM   764  C CB  . ILE B 1 38 ? 1.443   -9.018  -4.842  1.00 33.62 ? 38 ILE B CB  1 
ATOM   765  C CG1 . ILE B 1 38 ? 1.034   -8.870  -6.312  1.00 31.46 ? 38 ILE B CG1 1 
ATOM   766  C CG2 . ILE B 1 38 ? 0.814   -7.917  -3.983  1.00 32.49 ? 38 ILE B CG2 1 
ATOM   767  C CD1 . ILE B 1 38 ? -0.471  -8.949  -6.547  1.00 30.05 ? 38 ILE B CD1 1 
ATOM   768  N N   . VAL B 1 39 ? 4.031   -8.048  -2.732  1.00 35.68 ? 39 VAL B N   1 
ATOM   769  C CA  . VAL B 1 39 ? 4.484   -8.020  -1.345  1.00 33.71 ? 39 VAL B CA  1 
ATOM   770  C C   . VAL B 1 39 ? 3.793   -6.911  -0.555  1.00 34.02 ? 39 VAL B C   1 
ATOM   771  O O   . VAL B 1 39 ? 3.631   -5.794  -1.047  1.00 33.94 ? 39 VAL B O   1 
ATOM   772  C CB  . VAL B 1 39 ? 6.005   -7.792  -1.273  1.00 31.27 ? 39 VAL B CB  1 
ATOM   773  C CG1 . VAL B 1 39 ? 6.471   -7.722  0.173   1.00 30.41 ? 39 VAL B CG1 1 
ATOM   774  C CG2 . VAL B 1 39 ? 6.714   -8.909  -1.995  1.00 31.58 ? 39 VAL B CG2 1 
ATOM   775  N N   . VAL B 1 40 ? 3.385   -7.228  0.671   1.00 32.57 ? 40 VAL B N   1 
ATOM   776  C CA  . VAL B 1 40 ? 2.725   -6.246  1.511   1.00 30.94 ? 40 VAL B CA  1 
ATOM   777  C C   . VAL B 1 40 ? 3.445   -6.061  2.840   1.00 31.18 ? 40 VAL B C   1 
ATOM   778  O O   . VAL B 1 40 ? 3.733   -7.027  3.545   1.00 31.95 ? 40 VAL B O   1 
ATOM   779  C CB  . VAL B 1 40 ? 1.270   -6.647  1.805   1.00 22.74 ? 40 VAL B CB  1 
ATOM   780  C CG1 . VAL B 1 40 ? 0.618   -5.594  2.675   1.00 20.89 ? 40 VAL B CG1 1 
ATOM   781  C CG2 . VAL B 1 40 ? 0.498   -6.798  0.504   1.00 19.99 ? 40 VAL B CG2 1 
ATOM   782  N N   . PHE B 1 41 ? 3.749   -4.812  3.171   1.00 29.27 ? 41 PHE B N   1 
ATOM   783  C CA  . PHE B 1 41 ? 4.408   -4.496  4.430   1.00 28.47 ? 41 PHE B CA  1 
ATOM   784  C C   . PHE B 1 41 ? 3.393   -3.760  5.285   1.00 28.41 ? 41 PHE B C   1 
ATOM   785  O O   . PHE B 1 41 ? 2.656   -2.908  4.790   1.00 28.54 ? 41 PHE B O   1 
ATOM   786  C CB  . PHE B 1 41 ? 5.605   -3.559  4.233   1.00 26.48 ? 41 PHE B CB  1 
ATOM   787  C CG  . PHE B 1 41 ? 6.661   -4.092  3.319   1.00 29.73 ? 41 PHE B CG  1 
ATOM   788  C CD1 . PHE B 1 41 ? 6.602   -3.855  1.948   1.00 30.81 ? 41 PHE B CD1 1 
ATOM   789  C CD2 . PHE B 1 41 ? 7.733   -4.821  3.830   1.00 28.81 ? 41 PHE B CD2 1 
ATOM   790  C CE1 . PHE B 1 41 ? 7.602   -4.338  1.095   1.00 31.12 ? 41 PHE B CE1 1 
ATOM   791  C CE2 . PHE B 1 41 ? 8.735   -5.307  2.990   1.00 29.31 ? 41 PHE B CE2 1 
ATOM   792  C CZ  . PHE B 1 41 ? 8.671   -5.065  1.620   1.00 29.13 ? 41 PHE B CZ  1 
ATOM   793  N N   . ILE B 1 42 ? 3.348   -4.099  6.565   1.00 27.57 ? 42 ILE B N   1 
ATOM   794  C CA  . ILE B 1 42 ? 2.448   -3.420  7.480   1.00 27.28 ? 42 ILE B CA  1 
ATOM   795  C C   . ILE B 1 42 ? 3.303   -2.624  8.462   1.00 28.49 ? 42 ILE B C   1 
ATOM   796  O O   . ILE B 1 42 ? 4.232   -3.166  9.064   1.00 27.75 ? 42 ILE B O   1 
ATOM   797  C CB  . ILE B 1 42 ? 1.575   -4.406  8.272   1.00 25.40 ? 42 ILE B CB  1 
ATOM   798  C CG1 . ILE B 1 42 ? 0.697   -5.212  7.311   1.00 26.99 ? 42 ILE B CG1 1 
ATOM   799  C CG2 . ILE B 1 42 ? 0.699   -3.640  9.254   1.00 21.89 ? 42 ILE B CG2 1 
ATOM   800  C CD1 . ILE B 1 42 ? -0.153  -6.296  7.988   1.00 26.15 ? 42 ILE B CD1 1 
ATOM   801  N N   . GLU B 1 43 ? 3.001   -1.337  8.600   1.00 30.30 ? 43 GLU B N   1 
ATOM   802  C CA  . GLU B 1 43 ? 3.726   -0.462  9.516   1.00 32.44 ? 43 GLU B CA  1 
ATOM   803  C C   . GLU B 1 43 ? 2.742   0.233   10.450  1.00 33.71 ? 43 GLU B C   1 
ATOM   804  O O   . GLU B 1 43 ? 1.828   0.935   10.004  1.00 33.70 ? 43 GLU B O   1 
ATOM   805  C CB  . GLU B 1 43 ? 4.542   0.566   8.732   1.00 33.94 ? 43 GLU B CB  1 
ATOM   806  C CG  . GLU B 1 43 ? 5.820   -0.014  8.146   1.00 37.26 ? 43 GLU B CG  1 
ATOM   807  C CD  . GLU B 1 43 ? 6.495   0.916   7.166   1.00 38.01 ? 43 GLU B CD  1 
ATOM   808  O OE1 . GLU B 1 43 ? 6.440   2.147   7.374   1.00 37.14 ? 43 GLU B OE1 1 
ATOM   809  O OE2 . GLU B 1 43 ? 7.088   0.409   6.189   1.00 42.02 ? 43 GLU B OE2 1 
ATOM   810  N N   . GLU B 1 44 ? 2.924   0.025   11.749  1.00 36.05 ? 44 GLU B N   1 
ATOM   811  C CA  . GLU B 1 44 ? 2.041   0.617   12.745  1.00 36.86 ? 44 GLU B CA  1 
ATOM   812  C C   . GLU B 1 44 ? 2.627   1.840   13.424  1.00 36.95 ? 44 GLU B C   1 
ATOM   813  O O   . GLU B 1 44 ? 3.801   1.857   13.771  1.00 38.14 ? 44 GLU B O   1 
ATOM   814  C CB  . GLU B 1 44 ? 1.686   -0.431  13.788  1.00 37.17 ? 44 GLU B CB  1 
ATOM   815  C CG  . GLU B 1 44 ? 0.754   -1.495  13.258  1.00 38.41 ? 44 GLU B CG  1 
ATOM   816  C CD  . GLU B 1 44 ? 0.401   -2.507  14.311  1.00 40.41 ? 44 GLU B CD  1 
ATOM   817  O OE1 . GLU B 1 44 ? -0.751  -2.985  14.315  1.00 42.01 ? 44 GLU B OE1 1 
ATOM   818  O OE2 . GLU B 1 44 ? 1.282   -2.825  15.136  1.00 44.90 ? 44 GLU B OE2 1 
ATOM   819  N N   . MET B 1 45 ? 1.798   2.862   13.611  1.00 31.37 ? 45 MET B N   1 
ATOM   820  C CA  . MET B 1 45 ? 2.222   4.104   14.254  1.00 31.52 ? 45 MET B CA  1 
ATOM   821  C C   . MET B 1 45 ? 1.623   4.250   15.649  1.00 31.06 ? 45 MET B C   1 
ATOM   822  O O   . MET B 1 45 ? 0.604   3.638   15.964  1.00 30.10 ? 45 MET B O   1 
ATOM   823  C CB  . MET B 1 45 ? 1.765   5.313   13.440  1.00 39.50 ? 45 MET B CB  1 
ATOM   824  C CG  . MET B 1 45 ? 2.174   5.334   11.996  1.00 41.38 ? 45 MET B CG  1 
ATOM   825  S SD  . MET B 1 45 ? 1.488   6.817   11.210  1.00 46.99 ? 45 MET B SD  1 
ATOM   826  C CE  . MET B 1 45 ? -0.215  6.267   10.777  1.00 40.71 ? 45 MET B CE  1 
ATOM   827  N N   . ARG B 1 46 ? 2.265   5.082   16.463  1.00 36.07 ? 46 ARG B N   1 
ATOM   828  C CA  . ARG B 1 46 ? 1.811   5.394   17.818  1.00 37.26 ? 46 ARG B CA  1 
ATOM   829  C C   . ARG B 1 46 ? 1.132   6.756   17.719  1.00 36.53 ? 46 ARG B C   1 
ATOM   830  O O   . ARG B 1 46 ? 1.568   7.606   16.933  1.00 34.55 ? 46 ARG B O   1 
ATOM   831  C CB  . ARG B 1 46 ? 3.001   5.499   18.772  1.00 46.82 ? 46 ARG B CB  1 
ATOM   832  C CG  . ARG B 1 46 ? 3.500   4.179   19.310  1.00 52.47 ? 46 ARG B CG  1 
ATOM   833  C CD  . ARG B 1 46 ? 4.937   4.295   19.818  1.00 56.25 ? 46 ARG B CD  1 
ATOM   834  N NE  . ARG B 1 46 ? 5.128   5.374   20.786  1.00 60.15 ? 46 ARG B NE  1 
ATOM   835  C CZ  . ARG B 1 46 ? 6.296   5.668   21.356  1.00 61.77 ? 46 ARG B CZ  1 
ATOM   836  N NH1 . ARG B 1 46 ? 7.378   4.960   21.056  1.00 62.32 ? 46 ARG B NH1 1 
ATOM   837  N NH2 . ARG B 1 46 ? 6.390   6.666   22.227  1.00 59.61 ? 46 ARG B NH2 1 
ATOM   838  N N   . LYS B 1 47 ? 0.076   6.972   18.499  1.00 34.67 ? 47 LYS B N   1 
ATOM   839  C CA  . LYS B 1 47 ? -0.636  8.250   18.464  1.00 34.00 ? 47 LYS B CA  1 
ATOM   840  C C   . LYS B 1 47 ? 0.283   9.412   18.823  1.00 32.42 ? 47 LYS B C   1 
ATOM   841  O O   . LYS B 1 47 ? 0.036   10.553  18.431  1.00 31.48 ? 47 LYS B O   1 
ATOM   842  C CB  . LYS B 1 47 ? -1.834  8.232   19.420  1.00 43.32 ? 47 LYS B CB  1 
ATOM   843  C CG  . LYS B 1 47 ? -2.938  7.257   19.031  1.00 45.48 ? 47 LYS B CG  1 
ATOM   844  C CD  . LYS B 1 47 ? -4.000  7.183   20.117  1.00 49.77 ? 47 LYS B CD  1 
ATOM   845  C CE  . LYS B 1 47 ? -4.957  6.000   19.935  1.00 50.65 ? 47 LYS B CE  1 
ATOM   846  N NZ  . LYS B 1 47 ? -5.897  6.164   18.793  1.00 52.23 ? 47 LYS B NZ  1 
ATOM   847  N N   . ASP B 1 48 ? 1.353   9.124   19.554  1.00 31.89 ? 48 ASP B N   1 
ATOM   848  C CA  . ASP B 1 48 ? 2.275   10.180  19.952  1.00 33.06 ? 48 ASP B CA  1 
ATOM   849  C C   . ASP B 1 48 ? 3.409   10.375  18.948  1.00 32.44 ? 48 ASP B C   1 
ATOM   850  O O   . ASP B 1 48 ? 4.325   11.164  19.179  1.00 33.96 ? 48 ASP B O   1 
ATOM   851  C CB  . ASP B 1 48 ? 2.834   9.888   21.347  1.00 35.55 ? 48 ASP B CB  1 
ATOM   852  C CG  . ASP B 1 48 ? 3.696   8.640   21.388  1.00 38.57 ? 48 ASP B CG  1 
ATOM   853  O OD1 . ASP B 1 48 ? 3.524   7.757   20.525  1.00 38.77 ? 48 ASP B OD1 1 
ATOM   854  O OD2 . ASP B 1 48 ? 4.539   8.539   22.302  1.00 41.08 ? 48 ASP B OD2 1 
ATOM   855  N N   . HIS B 1 49 ? 3.330   9.662   17.829  1.00 37.08 ? 49 HIS B N   1 
ATOM   856  C CA  . HIS B 1 49 ? 4.333   9.748   16.772  1.00 38.71 ? 49 HIS B CA  1 
ATOM   857  C C   . HIS B 1 49 ? 3.695   10.166  15.445  1.00 39.34 ? 49 HIS B C   1 
ATOM   858  O O   . HIS B 1 49 ? 4.348   10.156  14.400  1.00 39.96 ? 49 HIS B O   1 
ATOM   859  C CB  . HIS B 1 49 ? 5.028   8.392   16.600  1.00 36.59 ? 49 HIS B CB  1 
ATOM   860  C CG  . HIS B 1 49 ? 6.168   8.176   17.545  1.00 39.03 ? 49 HIS B CG  1 
ATOM   861  N ND1 . HIS B 1 49 ? 6.307   8.882   18.719  1.00 41.25 ? 49 HIS B ND1 1 
ATOM   862  C CD2 . HIS B 1 49 ? 7.225   7.332   17.488  1.00 41.09 ? 49 HIS B CD2 1 
ATOM   863  C CE1 . HIS B 1 49 ? 7.400   8.487   19.344  1.00 39.25 ? 49 HIS B CE1 1 
ATOM   864  N NE2 . HIS B 1 49 ? 7.977   7.546   18.618  1.00 40.83 ? 49 HIS B NE2 1 
ATOM   865  N N   . TYR B 1 50 ? 2.420   10.543  15.507  1.00 36.51 ? 50 TYR B N   1 
ATOM   866  C CA  . TYR B 1 50 ? 1.659   10.946  14.328  1.00 35.16 ? 50 TYR B CA  1 
ATOM   867  C C   . TYR B 1 50 ? 0.910   12.245  14.589  1.00 35.75 ? 50 TYR B C   1 
ATOM   868  O O   . TYR B 1 50 ? 0.098   12.333  15.517  1.00 34.42 ? 50 TYR B O   1 
ATOM   869  C CB  . TYR B 1 50 ? 0.666   9.847   13.974  1.00 36.69 ? 50 TYR B CB  1 
ATOM   870  C CG  . TYR B 1 50 ? -0.284  10.206  12.867  1.00 39.24 ? 50 TYR B CG  1 
ATOM   871  C CD1 . TYR B 1 50 ? 0.187   10.516  11.593  1.00 39.70 ? 50 TYR B CD1 1 
ATOM   872  C CD2 . TYR B 1 50 ? -1.661  10.212  13.082  1.00 40.59 ? 50 TYR B CD2 1 
ATOM   873  C CE1 . TYR B 1 50 ? -0.691  10.819  10.560  1.00 41.60 ? 50 TYR B CE1 1 
ATOM   874  C CE2 . TYR B 1 50 ? -2.549  10.512  12.054  1.00 41.79 ? 50 TYR B CE2 1 
ATOM   875  C CZ  . TYR B 1 50 ? -2.055  10.814  10.797  1.00 41.79 ? 50 TYR B CZ  1 
ATOM   876  O OH  . TYR B 1 50 ? -2.922  11.106  9.774   1.00 42.22 ? 50 TYR B OH  1 
ATOM   877  N N   . ALA B 1 51 ? 1.158   13.251  13.759  1.00 33.24 ? 51 ALA B N   1 
ATOM   878  C CA  . ALA B 1 51 ? 0.509   14.530  13.959  1.00 32.42 ? 51 ALA B CA  1 
ATOM   879  C C   . ALA B 1 51 ? -0.143  15.125  12.727  1.00 33.24 ? 51 ALA B C   1 
ATOM   880  O O   . ALA B 1 51 ? 0.293   14.908  11.596  1.00 32.66 ? 51 ALA B O   1 
ATOM   881  C CB  . ALA B 1 51 ? 1.507   15.521  14.534  1.00 18.85 ? 51 ALA B CB  1 
ATOM   882  N N   . VAL B 1 52 ? -1.200  15.883  12.978  1.00 39.62 ? 52 VAL B N   1 
ATOM   883  C CA  . VAL B 1 52 ? -1.936  16.566  11.935  1.00 41.72 ? 52 VAL B CA  1 
ATOM   884  C C   . VAL B 1 52 ? -2.221  17.968  12.454  1.00 43.89 ? 52 VAL B C   1 
ATOM   885  O O   . VAL B 1 52 ? -2.650  18.143  13.596  1.00 44.46 ? 52 VAL B O   1 
ATOM   886  C CB  . VAL B 1 52 ? -3.247  15.853  11.631  1.00 33.58 ? 52 VAL B CB  1 
ATOM   887  C CG1 . VAL B 1 52 ? -3.976  16.574  10.522  1.00 34.07 ? 52 VAL B CG1 1 
ATOM   888  C CG2 . VAL B 1 52 ? -2.964  14.406  11.229  1.00 34.77 ? 52 VAL B CG2 1 
ATOM   889  N N   . ALA B 1 53 ? -1.950  18.965  11.620  1.00 47.06 ? 53 ALA B N   1 
ATOM   890  C CA  . ALA B 1 53 ? -2.162  20.358  11.986  1.00 48.12 ? 53 ALA B CA  1 
ATOM   891  C C   . ALA B 1 53 ? -1.350  20.735  13.218  1.00 49.05 ? 53 ALA B C   1 
ATOM   892  O O   . ALA B 1 53 ? -1.826  21.466  14.085  1.00 49.78 ? 53 ALA B O   1 
ATOM   893  C CB  . ALA B 1 53 ? -3.644  20.620  12.235  1.00 36.86 ? 53 ALA B CB  1 
ATOM   894  N N   . GLY B 1 54 ? -0.124  20.227  13.291  1.00 44.88 ? 54 GLY B N   1 
ATOM   895  C CA  . GLY B 1 54 ? 0.758   20.539  14.404  1.00 42.92 ? 54 GLY B CA  1 
ATOM   896  C C   . GLY B 1 54 ? 0.406   19.906  15.734  1.00 43.15 ? 54 GLY B C   1 
ATOM   897  O O   . GLY B 1 54 ? 1.032   20.203  16.753  1.00 44.07 ? 54 GLY B O   1 
ATOM   898  N N   . LYS B 1 55 ? -0.589  19.029  15.733  1.00 40.84 ? 55 LYS B N   1 
ATOM   899  C CA  . LYS B 1 55 ? -1.015  18.361  16.956  1.00 40.11 ? 55 LYS B CA  1 
ATOM   900  C C   . LYS B 1 55 ? -0.932  16.846  16.850  1.00 39.04 ? 55 LYS B C   1 
ATOM   901  O O   . LYS B 1 55 ? -1.608  16.232  16.013  1.00 37.62 ? 55 LYS B O   1 
ATOM   902  C CB  . LYS B 1 55 ? -2.456  18.751  17.292  1.00 53.54 ? 55 LYS B CB  1 
ATOM   903  C CG  . LYS B 1 55 ? -2.600  20.006  18.125  1.00 59.53 ? 55 LYS B CG  1 
ATOM   904  C CD  . LYS B 1 55 ? -2.166  19.760  19.563  1.00 62.81 ? 55 LYS B CD  1 
ATOM   905  C CE  . LYS B 1 55 ? -2.518  20.942  20.458  1.00 64.48 ? 55 LYS B CE  1 
ATOM   906  N NZ  . LYS B 1 55 ? -2.140  20.703  21.883  1.00 65.97 ? 55 LYS B NZ  1 
ATOM   907  N N   . ARG B 1 56 ? -0.102  16.237  17.691  1.00 33.18 ? 56 ARG B N   1 
ATOM   908  C CA  . ARG B 1 56 ? -0.003  14.786  17.695  1.00 33.21 ? 56 ARG B CA  1 
ATOM   909  C C   . ARG B 1 56 ? -1.381  14.297  18.124  1.00 33.61 ? 56 ARG B C   1 
ATOM   910  O O   . ARG B 1 56 ? -2.089  14.999  18.851  1.00 33.21 ? 56 ARG B O   1 
ATOM   911  C CB  . ARG B 1 56 ? 1.034   14.314  18.708  1.00 40.36 ? 56 ARG B CB  1 
ATOM   912  C CG  . ARG B 1 56 ? 2.446   14.719  18.389  1.00 44.39 ? 56 ARG B CG  1 
ATOM   913  C CD  . ARG B 1 56 ? 3.389   14.193  19.444  1.00 46.14 ? 56 ARG B CD  1 
ATOM   914  N NE  . ARG B 1 56 ? 3.103   14.784  20.746  1.00 50.07 ? 56 ARG B NE  1 
ATOM   915  C CZ  . ARG B 1 56 ? 3.690   14.416  21.878  1.00 51.58 ? 56 ARG B CZ  1 
ATOM   916  N NH1 . ARG B 1 56 ? 4.603   13.452  21.868  1.00 50.62 ? 56 ARG B NH1 1 
ATOM   917  N NH2 . ARG B 1 56 ? 3.365   15.009  23.020  1.00 52.13 ? 56 ARG B NH2 1 
ATOM   918  N N   . LEU B 1 57 ? -1.768  13.109  17.675  1.00 35.88 ? 57 LEU B N   1 
ATOM   919  C CA  . LEU B 1 57 ? -3.073  12.562  18.032  1.00 37.36 ? 57 LEU B CA  1 
ATOM   920  C C   . LEU B 1 57 ? -3.199  12.403  19.541  1.00 38.09 ? 57 LEU B C   1 
ATOM   921  O O   . LEU B 1 57 ? -4.257  12.636  20.126  1.00 37.76 ? 57 LEU B O   1 
ATOM   922  C CB  . LEU B 1 57 ? -3.277  11.205  17.354  1.00 43.33 ? 57 LEU B CB  1 
ATOM   923  C CG  . LEU B 1 57 ? -4.177  11.171  16.116  1.00 45.01 ? 57 LEU B CG  1 
ATOM   924  C CD1 . LEU B 1 57 ? -3.752  12.234  15.100  1.00 44.29 ? 57 LEU B CD1 1 
ATOM   925  C CD2 . LEU B 1 57 ? -4.110  9.782   15.510  1.00 45.29 ? 57 LEU B CD2 1 
ATOM   926  N N   . SER B 1 58 ? -2.096  12.008  20.159  1.00 39.59 ? 58 SER B N   1 
ATOM   927  C CA  . SER B 1 58 ? -2.039  11.790  21.592  1.00 39.67 ? 58 SER B CA  1 
ATOM   928  C C   . SER B 1 58 ? -2.308  13.063  22.378  1.00 40.73 ? 58 SER B C   1 
ATOM   929  O O   . SER B 1 58 ? -2.679  13.003  23.544  1.00 41.42 ? 58 SER B O   1 
ATOM   930  C CB  . SER B 1 58 ? -0.663  11.244  21.965  1.00 32.34 ? 58 SER B CB  1 
ATOM   931  O OG  . SER B 1 58 ? 0.345   12.177  21.607  1.00 30.91 ? 58 SER B OG  1 
ATOM   932  N N   . ASP B 1 59 ? -2.114  14.210  21.736  1.00 42.41 ? 59 ASP B N   1 
ATOM   933  C CA  . ASP B 1 59 ? -2.315  15.505  22.378  1.00 44.18 ? 59 ASP B CA  1 
ATOM   934  C C   . ASP B 1 59 ? -3.632  16.161  22.006  1.00 46.61 ? 59 ASP B C   1 
ATOM   935  O O   . ASP B 1 59 ? -3.889  17.302  22.387  1.00 47.20 ? 59 ASP B O   1 
ATOM   936  C CB  . ASP B 1 59 ? -1.181  16.455  22.004  1.00 40.39 ? 59 ASP B CB  1 
ATOM   937  C CG  . ASP B 1 59 ? 0.093   16.157  22.745  1.00 41.96 ? 59 ASP B CG  1 
ATOM   938  O OD1 . ASP B 1 59 ? 1.151   16.679  22.333  1.00 41.23 ? 59 ASP B OD1 1 
ATOM   939  O OD2 . ASP B 1 59 ? 0.036   15.408  23.744  1.00 44.11 ? 59 ASP B OD2 1 
ATOM   940  N N   . MET B 1 60 ? -4.470  15.453  21.266  1.00 44.86 ? 60 MET B N   1 
ATOM   941  C CA  . MET B 1 60 ? -5.734  16.029  20.857  1.00 49.11 ? 60 MET B CA  1 
ATOM   942  C C   . MET B 1 60 ? -6.821  15.884  21.917  1.00 50.85 ? 60 MET B C   1 
ATOM   943  O O   . MET B 1 60 ? -7.027  14.804  22.474  1.00 51.80 ? 60 MET B O   1 
ATOM   944  C CB  . MET B 1 60 ? -6.163  15.417  19.525  1.00 76.26 ? 60 MET B CB  1 
ATOM   945  C CG  . MET B 1 60 ? -5.069  15.551  18.476  1.00 79.18 ? 60 MET B CG  1 
ATOM   946  S SD  . MET B 1 60 ? -5.557  15.155  16.797  1.00 81.80 ? 60 MET B SD  1 
ATOM   947  C CE  . MET B 1 60 ? -4.667  16.429  15.861  1.00 81.24 ? 60 MET B CE  1 
ATOM   948  N N   . GLU B 1 61 ? -7.503  16.992  22.200  1.00 66.74 ? 61 GLU B N   1 
ATOM   949  C CA  . GLU B 1 61 ? -8.565  17.015  23.196  1.00 67.58 ? 61 GLU B CA  1 
ATOM   950  C C   . GLU B 1 61 ? -9.895  17.434  22.568  1.00 66.89 ? 61 GLU B C   1 
ATOM   951  O O   . GLU B 1 61 ? -9.891  17.851  21.391  1.00 51.52 ? 61 GLU B O   1 
ATOM   952  C CB  . GLU B 1 61 ? -8.188  17.977  24.333  1.00 64.78 ? 61 GLU B CB  1 
ATOM   953  C CG  . GLU B 1 61 ? -9.193  18.012  25.484  1.00 20.88 ? 61 GLU B CG  1 
ATOM   954  C CD  . GLU B 1 61 ? -8.760  18.925  26.642  1.00 20.88 ? 61 GLU B CD  1 
ATOM   955  O OE1 . GLU B 1 61 ? -7.890  19.827  26.420  1.00 20.88 ? 61 GLU B OE1 1 
ATOM   956  O OE2 . GLU B 1 61 ? -9.309  18.743  27.770  1.00 20.88 ? 61 GLU B OE2 1 
ATOM   957  O OXT . GLU B 1 61 ? -10.928 17.339  23.261  1.00 41.01 ? 61 GLU B OXT 1 
HETATM 958  O O   . HOH C 2 .  ? 3.340   1.665   -13.725 1.00 22.82 ? 62 HOH A O   1 
HETATM 959  O O   . HOH C 2 .  ? 2.766   4.069   2.995   1.00 30.72 ? 63 HOH A O   1 
HETATM 960  O O   . HOH C 2 .  ? 5.792   -4.449  -10.572 1.00 36.74 ? 64 HOH A O   1 
HETATM 961  O O   . HOH C 2 .  ? 16.641  -4.062  -20.914 1.00 36.54 ? 65 HOH A O   1 
HETATM 962  O O   . HOH C 2 .  ? 11.183  0.743   -16.460 1.00 43.85 ? 66 HOH A O   1 
HETATM 963  O O   . HOH C 2 .  ? 7.100   7.998   -12.729 1.00 38.44 ? 67 HOH A O   1 
HETATM 964  O O   . HOH C 2 .  ? -7.383  6.822   -1.274  1.00 38.67 ? 68 HOH A O   1 
HETATM 965  O O   . HOH C 2 .  ? 6.683   7.432   -9.262  1.00 45.24 ? 69 HOH A O   1 
HETATM 966  O O   . HOH C 2 .  ? -4.611  11.351  -15.220 1.00 48.75 ? 70 HOH A O   1 
HETATM 967  O O   . HOH C 2 .  ? 3.954   3.673   -16.743 1.00 36.23 ? 71 HOH A O   1 
HETATM 968  O O   . HOH C 2 .  ? -1.300  9.871   -15.758 1.00 37.29 ? 72 HOH A O   1 
HETATM 969  O O   . HOH C 2 .  ? 0.356   6.127   -17.189 1.00 46.12 ? 73 HOH A O   1 
HETATM 970  O O   . HOH C 2 .  ? -13.730 3.295   -0.500  1.00 48.27 ? 74 HOH A O   1 
HETATM 971  O O   . HOH C 2 .  ? 1.744   -3.788  -17.300 1.00 45.25 ? 75 HOH A O   1 
HETATM 972  O O   . HOH C 2 .  ? 13.165  4.014   -10.297 1.00 30.32 ? 76 HOH A O   1 
HETATM 973  O O   . HOH C 2 .  ? -5.922  -0.240  -19.249 1.00 47.54 ? 77 HOH A O   1 
HETATM 974  O O   . HOH C 2 .  ? -10.238 6.414   10.290  1.00 61.96 ? 78 HOH A O   1 
HETATM 975  O O   . HOH C 2 .  ? 13.321  -7.650  -17.296 1.00 52.02 ? 79 HOH A O   1 
HETATM 976  O O   . HOH C 2 .  ? -4.795  8.146   8.677   1.00 55.94 ? 80 HOH A O   1 
HETATM 977  O O   . HOH C 2 .  ? -16.187 6.152   4.967   1.00 52.23 ? 81 HOH A O   1 
HETATM 978  O O   . HOH C 2 .  ? -11.392 -3.457  -3.570  1.00 46.63 ? 82 HOH A O   1 
HETATM 979  O O   . HOH C 2 .  ? 16.708  -11.494 -11.103 1.00 52.91 ? 83 HOH A O   1 
HETATM 980  O O   . HOH C 2 .  ? -14.361 1.615   12.928  1.00 59.23 ? 84 HOH A O   1 
HETATM 981  O O   . HOH C 2 .  ? -11.378 -6.934  8.550   1.00 51.09 ? 85 HOH A O   1 
HETATM 982  O O   . HOH C 2 .  ? 7.628   7.759   -16.223 0.50 52.01 ? 86 HOH A O   1 
HETATM 983  O O   . HOH C 2 .  ? 5.230   -6.184  -11.847 1.00 40.76 ? 87 HOH A O   1 
HETATM 984  O O   . HOH C 2 .  ? 0.889   -0.498  -20.177 0.50 56.71 ? 88 HOH A O   1 
HETATM 985  O O   . HOH C 2 .  ? 13.857  5.186   -8.376  1.00 39.91 ? 89 HOH A O   1 
HETATM 986  O O   . HOH C 2 .  ? -2.487  13.213  -15.257 1.00 37.29 ? 90 HOH A O   1 
HETATM 987  O O   . HOH D 2 .  ? -3.042  -1.547  13.879  1.00 27.45 ? 62 HOH B O   1 
HETATM 988  O O   . HOH D 2 .  ? 6.086   0.231   -0.570  1.00 31.25 ? 63 HOH B O   1 
HETATM 989  O O   . HOH D 2 .  ? 5.307   5.064   15.736  1.00 45.27 ? 64 HOH B O   1 
HETATM 990  O O   . HOH D 2 .  ? 1.141   -10.250 -0.571  1.00 42.61 ? 65 HOH B O   1 
HETATM 991  O O   . HOH D 2 .  ? 1.314   17.573  19.590  1.00 42.26 ? 66 HOH B O   1 
HETATM 992  O O   . HOH D 2 .  ? 1.353   12.495  24.141  1.00 46.95 ? 67 HOH B O   1 
HETATM 993  O O   . HOH D 2 .  ? 5.089   -1.956  12.497  1.00 50.92 ? 68 HOH B O   1 
HETATM 994  O O   . HOH D 2 .  ? 7.226   -5.969  -8.999  1.00 59.22 ? 69 HOH B O   1 
HETATM 995  O O   . HOH D 2 .  ? 7.073   5.362   13.625  1.00 53.78 ? 70 HOH B O   1 
HETATM 996  O O   . HOH D 2 .  ? 3.317   3.830   22.488  1.00 51.44 ? 71 HOH B O   1 
HETATM 997  O O   . HOH D 2 .  ? -10.929 -8.410  14.344  1.00 50.22 ? 72 HOH B O   1 
HETATM 998  O O   . HOH D 2 .  ? -7.791  -11.200 15.855  1.00 50.28 ? 73 HOH B O   1 
HETATM 999  O O   . HOH D 2 .  ? -5.892  -14.827 3.965   1.00 62.01 ? 74 HOH B O   1 
HETATM 1000 O O   . HOH D 2 .  ? -1.017  4.594   20.004  1.00 62.83 ? 75 HOH B O   1 
HETATM 1001 O O   . HOH D 2 .  ? 3.973   1.463   21.132  1.00 57.41 ? 76 HOH B O   1 
HETATM 1002 O O   . HOH D 2 .  ? 8.481   0.487   3.349   1.00 53.53 ? 77 HOH B O   1 
HETATM 1003 O O   . HOH D 2 .  ? 4.202   -2.234  15.640  1.00 56.93 ? 78 HOH B O   1 
HETATM 1004 O O   . HOH D 2 .  ? 5.082   7.595   12.730  1.00 59.05 ? 79 HOH B O   1 
HETATM 1005 O O   . HOH D 2 .  ? -6.188  -9.819  17.868  1.00 51.09 ? 80 HOH B O   1 
# 
loop_
_pdbx_poly_seq_scheme.asym_id 
_pdbx_poly_seq_scheme.entity_id 
_pdbx_poly_seq_scheme.seq_id 
_pdbx_poly_seq_scheme.mon_id 
_pdbx_poly_seq_scheme.ndb_seq_num 
_pdbx_poly_seq_scheme.pdb_seq_num 
_pdbx_poly_seq_scheme.auth_seq_num 
_pdbx_poly_seq_scheme.pdb_mon_id 
_pdbx_poly_seq_scheme.auth_mon_id 
_pdbx_poly_seq_scheme.pdb_strand_id 
_pdbx_poly_seq_scheme.pdb_ins_code 
_pdbx_poly_seq_scheme.hetero 
A 1 1  PRO 1  1  1  PRO PRO A . n 
A 1 2  TYR 2  2  2  TYR TYR A . n 
A 1 3  VAL 3  3  3  VAL VAL A . n 
A 1 4  THR 4  4  4  THR THR A . n 
A 1 5  VAL 5  5  5  VAL VAL A . n 
A 1 6  LYS 6  6  6  LYS LYS A . n 
A 1 7  MET 7  7  7  MET MET A . n 
A 1 8  LEU 8  8  8  LEU LEU A . n 
A 1 9  GLU 9  9  9  GLU GLU A . n 
A 1 10 GLY 10 10 10 GLY GLY A . n 
A 1 11 ARG 11 11 11 ARG ARG A . n 
A 1 12 THR 12 12 12 THR THR A . n 
A 1 13 ASP 13 13 13 ASP ASP A . n 
A 1 14 GLU 14 14 14 GLU GLU A . n 
A 1 15 GLN 15 15 15 GLN GLN A . n 
A 1 16 LYS 16 16 16 LYS LYS A . n 
A 1 17 ARG 17 17 17 ARG ARG A . n 
A 1 18 ASN 18 18 18 ASN ALA A . n 
A 1 19 LEU 19 19 19 LEU LEU A . n 
A 1 20 VAL 20 20 20 VAL VAL A . n 
A 1 21 GLU 21 21 21 GLU ALA A . n 
A 1 22 LYS 22 22 22 LYS LYS A . n 
A 1 23 VAL 23 23 23 VAL VAL A . n 
A 1 24 THR 24 24 24 THR THR A . n 
A 1 25 GLU 25 25 25 GLU GLU A . n 
A 1 26 ALA 26 26 26 ALA ALA A . n 
A 1 27 VAL 27 27 27 VAL VAL A . n 
A 1 28 LYS 28 28 28 LYS LYS A . n 
A 1 29 GLU 29 29 29 GLU GLU A . n 
A 1 30 THR 30 30 30 THR THR A . n 
A 1 31 THR 31 31 31 THR THR A . n 
A 1 32 GLY 32 32 32 GLY GLY A . n 
A 1 33 ALA 33 33 33 ALA ALA A . n 
A 1 34 SER 34 34 34 SER SER A . n 
A 1 35 GLU 35 35 35 GLU GLU A . n 
A 1 36 GLU 36 36 36 GLU GLU A . n 
A 1 37 LYS 37 37 37 LYS LYS A . n 
A 1 38 ILE 38 38 38 ILE ILE A . n 
A 1 39 VAL 39 39 39 VAL VAL A . n 
A 1 40 VAL 40 40 40 VAL VAL A . n 
A 1 41 PHE 41 41 41 PHE PHE A . n 
A 1 42 ILE 42 42 42 ILE ILE A . n 
A 1 43 GLU 43 43 43 GLU GLU A . n 
A 1 44 GLU 44 44 44 GLU GLU A . n 
A 1 45 MET 45 45 45 MET MET A . n 
A 1 46 ARG 46 46 46 ARG ARG A . n 
A 1 47 LYS 47 47 47 LYS LYS A . n 
A 1 48 ASP 48 48 48 ASP ASP A . n 
A 1 49 HIS 49 49 49 HIS HIS A . n 
A 1 50 TYR 50 50 50 TYR TYR A . n 
A 1 51 ALA 51 51 51 ALA ALA A . n 
A 1 52 VAL 52 52 52 VAL VAL A . n 
A 1 53 ALA 53 53 53 ALA ALA A . n 
A 1 54 GLY 54 54 54 GLY GLY A . n 
A 1 55 LYS 55 55 55 LYS ALA A . n 
A 1 56 ARG 56 56 56 ARG ARG A . n 
A 1 57 LEU 57 57 57 LEU LEU A . n 
A 1 58 SER 58 58 58 SER SER A . n 
A 1 59 ASP 59 59 59 ASP ASP A . n 
A 1 60 MET 60 60 60 MET MET A . n 
A 1 61 GLU 61 61 61 GLU ALA A . n 
B 1 1  PRO 1  1  1  PRO PRO B . n 
B 1 2  TYR 2  2  2  TYR TYR B . n 
B 1 3  VAL 3  3  3  VAL VAL B . n 
B 1 4  THR 4  4  4  THR THR B . n 
B 1 5  VAL 5  5  5  VAL VAL B . n 
B 1 6  LYS 6  6  6  LYS LYS B . n 
B 1 7  MET 7  7  7  MET MET B . n 
B 1 8  LEU 8  8  8  LEU LEU B . n 
B 1 9  GLU 9  9  9  GLU GLU B . n 
B 1 10 GLY 10 10 10 GLY GLY B . n 
B 1 11 ARG 11 11 11 ARG ARG B . n 
B 1 12 THR 12 12 12 THR THR B . n 
B 1 13 ASP 13 13 13 ASP ASP B . n 
B 1 14 GLU 14 14 14 GLU GLU B . n 
B 1 15 GLN 15 15 15 GLN GLN B . n 
B 1 16 LYS 16 16 16 LYS LYS B . n 
B 1 17 ARG 17 17 17 ARG ARG B . n 
B 1 18 ASN 18 18 18 ASN ASN B . n 
B 1 19 LEU 19 19 19 LEU LEU B . n 
B 1 20 VAL 20 20 20 VAL VAL B . n 
B 1 21 GLU 21 21 21 GLU GLU B . n 
B 1 22 LYS 22 22 22 LYS LYS B . n 
B 1 23 VAL 23 23 23 VAL VAL B . n 
B 1 24 THR 24 24 24 THR THR B . n 
B 1 25 GLU 25 25 25 GLU ALA B . n 
B 1 26 ALA 26 26 26 ALA ALA B . n 
B 1 27 VAL 27 27 27 VAL VAL B . n 
B 1 28 LYS 28 28 28 LYS LYS B . n 
B 1 29 GLU 29 29 29 GLU ALA B . n 
B 1 30 THR 30 30 30 THR THR B . n 
B 1 31 THR 31 31 31 THR THR B . n 
B 1 32 GLY 32 32 32 GLY GLY B . n 
B 1 33 ALA 33 33 33 ALA ALA B . n 
B 1 34 SER 34 34 34 SER SER B . n 
B 1 35 GLU 35 35 35 GLU GLU B . n 
B 1 36 GLU 36 36 36 GLU GLU B . n 
B 1 37 LYS 37 37 37 LYS LYS B . n 
B 1 38 ILE 38 38 38 ILE ILE B . n 
B 1 39 VAL 39 39 39 VAL VAL B . n 
B 1 40 VAL 40 40 40 VAL VAL B . n 
B 1 41 PHE 41 41 41 PHE PHE B . n 
B 1 42 ILE 42 42 42 ILE ILE B . n 
B 1 43 GLU 43 43 43 GLU GLU B . n 
B 1 44 GLU 44 44 44 GLU GLU B . n 
B 1 45 MET 45 45 45 MET MET B . n 
B 1 46 ARG 46 46 46 ARG ARG B . n 
B 1 47 LYS 47 47 47 LYS LYS B . n 
B 1 48 ASP 48 48 48 ASP ASP B . n 
B 1 49 HIS 49 49 49 HIS HIS B . n 
B 1 50 TYR 50 50 50 TYR TYR B . n 
B 1 51 ALA 51 51 51 ALA ALA B . n 
B 1 52 VAL 52 52 52 VAL VAL B . n 
B 1 53 ALA 53 53 53 ALA ALA B . n 
B 1 54 GLY 54 54 54 GLY GLY B . n 
B 1 55 LYS 55 55 55 LYS LYS B . n 
B 1 56 ARG 56 56 56 ARG ARG B . n 
B 1 57 LEU 57 57 57 LEU LEU B . n 
B 1 58 SER 58 58 58 SER SER B . n 
B 1 59 ASP 59 59 59 ASP ASP B . n 
B 1 60 MET 60 60 60 MET MET B . n 
B 1 61 GLU 61 61 61 GLU GLU B . n 
# 
loop_
_pdbx_nonpoly_scheme.asym_id 
_pdbx_nonpoly_scheme.entity_id 
_pdbx_nonpoly_scheme.mon_id 
_pdbx_nonpoly_scheme.ndb_seq_num 
_pdbx_nonpoly_scheme.pdb_seq_num 
_pdbx_nonpoly_scheme.auth_seq_num 
_pdbx_nonpoly_scheme.pdb_mon_id 
_pdbx_nonpoly_scheme.auth_mon_id 
_pdbx_nonpoly_scheme.pdb_strand_id 
_pdbx_nonpoly_scheme.pdb_ins_code 
C 2 HOH 1  62 1  HOH WAT A . 
C 2 HOH 2  63 2  HOH WAT A . 
C 2 HOH 3  64 3  HOH WAT A . 
C 2 HOH 4  65 5  HOH WAT A . 
C 2 HOH 5  66 7  HOH WAT A . 
C 2 HOH 6  67 8  HOH WAT A . 
C 2 HOH 7  68 9  HOH WAT A . 
C 2 HOH 8  69 11 HOH WAT A . 
C 2 HOH 9  70 12 HOH WAT A . 
C 2 HOH 10 71 13 HOH WAT A . 
C 2 HOH 11 72 17 HOH WAT A . 
C 2 HOH 12 73 18 HOH WAT A . 
C 2 HOH 13 74 19 HOH WAT A . 
C 2 HOH 14 75 21 HOH WAT A . 
C 2 HOH 15 76 22 HOH WAT A . 
C 2 HOH 16 77 27 HOH WAT A . 
C 2 HOH 17 78 28 HOH WAT A . 
C 2 HOH 18 79 30 HOH WAT A . 
C 2 HOH 19 80 32 HOH WAT A . 
C 2 HOH 20 81 33 HOH WAT A . 
C 2 HOH 21 82 38 HOH WAT A . 
C 2 HOH 22 83 39 HOH WAT A . 
C 2 HOH 23 84 41 HOH WAT A . 
C 2 HOH 24 85 42 HOH WAT A . 
C 2 HOH 25 86 43 HOH WAT A . 
C 2 HOH 26 87 44 HOH WAT A . 
C 2 HOH 27 88 45 HOH WAT A . 
C 2 HOH 28 89 46 HOH WAT A . 
C 2 HOH 29 90 47 HOH WAT A . 
D 2 HOH 1  62 4  HOH WAT B . 
D 2 HOH 2  63 6  HOH WAT B . 
D 2 HOH 3  64 10 HOH WAT B . 
D 2 HOH 4  65 14 HOH WAT B . 
D 2 HOH 5  66 15 HOH WAT B . 
D 2 HOH 6  67 16 HOH WAT B . 
D 2 HOH 7  68 20 HOH WAT B . 
D 2 HOH 8  69 23 HOH WAT B . 
D 2 HOH 9  70 24 HOH WAT B . 
D 2 HOH 10 71 25 HOH WAT B . 
D 2 HOH 11 72 26 HOH WAT B . 
D 2 HOH 12 73 29 HOH WAT B . 
D 2 HOH 13 74 31 HOH WAT B . 
D 2 HOH 14 75 34 HOH WAT B . 
D 2 HOH 15 76 35 HOH WAT B . 
D 2 HOH 16 77 36 HOH WAT B . 
D 2 HOH 17 78 37 HOH WAT B . 
D 2 HOH 18 79 40 HOH WAT B . 
D 2 HOH 19 80 48 HOH WAT B . 
# 
_pdbx_struct_assembly.id                   1 
_pdbx_struct_assembly.details              author_and_software_defined_assembly 
_pdbx_struct_assembly.method_details       PISA,PQS 
_pdbx_struct_assembly.oligomeric_details   hexameric 
_pdbx_struct_assembly.oligomeric_count     6 
# 
_pdbx_struct_assembly_gen.assembly_id       1 
_pdbx_struct_assembly_gen.oper_expression   1,2,3 
_pdbx_struct_assembly_gen.asym_id_list      A,B,C,D 
# 
loop_
_pdbx_struct_assembly_prop.biol_id 
_pdbx_struct_assembly_prop.type 
_pdbx_struct_assembly_prop.value 
_pdbx_struct_assembly_prop.details 
1 'ABSA (A^2)' 12430 ? 
1 MORE         -50   ? 
1 'SSA (A^2)'  16110 ? 
# 
loop_
_pdbx_struct_oper_list.id 
_pdbx_struct_oper_list.type 
_pdbx_struct_oper_list.name 
_pdbx_struct_oper_list.symmetry_operation 
_pdbx_struct_oper_list.matrix[1][1] 
_pdbx_struct_oper_list.matrix[1][2] 
_pdbx_struct_oper_list.matrix[1][3] 
_pdbx_struct_oper_list.vector[1] 
_pdbx_struct_oper_list.matrix[2][1] 
_pdbx_struct_oper_list.matrix[2][2] 
_pdbx_struct_oper_list.matrix[2][3] 
_pdbx_struct_oper_list.vector[2] 
_pdbx_struct_oper_list.matrix[3][1] 
_pdbx_struct_oper_list.matrix[3][2] 
_pdbx_struct_oper_list.matrix[3][3] 
_pdbx_struct_oper_list.vector[3] 
1 'identity operation'         1_555 x,y,z 1.0000000000  0.0000000000  0.0000000000  0.0000000000  0.0000000000  1.0000000000  0.0000000000  0.0000000000  0.0000000000  0.0000000000  1.0000000000 0.0000000000 
2 'crystal symmetry operation' 5_555 z,x,y -0.4941725099 0.8323007403  0.2511354378  10.2621974985 -0.7595237804 -0.2727801426 -0.5905206354 16.1760549554 -0.4229860015 -0.4825624016 0.7669526524 7.5463809031 
3 'crystal symmetry operation' 9_555 y,z,x -0.4941725099 -0.7595237804 -0.4229860015 20.5494077906 0.8323007403  -0.2727801426 -0.4825624016 -0.4871283064 0.2511354378  -0.5905206354 0.7669526524 1.1873759384 
# 
loop_
_pdbx_struct_special_symmetry.id 
_pdbx_struct_special_symmetry.PDB_model_num 
_pdbx_struct_special_symmetry.auth_asym_id 
_pdbx_struct_special_symmetry.auth_comp_id 
_pdbx_struct_special_symmetry.auth_seq_id 
_pdbx_struct_special_symmetry.PDB_ins_code 
_pdbx_struct_special_symmetry.label_asym_id 
_pdbx_struct_special_symmetry.label_comp_id 
_pdbx_struct_special_symmetry.label_seq_id 
1 1 A HOH 86 ? C HOH . 
2 1 A HOH 88 ? C HOH . 
# 
loop_
_pdbx_audit_revision_history.ordinal 
_pdbx_audit_revision_history.data_content_type 
_pdbx_audit_revision_history.major_revision 
_pdbx_audit_revision_history.minor_revision 
_pdbx_audit_revision_history.revision_date 
1 'Structure model' 1 0 2008-02-05 
2 'Structure model' 1 1 2011-07-13 
3 'Structure model' 1 2 2018-04-04 
4 'Structure model' 1 3 2023-08-30 
# 
_pdbx_audit_revision_details.ordinal             1 
_pdbx_audit_revision_details.revision_ordinal    1 
_pdbx_audit_revision_details.data_content_type   'Structure model' 
_pdbx_audit_revision_details.provider            repository 
_pdbx_audit_revision_details.type                'Initial release' 
_pdbx_audit_revision_details.description         ? 
_pdbx_audit_revision_details.details             ? 
# 
loop_
_pdbx_audit_revision_group.ordinal 
_pdbx_audit_revision_group.revision_ordinal 
_pdbx_audit_revision_group.data_content_type 
_pdbx_audit_revision_group.group 
1 2 'Structure model' 'Derived calculations'      
2 2 'Structure model' 'Version format compliance' 
3 3 'Structure model' Advisory                    
4 3 'Structure model' 'Data collection'           
5 4 'Structure model' Advisory                    
6 4 'Structure model' 'Data collection'           
7 4 'Structure model' 'Database references'       
8 4 'Structure model' 'Refinement description'    
# 
loop_
_pdbx_audit_revision_category.ordinal 
_pdbx_audit_revision_category.revision_ordinal 
_pdbx_audit_revision_category.data_content_type 
_pdbx_audit_revision_category.category 
1 3 'Structure model' diffrn_source                 
2 3 'Structure model' pdbx_unobs_or_zero_occ_atoms  
3 4 'Structure model' chem_comp_atom                
4 4 'Structure model' chem_comp_bond                
5 4 'Structure model' database_2                    
6 4 'Structure model' pdbx_initial_refinement_model 
7 4 'Structure model' pdbx_unobs_or_zero_occ_atoms  
# 
loop_
_pdbx_audit_revision_item.ordinal 
_pdbx_audit_revision_item.revision_ordinal 
_pdbx_audit_revision_item.data_content_type 
_pdbx_audit_revision_item.item 
1 3 'Structure model' '_diffrn_source.type'                 
2 4 'Structure model' '_database_2.pdbx_DOI'                
3 4 'Structure model' '_database_2.pdbx_database_accession' 
# 
loop_
_software.name 
_software.classification 
_software.version 
_software.citation_id 
_software.pdbx_ordinal 
HKL-2000  'data collection' . ? 1 
AMoRE     phasing           . ? 2 
CNS       refinement        . ? 3 
DENZO     'data reduction'  . ? 4 
SCALEPACK 'data scaling'    . ? 5 
# 
loop_
_pdbx_unobs_or_zero_occ_atoms.id 
_pdbx_unobs_or_zero_occ_atoms.PDB_model_num 
_pdbx_unobs_or_zero_occ_atoms.polymer_flag 
_pdbx_unobs_or_zero_occ_atoms.occupancy_flag 
_pdbx_unobs_or_zero_occ_atoms.auth_asym_id 
_pdbx_unobs_or_zero_occ_atoms.auth_comp_id 
_pdbx_unobs_or_zero_occ_atoms.auth_seq_id 
_pdbx_unobs_or_zero_occ_atoms.PDB_ins_code 
_pdbx_unobs_or_zero_occ_atoms.auth_atom_id 
_pdbx_unobs_or_zero_occ_atoms.label_alt_id 
_pdbx_unobs_or_zero_occ_atoms.label_asym_id 
_pdbx_unobs_or_zero_occ_atoms.label_comp_id 
_pdbx_unobs_or_zero_occ_atoms.label_seq_id 
_pdbx_unobs_or_zero_occ_atoms.label_atom_id 
1  1 Y 1 A ASN 18 ? CG  ? A ASN 18 CG  
2  1 Y 1 A ASN 18 ? OD1 ? A ASN 18 OD1 
3  1 Y 1 A ASN 18 ? ND2 ? A ASN 18 ND2 
4  1 Y 1 A GLU 21 ? CG  ? A GLU 21 CG  
5  1 Y 1 A GLU 21 ? CD  ? A GLU 21 CD  
6  1 Y 1 A GLU 21 ? OE1 ? A GLU 21 OE1 
7  1 Y 1 A GLU 21 ? OE2 ? A GLU 21 OE2 
8  1 Y 1 A LYS 55 ? CG  ? A LYS 55 CG  
9  1 Y 1 A LYS 55 ? CD  ? A LYS 55 CD  
10 1 Y 1 A LYS 55 ? CE  ? A LYS 55 CE  
11 1 Y 1 A LYS 55 ? NZ  ? A LYS 55 NZ  
12 1 Y 1 A GLU 61 ? CG  ? A GLU 61 CG  
13 1 Y 1 A GLU 61 ? CD  ? A GLU 61 CD  
14 1 Y 1 A GLU 61 ? OE1 ? A GLU 61 OE1 
15 1 Y 1 A GLU 61 ? OE2 ? A GLU 61 OE2 
16 1 Y 0 B GLU 14 ? OE1 ? B GLU 14 OE1 
17 1 Y 0 B GLU 14 ? OE2 ? B GLU 14 OE2 
18 1 Y 0 B GLU 21 ? CD  ? B GLU 21 CD  
19 1 Y 0 B GLU 21 ? OE1 ? B GLU 21 OE1 
20 1 Y 0 B GLU 21 ? OE2 ? B GLU 21 OE2 
21 1 Y 1 B GLU 25 ? CG  ? B GLU 25 CG  
22 1 Y 1 B GLU 25 ? CD  ? B GLU 25 CD  
23 1 Y 1 B GLU 25 ? OE1 ? B GLU 25 OE1 
24 1 Y 1 B GLU 25 ? OE2 ? B GLU 25 OE2 
25 1 Y 1 B GLU 29 ? CG  ? B GLU 29 CG  
26 1 Y 1 B GLU 29 ? CD  ? B GLU 29 CD  
27 1 Y 1 B GLU 29 ? OE1 ? B GLU 29 OE1 
28 1 Y 1 B GLU 29 ? OE2 ? B GLU 29 OE2 
29 1 Y 0 B LYS 37 ? CD  ? B LYS 37 CD  
30 1 Y 0 B LYS 37 ? CE  ? B LYS 37 CE  
31 1 Y 0 B LYS 37 ? NZ  ? B LYS 37 NZ  
# 
loop_
_chem_comp_atom.comp_id 
_chem_comp_atom.atom_id 
_chem_comp_atom.type_symbol 
_chem_comp_atom.pdbx_aromatic_flag 
_chem_comp_atom.pdbx_stereo_config 
_chem_comp_atom.pdbx_ordinal 
ALA N    N N N 1   
ALA CA   C N S 2   
ALA C    C N N 3   
ALA O    O N N 4   
ALA CB   C N N 5   
ALA OXT  O N N 6   
ALA H    H N N 7   
ALA H2   H N N 8   
ALA HA   H N N 9   
ALA HB1  H N N 10  
ALA HB2  H N N 11  
ALA HB3  H N N 12  
ALA HXT  H N N 13  
ARG N    N N N 14  
ARG CA   C N S 15  
ARG C    C N N 16  
ARG O    O N N 17  
ARG CB   C N N 18  
ARG CG   C N N 19  
ARG CD   C N N 20  
ARG NE   N N N 21  
ARG CZ   C N N 22  
ARG NH1  N N N 23  
ARG NH2  N N N 24  
ARG OXT  O N N 25  
ARG H    H N N 26  
ARG H2   H N N 27  
ARG HA   H N N 28  
ARG HB2  H N N 29  
ARG HB3  H N N 30  
ARG HG2  H N N 31  
ARG HG3  H N N 32  
ARG HD2  H N N 33  
ARG HD3  H N N 34  
ARG HE   H N N 35  
ARG HH11 H N N 36  
ARG HH12 H N N 37  
ARG HH21 H N N 38  
ARG HH22 H N N 39  
ARG HXT  H N N 40  
ASN N    N N N 41  
ASN CA   C N S 42  
ASN C    C N N 43  
ASN O    O N N 44  
ASN CB   C N N 45  
ASN CG   C N N 46  
ASN OD1  O N N 47  
ASN ND2  N N N 48  
ASN OXT  O N N 49  
ASN H    H N N 50  
ASN H2   H N N 51  
ASN HA   H N N 52  
ASN HB2  H N N 53  
ASN HB3  H N N 54  
ASN HD21 H N N 55  
ASN HD22 H N N 56  
ASN HXT  H N N 57  
ASP N    N N N 58  
ASP CA   C N S 59  
ASP C    C N N 60  
ASP O    O N N 61  
ASP CB   C N N 62  
ASP CG   C N N 63  
ASP OD1  O N N 64  
ASP OD2  O N N 65  
ASP OXT  O N N 66  
ASP H    H N N 67  
ASP H2   H N N 68  
ASP HA   H N N 69  
ASP HB2  H N N 70  
ASP HB3  H N N 71  
ASP HD2  H N N 72  
ASP HXT  H N N 73  
GLN N    N N N 74  
GLN CA   C N S 75  
GLN C    C N N 76  
GLN O    O N N 77  
GLN CB   C N N 78  
GLN CG   C N N 79  
GLN CD   C N N 80  
GLN OE1  O N N 81  
GLN NE2  N N N 82  
GLN OXT  O N N 83  
GLN H    H N N 84  
GLN H2   H N N 85  
GLN HA   H N N 86  
GLN HB2  H N N 87  
GLN HB3  H N N 88  
GLN HG2  H N N 89  
GLN HG3  H N N 90  
GLN HE21 H N N 91  
GLN HE22 H N N 92  
GLN HXT  H N N 93  
GLU N    N N N 94  
GLU CA   C N S 95  
GLU C    C N N 96  
GLU O    O N N 97  
GLU CB   C N N 98  
GLU CG   C N N 99  
GLU CD   C N N 100 
GLU OE1  O N N 101 
GLU OE2  O N N 102 
GLU OXT  O N N 103 
GLU H    H N N 104 
GLU H2   H N N 105 
GLU HA   H N N 106 
GLU HB2  H N N 107 
GLU HB3  H N N 108 
GLU HG2  H N N 109 
GLU HG3  H N N 110 
GLU HE2  H N N 111 
GLU HXT  H N N 112 
GLY N    N N N 113 
GLY CA   C N N 114 
GLY C    C N N 115 
GLY O    O N N 116 
GLY OXT  O N N 117 
GLY H    H N N 118 
GLY H2   H N N 119 
GLY HA2  H N N 120 
GLY HA3  H N N 121 
GLY HXT  H N N 122 
HIS N    N N N 123 
HIS CA   C N S 124 
HIS C    C N N 125 
HIS O    O N N 126 
HIS CB   C N N 127 
HIS CG   C Y N 128 
HIS ND1  N Y N 129 
HIS CD2  C Y N 130 
HIS CE1  C Y N 131 
HIS NE2  N Y N 132 
HIS OXT  O N N 133 
HIS H    H N N 134 
HIS H2   H N N 135 
HIS HA   H N N 136 
HIS HB2  H N N 137 
HIS HB3  H N N 138 
HIS HD1  H N N 139 
HIS HD2  H N N 140 
HIS HE1  H N N 141 
HIS HE2  H N N 142 
HIS HXT  H N N 143 
HOH O    O N N 144 
HOH H1   H N N 145 
HOH H2   H N N 146 
ILE N    N N N 147 
ILE CA   C N S 148 
ILE C    C N N 149 
ILE O    O N N 150 
ILE CB   C N S 151 
ILE CG1  C N N 152 
ILE CG2  C N N 153 
ILE CD1  C N N 154 
ILE OXT  O N N 155 
ILE H    H N N 156 
ILE H2   H N N 157 
ILE HA   H N N 158 
ILE HB   H N N 159 
ILE HG12 H N N 160 
ILE HG13 H N N 161 
ILE HG21 H N N 162 
ILE HG22 H N N 163 
ILE HG23 H N N 164 
ILE HD11 H N N 165 
ILE HD12 H N N 166 
ILE HD13 H N N 167 
ILE HXT  H N N 168 
LEU N    N N N 169 
LEU CA   C N S 170 
LEU C    C N N 171 
LEU O    O N N 172 
LEU CB   C N N 173 
LEU CG   C N N 174 
LEU CD1  C N N 175 
LEU CD2  C N N 176 
LEU OXT  O N N 177 
LEU H    H N N 178 
LEU H2   H N N 179 
LEU HA   H N N 180 
LEU HB2  H N N 181 
LEU HB3  H N N 182 
LEU HG   H N N 183 
LEU HD11 H N N 184 
LEU HD12 H N N 185 
LEU HD13 H N N 186 
LEU HD21 H N N 187 
LEU HD22 H N N 188 
LEU HD23 H N N 189 
LEU HXT  H N N 190 
LYS N    N N N 191 
LYS CA   C N S 192 
LYS C    C N N 193 
LYS O    O N N 194 
LYS CB   C N N 195 
LYS CG   C N N 196 
LYS CD   C N N 197 
LYS CE   C N N 198 
LYS NZ   N N N 199 
LYS OXT  O N N 200 
LYS H    H N N 201 
LYS H2   H N N 202 
LYS HA   H N N 203 
LYS HB2  H N N 204 
LYS HB3  H N N 205 
LYS HG2  H N N 206 
LYS HG3  H N N 207 
LYS HD2  H N N 208 
LYS HD3  H N N 209 
LYS HE2  H N N 210 
LYS HE3  H N N 211 
LYS HZ1  H N N 212 
LYS HZ2  H N N 213 
LYS HZ3  H N N 214 
LYS HXT  H N N 215 
MET N    N N N 216 
MET CA   C N S 217 
MET C    C N N 218 
MET O    O N N 219 
MET CB   C N N 220 
MET CG   C N N 221 
MET SD   S N N 222 
MET CE   C N N 223 
MET OXT  O N N 224 
MET H    H N N 225 
MET H2   H N N 226 
MET HA   H N N 227 
MET HB2  H N N 228 
MET HB3  H N N 229 
MET HG2  H N N 230 
MET HG3  H N N 231 
MET HE1  H N N 232 
MET HE2  H N N 233 
MET HE3  H N N 234 
MET HXT  H N N 235 
PHE N    N N N 236 
PHE CA   C N S 237 
PHE C    C N N 238 
PHE O    O N N 239 
PHE CB   C N N 240 
PHE CG   C Y N 241 
PHE CD1  C Y N 242 
PHE CD2  C Y N 243 
PHE CE1  C Y N 244 
PHE CE2  C Y N 245 
PHE CZ   C Y N 246 
PHE OXT  O N N 247 
PHE H    H N N 248 
PHE H2   H N N 249 
PHE HA   H N N 250 
PHE HB2  H N N 251 
PHE HB3  H N N 252 
PHE HD1  H N N 253 
PHE HD2  H N N 254 
PHE HE1  H N N 255 
PHE HE2  H N N 256 
PHE HZ   H N N 257 
PHE HXT  H N N 258 
PRO N    N N N 259 
PRO CA   C N S 260 
PRO C    C N N 261 
PRO O    O N N 262 
PRO CB   C N N 263 
PRO CG   C N N 264 
PRO CD   C N N 265 
PRO OXT  O N N 266 
PRO H    H N N 267 
PRO HA   H N N 268 
PRO HB2  H N N 269 
PRO HB3  H N N 270 
PRO HG2  H N N 271 
PRO HG3  H N N 272 
PRO HD2  H N N 273 
PRO HD3  H N N 274 
PRO HXT  H N N 275 
SER N    N N N 276 
SER CA   C N S 277 
SER C    C N N 278 
SER O    O N N 279 
SER CB   C N N 280 
SER OG   O N N 281 
SER OXT  O N N 282 
SER H    H N N 283 
SER H2   H N N 284 
SER HA   H N N 285 
SER HB2  H N N 286 
SER HB3  H N N 287 
SER HG   H N N 288 
SER HXT  H N N 289 
THR N    N N N 290 
THR CA   C N S 291 
THR C    C N N 292 
THR O    O N N 293 
THR CB   C N R 294 
THR OG1  O N N 295 
THR CG2  C N N 296 
THR OXT  O N N 297 
THR H    H N N 298 
THR H2   H N N 299 
THR HA   H N N 300 
THR HB   H N N 301 
THR HG1  H N N 302 
THR HG21 H N N 303 
THR HG22 H N N 304 
THR HG23 H N N 305 
THR HXT  H N N 306 
TYR N    N N N 307 
TYR CA   C N S 308 
TYR C    C N N 309 
TYR O    O N N 310 
TYR CB   C N N 311 
TYR CG   C Y N 312 
TYR CD1  C Y N 313 
TYR CD2  C Y N 314 
TYR CE1  C Y N 315 
TYR CE2  C Y N 316 
TYR CZ   C Y N 317 
TYR OH   O N N 318 
TYR OXT  O N N 319 
TYR H    H N N 320 
TYR H2   H N N 321 
TYR HA   H N N 322 
TYR HB2  H N N 323 
TYR HB3  H N N 324 
TYR HD1  H N N 325 
TYR HD2  H N N 326 
TYR HE1  H N N 327 
TYR HE2  H N N 328 
TYR HH   H N N 329 
TYR HXT  H N N 330 
VAL N    N N N 331 
VAL CA   C N S 332 
VAL C    C N N 333 
VAL O    O N N 334 
VAL CB   C N N 335 
VAL CG1  C N N 336 
VAL CG2  C N N 337 
VAL OXT  O N N 338 
VAL H    H N N 339 
VAL H2   H N N 340 
VAL HA   H N N 341 
VAL HB   H N N 342 
VAL HG11 H N N 343 
VAL HG12 H N N 344 
VAL HG13 H N N 345 
VAL HG21 H N N 346 
VAL HG22 H N N 347 
VAL HG23 H N N 348 
VAL HXT  H N N 349 
# 
loop_
_chem_comp_bond.comp_id 
_chem_comp_bond.atom_id_1 
_chem_comp_bond.atom_id_2 
_chem_comp_bond.value_order 
_chem_comp_bond.pdbx_aromatic_flag 
_chem_comp_bond.pdbx_stereo_config 
_chem_comp_bond.pdbx_ordinal 
ALA N   CA   sing N N 1   
ALA N   H    sing N N 2   
ALA N   H2   sing N N 3   
ALA CA  C    sing N N 4   
ALA CA  CB   sing N N 5   
ALA CA  HA   sing N N 6   
ALA C   O    doub N N 7   
ALA C   OXT  sing N N 8   
ALA CB  HB1  sing N N 9   
ALA CB  HB2  sing N N 10  
ALA CB  HB3  sing N N 11  
ALA OXT HXT  sing N N 12  
ARG N   CA   sing N N 13  
ARG N   H    sing N N 14  
ARG N   H2   sing N N 15  
ARG CA  C    sing N N 16  
ARG CA  CB   sing N N 17  
ARG CA  HA   sing N N 18  
ARG C   O    doub N N 19  
ARG C   OXT  sing N N 20  
ARG CB  CG   sing N N 21  
ARG CB  HB2  sing N N 22  
ARG CB  HB3  sing N N 23  
ARG CG  CD   sing N N 24  
ARG CG  HG2  sing N N 25  
ARG CG  HG3  sing N N 26  
ARG CD  NE   sing N N 27  
ARG CD  HD2  sing N N 28  
ARG CD  HD3  sing N N 29  
ARG NE  CZ   sing N N 30  
ARG NE  HE   sing N N 31  
ARG CZ  NH1  sing N N 32  
ARG CZ  NH2  doub N N 33  
ARG NH1 HH11 sing N N 34  
ARG NH1 HH12 sing N N 35  
ARG NH2 HH21 sing N N 36  
ARG NH2 HH22 sing N N 37  
ARG OXT HXT  sing N N 38  
ASN N   CA   sing N N 39  
ASN N   H    sing N N 40  
ASN N   H2   sing N N 41  
ASN CA  C    sing N N 42  
ASN CA  CB   sing N N 43  
ASN CA  HA   sing N N 44  
ASN C   O    doub N N 45  
ASN C   OXT  sing N N 46  
ASN CB  CG   sing N N 47  
ASN CB  HB2  sing N N 48  
ASN CB  HB3  sing N N 49  
ASN CG  OD1  doub N N 50  
ASN CG  ND2  sing N N 51  
ASN ND2 HD21 sing N N 52  
ASN ND2 HD22 sing N N 53  
ASN OXT HXT  sing N N 54  
ASP N   CA   sing N N 55  
ASP N   H    sing N N 56  
ASP N   H2   sing N N 57  
ASP CA  C    sing N N 58  
ASP CA  CB   sing N N 59  
ASP CA  HA   sing N N 60  
ASP C   O    doub N N 61  
ASP C   OXT  sing N N 62  
ASP CB  CG   sing N N 63  
ASP CB  HB2  sing N N 64  
ASP CB  HB3  sing N N 65  
ASP CG  OD1  doub N N 66  
ASP CG  OD2  sing N N 67  
ASP OD2 HD2  sing N N 68  
ASP OXT HXT  sing N N 69  
GLN N   CA   sing N N 70  
GLN N   H    sing N N 71  
GLN N   H2   sing N N 72  
GLN CA  C    sing N N 73  
GLN CA  CB   sing N N 74  
GLN CA  HA   sing N N 75  
GLN C   O    doub N N 76  
GLN C   OXT  sing N N 77  
GLN CB  CG   sing N N 78  
GLN CB  HB2  sing N N 79  
GLN CB  HB3  sing N N 80  
GLN CG  CD   sing N N 81  
GLN CG  HG2  sing N N 82  
GLN CG  HG3  sing N N 83  
GLN CD  OE1  doub N N 84  
GLN CD  NE2  sing N N 85  
GLN NE2 HE21 sing N N 86  
GLN NE2 HE22 sing N N 87  
GLN OXT HXT  sing N N 88  
GLU N   CA   sing N N 89  
GLU N   H    sing N N 90  
GLU N   H2   sing N N 91  
GLU CA  C    sing N N 92  
GLU CA  CB   sing N N 93  
GLU CA  HA   sing N N 94  
GLU C   O    doub N N 95  
GLU C   OXT  sing N N 96  
GLU CB  CG   sing N N 97  
GLU CB  HB2  sing N N 98  
GLU CB  HB3  sing N N 99  
GLU CG  CD   sing N N 100 
GLU CG  HG2  sing N N 101 
GLU CG  HG3  sing N N 102 
GLU CD  OE1  doub N N 103 
GLU CD  OE2  sing N N 104 
GLU OE2 HE2  sing N N 105 
GLU OXT HXT  sing N N 106 
GLY N   CA   sing N N 107 
GLY N   H    sing N N 108 
GLY N   H2   sing N N 109 
GLY CA  C    sing N N 110 
GLY CA  HA2  sing N N 111 
GLY CA  HA3  sing N N 112 
GLY C   O    doub N N 113 
GLY C   OXT  sing N N 114 
GLY OXT HXT  sing N N 115 
HIS N   CA   sing N N 116 
HIS N   H    sing N N 117 
HIS N   H2   sing N N 118 
HIS CA  C    sing N N 119 
HIS CA  CB   sing N N 120 
HIS CA  HA   sing N N 121 
HIS C   O    doub N N 122 
HIS C   OXT  sing N N 123 
HIS CB  CG   sing N N 124 
HIS CB  HB2  sing N N 125 
HIS CB  HB3  sing N N 126 
HIS CG  ND1  sing Y N 127 
HIS CG  CD2  doub Y N 128 
HIS ND1 CE1  doub Y N 129 
HIS ND1 HD1  sing N N 130 
HIS CD2 NE2  sing Y N 131 
HIS CD2 HD2  sing N N 132 
HIS CE1 NE2  sing Y N 133 
HIS CE1 HE1  sing N N 134 
HIS NE2 HE2  sing N N 135 
HIS OXT HXT  sing N N 136 
HOH O   H1   sing N N 137 
HOH O   H2   sing N N 138 
ILE N   CA   sing N N 139 
ILE N   H    sing N N 140 
ILE N   H2   sing N N 141 
ILE CA  C    sing N N 142 
ILE CA  CB   sing N N 143 
ILE CA  HA   sing N N 144 
ILE C   O    doub N N 145 
ILE C   OXT  sing N N 146 
ILE CB  CG1  sing N N 147 
ILE CB  CG2  sing N N 148 
ILE CB  HB   sing N N 149 
ILE CG1 CD1  sing N N 150 
ILE CG1 HG12 sing N N 151 
ILE CG1 HG13 sing N N 152 
ILE CG2 HG21 sing N N 153 
ILE CG2 HG22 sing N N 154 
ILE CG2 HG23 sing N N 155 
ILE CD1 HD11 sing N N 156 
ILE CD1 HD12 sing N N 157 
ILE CD1 HD13 sing N N 158 
ILE OXT HXT  sing N N 159 
LEU N   CA   sing N N 160 
LEU N   H    sing N N 161 
LEU N   H2   sing N N 162 
LEU CA  C    sing N N 163 
LEU CA  CB   sing N N 164 
LEU CA  HA   sing N N 165 
LEU C   O    doub N N 166 
LEU C   OXT  sing N N 167 
LEU CB  CG   sing N N 168 
LEU CB  HB2  sing N N 169 
LEU CB  HB3  sing N N 170 
LEU CG  CD1  sing N N 171 
LEU CG  CD2  sing N N 172 
LEU CG  HG   sing N N 173 
LEU CD1 HD11 sing N N 174 
LEU CD1 HD12 sing N N 175 
LEU CD1 HD13 sing N N 176 
LEU CD2 HD21 sing N N 177 
LEU CD2 HD22 sing N N 178 
LEU CD2 HD23 sing N N 179 
LEU OXT HXT  sing N N 180 
LYS N   CA   sing N N 181 
LYS N   H    sing N N 182 
LYS N   H2   sing N N 183 
LYS CA  C    sing N N 184 
LYS CA  CB   sing N N 185 
LYS CA  HA   sing N N 186 
LYS C   O    doub N N 187 
LYS C   OXT  sing N N 188 
LYS CB  CG   sing N N 189 
LYS CB  HB2  sing N N 190 
LYS CB  HB3  sing N N 191 
LYS CG  CD   sing N N 192 
LYS CG  HG2  sing N N 193 
LYS CG  HG3  sing N N 194 
LYS CD  CE   sing N N 195 
LYS CD  HD2  sing N N 196 
LYS CD  HD3  sing N N 197 
LYS CE  NZ   sing N N 198 
LYS CE  HE2  sing N N 199 
LYS CE  HE3  sing N N 200 
LYS NZ  HZ1  sing N N 201 
LYS NZ  HZ2  sing N N 202 
LYS NZ  HZ3  sing N N 203 
LYS OXT HXT  sing N N 204 
MET N   CA   sing N N 205 
MET N   H    sing N N 206 
MET N   H2   sing N N 207 
MET CA  C    sing N N 208 
MET CA  CB   sing N N 209 
MET CA  HA   sing N N 210 
MET C   O    doub N N 211 
MET C   OXT  sing N N 212 
MET CB  CG   sing N N 213 
MET CB  HB2  sing N N 214 
MET CB  HB3  sing N N 215 
MET CG  SD   sing N N 216 
MET CG  HG2  sing N N 217 
MET CG  HG3  sing N N 218 
MET SD  CE   sing N N 219 
MET CE  HE1  sing N N 220 
MET CE  HE2  sing N N 221 
MET CE  HE3  sing N N 222 
MET OXT HXT  sing N N 223 
PHE N   CA   sing N N 224 
PHE N   H    sing N N 225 
PHE N   H2   sing N N 226 
PHE CA  C    sing N N 227 
PHE CA  CB   sing N N 228 
PHE CA  HA   sing N N 229 
PHE C   O    doub N N 230 
PHE C   OXT  sing N N 231 
PHE CB  CG   sing N N 232 
PHE CB  HB2  sing N N 233 
PHE CB  HB3  sing N N 234 
PHE CG  CD1  doub Y N 235 
PHE CG  CD2  sing Y N 236 
PHE CD1 CE1  sing Y N 237 
PHE CD1 HD1  sing N N 238 
PHE CD2 CE2  doub Y N 239 
PHE CD2 HD2  sing N N 240 
PHE CE1 CZ   doub Y N 241 
PHE CE1 HE1  sing N N 242 
PHE CE2 CZ   sing Y N 243 
PHE CE2 HE2  sing N N 244 
PHE CZ  HZ   sing N N 245 
PHE OXT HXT  sing N N 246 
PRO N   CA   sing N N 247 
PRO N   CD   sing N N 248 
PRO N   H    sing N N 249 
PRO CA  C    sing N N 250 
PRO CA  CB   sing N N 251 
PRO CA  HA   sing N N 252 
PRO C   O    doub N N 253 
PRO C   OXT  sing N N 254 
PRO CB  CG   sing N N 255 
PRO CB  HB2  sing N N 256 
PRO CB  HB3  sing N N 257 
PRO CG  CD   sing N N 258 
PRO CG  HG2  sing N N 259 
PRO CG  HG3  sing N N 260 
PRO CD  HD2  sing N N 261 
PRO CD  HD3  sing N N 262 
PRO OXT HXT  sing N N 263 
SER N   CA   sing N N 264 
SER N   H    sing N N 265 
SER N   H2   sing N N 266 
SER CA  C    sing N N 267 
SER CA  CB   sing N N 268 
SER CA  HA   sing N N 269 
SER C   O    doub N N 270 
SER C   OXT  sing N N 271 
SER CB  OG   sing N N 272 
SER CB  HB2  sing N N 273 
SER CB  HB3  sing N N 274 
SER OG  HG   sing N N 275 
SER OXT HXT  sing N N 276 
THR N   CA   sing N N 277 
THR N   H    sing N N 278 
THR N   H2   sing N N 279 
THR CA  C    sing N N 280 
THR CA  CB   sing N N 281 
THR CA  HA   sing N N 282 
THR C   O    doub N N 283 
THR C   OXT  sing N N 284 
THR CB  OG1  sing N N 285 
THR CB  CG2  sing N N 286 
THR CB  HB   sing N N 287 
THR OG1 HG1  sing N N 288 
THR CG2 HG21 sing N N 289 
THR CG2 HG22 sing N N 290 
THR CG2 HG23 sing N N 291 
THR OXT HXT  sing N N 292 
TYR N   CA   sing N N 293 
TYR N   H    sing N N 294 
TYR N   H2   sing N N 295 
TYR CA  C    sing N N 296 
TYR CA  CB   sing N N 297 
TYR CA  HA   sing N N 298 
TYR C   O    doub N N 299 
TYR C   OXT  sing N N 300 
TYR CB  CG   sing N N 301 
TYR CB  HB2  sing N N 302 
TYR CB  HB3  sing N N 303 
TYR CG  CD1  doub Y N 304 
TYR CG  CD2  sing Y N 305 
TYR CD1 CE1  sing Y N 306 
TYR CD1 HD1  sing N N 307 
TYR CD2 CE2  doub Y N 308 
TYR CD2 HD2  sing N N 309 
TYR CE1 CZ   doub Y N 310 
TYR CE1 HE1  sing N N 311 
TYR CE2 CZ   sing Y N 312 
TYR CE2 HE2  sing N N 313 
TYR CZ  OH   sing N N 314 
TYR OH  HH   sing N N 315 
TYR OXT HXT  sing N N 316 
VAL N   CA   sing N N 317 
VAL N   H    sing N N 318 
VAL N   H2   sing N N 319 
VAL CA  C    sing N N 320 
VAL CA  CB   sing N N 321 
VAL CA  HA   sing N N 322 
VAL C   O    doub N N 323 
VAL C   OXT  sing N N 324 
VAL CB  CG1  sing N N 325 
VAL CB  CG2  sing N N 326 
VAL CB  HB   sing N N 327 
VAL CG1 HG11 sing N N 328 
VAL CG1 HG12 sing N N 329 
VAL CG1 HG13 sing N N 330 
VAL CG2 HG21 sing N N 331 
VAL CG2 HG22 sing N N 332 
VAL CG2 HG23 sing N N 333 
VAL OXT HXT  sing N N 334 
# 
_pdbx_entity_nonpoly.entity_id   2 
_pdbx_entity_nonpoly.name        water 
_pdbx_entity_nonpoly.comp_id     HOH 
# 
_pdbx_initial_refinement_model.id               1 
_pdbx_initial_refinement_model.entity_id_list   ? 
_pdbx_initial_refinement_model.type             'experimental model' 
_pdbx_initial_refinement_model.source_name      PDB 
_pdbx_initial_refinement_model.accession_code   1BJP 
_pdbx_initial_refinement_model.details          'PDB ENTRY 1BJP' 
# 
